data_6YC0
#
_entry.id   6YC0
#
_cell.length_a   135.210
_cell.length_b   240.340
_cell.length_c   138.370
_cell.angle_alpha   90.000
_cell.angle_beta   90.000
_cell.angle_gamma   90.000
#
_symmetry.space_group_name_H-M   'C 2 2 21'
#
loop_
_entity.id
_entity.type
_entity.pdbx_description
1 polymer 'Sodium pumping rhodopsin'
2 non-polymer '(2R)-2,3-dihydroxypropyl (9Z)-octadec-9-enoate'
3 non-polymer EICOSANE
4 non-polymer 'SODIUM ION'
5 non-polymer RETINAL
6 non-polymer GLYCEROL
7 non-polymer 'OLEIC ACID'
8 water water
#
_entity_poly.entity_id   1
_entity_poly.type   'polypeptide(L)'
_entity_poly.pdbx_seq_one_letter_code
;QELGNANFENFIGATEGFSEIAYQFTSHILTLGYAVMLAGLLYFILTIKNVDKKFQMSNILSAVVMVSAFLLLYAQAQNW
TSSFTFNEEVGRYFLDPSGDLFNNGYRYLNWLIDVPMLLFQILFVVSLTTSKFSSVRNQFWFSGAMMIITGYIGQFYEVS
NLTAFLVWGAISSAFFFHILWVMKKVINEGKEGISPAGQKILSNIWILFLISWTLYPGAYLMPYLTGVDGFLYSEDGVMA
RQLVYTIADVSSKVIYGVLLGNLAITLSKNKEL
;
_entity_poly.pdbx_strand_id   A,B,C,D,E
#
loop_
_chem_comp.id
_chem_comp.type
_chem_comp.name
_chem_comp.formula
GOL non-polymer GLYCEROL 'C3 H8 O3'
LFA non-polymer EICOSANE 'C20 H42'
NA non-polymer 'SODIUM ION' 'Na 1'
OLA non-polymer 'OLEIC ACID' 'C18 H34 O2'
OLC non-polymer '(2R)-2,3-dihydroxypropyl (9Z)-octadec-9-enoate' 'C21 H40 O4'
RET non-polymer RETINAL 'C20 H28 O'
#
# COMPACT_ATOMS: atom_id res chain seq x y z
N GLN A 1 -25.60 -4.85 29.48
CA GLN A 1 -24.32 -4.23 28.99
C GLN A 1 -24.63 -2.81 28.50
N GLU A 2 -23.79 -1.84 28.90
CA GLU A 2 -23.95 -0.39 28.58
C GLU A 2 -23.16 -0.06 27.31
N LEU A 3 -23.86 0.42 26.27
CA LEU A 3 -23.29 0.79 24.94
C LEU A 3 -23.42 2.30 24.72
N GLY A 4 -24.47 2.91 25.26
CA GLY A 4 -24.73 4.36 25.15
C GLY A 4 -25.24 4.75 23.78
N ASN A 5 -24.71 5.84 23.21
CA ASN A 5 -25.08 6.39 21.88
C ASN A 5 -24.32 5.63 20.79
N ALA A 6 -24.70 4.37 20.54
CA ALA A 6 -24.08 3.48 19.55
C ALA A 6 -25.10 3.05 18.49
N ASN A 7 -24.61 2.65 17.31
CA ASN A 7 -25.42 2.16 16.16
C ASN A 7 -26.10 0.85 16.57
N PHE A 8 -27.26 0.54 15.97
CA PHE A 8 -28.11 -0.63 16.33
C PHE A 8 -27.37 -1.93 16.04
N GLU A 9 -26.41 -1.93 15.11
CA GLU A 9 -25.60 -3.13 14.75
C GLU A 9 -24.98 -3.72 16.02
N ASN A 10 -24.51 -2.85 16.91
CA ASN A 10 -23.82 -3.22 18.18
C ASN A 10 -24.80 -3.90 19.12
N PHE A 11 -26.04 -3.41 19.19
CA PHE A 11 -27.12 -3.95 20.07
C PHE A 11 -27.49 -5.37 19.63
N ILE A 12 -27.64 -5.59 18.32
CA ILE A 12 -27.98 -6.92 17.74
C ILE A 12 -26.82 -7.88 18.03
N GLY A 13 -25.58 -7.43 17.82
CA GLY A 13 -24.36 -8.23 18.02
C GLY A 13 -24.07 -8.52 19.48
N ALA A 14 -24.54 -7.65 20.38
CA ALA A 14 -24.32 -7.74 21.84
C ALA A 14 -25.38 -8.63 22.49
N THR A 15 -26.58 -8.72 21.91
CA THR A 15 -27.73 -9.49 22.43
C THR A 15 -27.89 -10.82 21.67
N GLU A 16 -28.50 -10.77 20.47
CA GLU A 16 -28.81 -11.95 19.62
C GLU A 16 -27.54 -12.53 19.02
N GLY A 17 -26.62 -11.68 18.54
CA GLY A 17 -25.40 -12.09 17.83
C GLY A 17 -25.69 -12.23 16.36
N PHE A 18 -24.68 -12.50 15.53
CA PHE A 18 -24.83 -12.65 14.06
C PHE A 18 -24.53 -14.08 13.62
N SER A 19 -25.33 -14.60 12.70
CA SER A 19 -25.18 -15.95 12.08
C SER A 19 -24.03 -15.88 11.07
N GLU A 20 -23.47 -17.03 10.69
CA GLU A 20 -22.34 -17.13 9.73
C GLU A 20 -22.69 -16.33 8.46
N ILE A 21 -23.90 -16.50 7.94
CA ILE A 21 -24.39 -15.82 6.70
C ILE A 21 -24.43 -14.30 6.93
N ALA A 22 -25.17 -13.85 7.95
CA ALA A 22 -25.33 -12.42 8.30
C ALA A 22 -23.96 -11.74 8.38
N TYR A 23 -23.03 -12.31 9.16
CA TYR A 23 -21.66 -11.76 9.39
C TYR A 23 -20.85 -11.79 8.08
N GLN A 24 -20.72 -12.98 7.49
CA GLN A 24 -19.93 -13.20 6.23
C GLN A 24 -20.44 -12.25 5.14
N PHE A 25 -21.74 -12.24 4.86
CA PHE A 25 -22.36 -11.39 3.81
C PHE A 25 -21.95 -9.93 4.00
N THR A 26 -22.16 -9.39 5.20
CA THR A 26 -21.85 -7.97 5.56
C THR A 26 -20.37 -7.69 5.23
N SER A 27 -19.49 -8.67 5.52
N SER A 27 -19.49 -8.67 5.52
CA SER A 27 -18.03 -8.60 5.28
CA SER A 27 -18.03 -8.59 5.28
C SER A 27 -17.75 -8.54 3.76
C SER A 27 -17.75 -8.54 3.76
N HIS A 28 -18.41 -9.41 3.00
CA HIS A 28 -18.26 -9.52 1.53
C HIS A 28 -18.75 -8.26 0.84
N ILE A 29 -19.93 -7.75 1.23
CA ILE A 29 -20.58 -6.57 0.57
C ILE A 29 -19.74 -5.32 0.84
N LEU A 30 -19.13 -5.20 2.03
CA LEU A 30 -18.26 -4.05 2.40
C LEU A 30 -16.92 -4.18 1.65
N THR A 31 -16.42 -5.41 1.49
CA THR A 31 -15.15 -5.72 0.78
C THR A 31 -15.32 -5.37 -0.69
N LEU A 32 -16.39 -5.87 -1.32
CA LEU A 32 -16.75 -5.56 -2.73
C LEU A 32 -16.82 -4.04 -2.90
N GLY A 33 -17.32 -3.35 -1.87
CA GLY A 33 -17.50 -1.89 -1.84
C GLY A 33 -16.21 -1.17 -2.22
N TYR A 34 -15.17 -1.28 -1.39
CA TYR A 34 -13.88 -0.56 -1.58
C TYR A 34 -13.16 -1.11 -2.81
N ALA A 35 -13.43 -2.37 -3.19
CA ALA A 35 -12.82 -3.03 -4.37
C ALA A 35 -13.28 -2.32 -5.64
N VAL A 36 -14.58 -2.02 -5.72
CA VAL A 36 -15.22 -1.34 -6.89
C VAL A 36 -14.63 0.07 -7.04
N MET A 37 -14.42 0.77 -5.92
CA MET A 37 -13.92 2.16 -5.87
C MET A 37 -12.50 2.25 -6.44
N LEU A 38 -11.64 1.26 -6.14
CA LEU A 38 -10.24 1.25 -6.62
C LEU A 38 -10.23 0.88 -8.11
N ALA A 39 -11.18 0.05 -8.54
CA ALA A 39 -11.36 -0.37 -9.95
C ALA A 39 -11.83 0.84 -10.76
N GLY A 40 -12.74 1.63 -10.17
CA GLY A 40 -13.28 2.87 -10.77
C GLY A 40 -12.20 3.93 -10.92
N LEU A 41 -11.38 4.10 -9.88
CA LEU A 41 -10.25 5.06 -9.85
C LEU A 41 -9.37 4.84 -11.08
N LEU A 42 -9.02 3.58 -11.35
CA LEU A 42 -8.15 3.16 -12.47
C LEU A 42 -8.83 3.48 -13.81
N TYR A 43 -10.15 3.24 -13.90
CA TYR A 43 -10.96 3.48 -15.13
C TYR A 43 -10.96 4.96 -15.50
N PHE A 44 -11.32 5.85 -14.56
CA PHE A 44 -11.44 7.31 -14.76
C PHE A 44 -10.09 7.92 -15.17
N ILE A 45 -8.99 7.37 -14.67
CA ILE A 45 -7.60 7.85 -14.97
C ILE A 45 -7.20 7.42 -16.38
N LEU A 46 -7.49 6.17 -16.75
CA LEU A 46 -7.10 5.57 -18.06
C LEU A 46 -8.00 6.08 -19.20
N THR A 47 -9.09 6.79 -18.90
CA THR A 47 -10.06 7.29 -19.92
C THR A 47 -10.09 8.83 -19.95
N ILE A 48 -9.11 9.50 -19.33
CA ILE A 48 -9.03 10.98 -19.27
C ILE A 48 -8.82 11.54 -20.69
N LYS A 49 -7.96 10.89 -21.48
CA LYS A 49 -7.59 11.34 -22.86
C LYS A 49 -8.65 10.88 -23.88
N ASN A 50 -9.84 10.48 -23.41
CA ASN A 50 -10.95 10.02 -24.29
C ASN A 50 -11.98 11.15 -24.46
N VAL A 51 -11.76 12.30 -23.84
CA VAL A 51 -12.67 13.48 -23.92
C VAL A 51 -11.83 14.75 -24.09
N ASP A 52 -12.43 15.79 -24.68
CA ASP A 52 -11.79 17.11 -24.91
C ASP A 52 -11.28 17.64 -23.57
N LYS A 53 -10.20 18.44 -23.60
CA LYS A 53 -9.51 18.99 -22.40
C LYS A 53 -10.52 19.66 -21.46
N LYS A 54 -11.57 20.29 -22.01
CA LYS A 54 -12.57 21.07 -21.24
C LYS A 54 -13.42 20.17 -20.34
N PHE A 55 -13.56 18.88 -20.67
CA PHE A 55 -14.40 17.91 -19.92
C PHE A 55 -13.56 17.03 -18.98
N GLN A 56 -12.24 17.02 -19.14
CA GLN A 56 -11.31 16.14 -18.37
C GLN A 56 -11.43 16.39 -16.87
N MET A 57 -11.84 17.60 -16.44
CA MET A 57 -11.97 17.96 -15.01
C MET A 57 -12.99 17.02 -14.34
N SER A 58 -13.93 16.47 -15.12
CA SER A 58 -14.99 15.53 -14.67
C SER A 58 -14.35 14.21 -14.23
N ASN A 59 -13.44 13.66 -15.05
CA ASN A 59 -12.72 12.38 -14.77
C ASN A 59 -11.85 12.56 -13.52
N ILE A 60 -11.18 13.71 -13.40
CA ILE A 60 -10.26 14.04 -12.26
C ILE A 60 -11.06 14.02 -10.96
N LEU A 61 -12.23 14.69 -10.92
CA LEU A 61 -13.09 14.77 -9.71
C LEU A 61 -13.64 13.37 -9.39
N SER A 62 -13.98 12.57 -10.40
CA SER A 62 -14.46 11.16 -10.24
C SER A 62 -13.36 10.36 -9.53
N ALA A 63 -12.11 10.53 -9.97
CA ALA A 63 -10.91 9.87 -9.42
C ALA A 63 -10.72 10.29 -7.96
N VAL A 64 -10.88 11.59 -7.68
CA VAL A 64 -10.76 12.19 -6.32
C VAL A 64 -11.76 11.51 -5.39
N VAL A 65 -13.01 11.34 -5.86
N VAL A 65 -13.00 11.34 -5.85
CA VAL A 65 -14.11 10.69 -5.09
CA VAL A 65 -14.12 10.71 -5.08
C VAL A 65 -13.76 9.22 -4.82
C VAL A 65 -13.77 9.23 -4.82
N MET A 66 -13.26 8.52 -5.83
N MET A 66 -13.29 8.52 -5.84
CA MET A 66 -12.87 7.08 -5.76
CA MET A 66 -12.92 7.08 -5.76
C MET A 66 -11.84 6.88 -4.64
C MET A 66 -11.91 6.88 -4.61
N VAL A 67 -10.71 7.60 -4.71
N VAL A 67 -10.90 7.76 -4.54
CA VAL A 67 -9.59 7.52 -3.73
CA VAL A 67 -9.83 7.72 -3.49
C VAL A 67 -10.17 7.55 -2.31
C VAL A 67 -10.48 7.77 -2.10
N SER A 68 -10.58 8.73 -1.84
N SER A 68 -11.53 8.58 -1.96
CA SER A 68 -11.15 8.96 -0.50
CA SER A 68 -12.29 8.79 -0.69
C SER A 68 -12.16 7.85 -0.16
C SER A 68 -13.12 7.54 -0.36
N ALA A 69 -13.01 7.49 -1.13
N ALA A 69 -13.93 7.08 -1.32
CA ALA A 69 -14.05 6.45 -1.00
CA ALA A 69 -14.84 5.92 -1.18
C ALA A 69 -13.41 5.12 -0.61
C ALA A 69 -14.02 4.66 -0.83
N PHE A 70 -12.38 4.71 -1.34
N PHE A 70 -12.88 4.46 -1.51
CA PHE A 70 -11.62 3.45 -1.12
CA PHE A 70 -11.97 3.30 -1.29
C PHE A 70 -11.09 3.39 0.32
C PHE A 70 -11.51 3.29 0.17
N LEU A 71 -10.41 4.46 0.76
N LEU A 71 -10.69 4.27 0.56
CA LEU A 71 -9.79 4.56 2.11
CA LEU A 71 -10.12 4.41 1.92
C LEU A 71 -10.87 4.44 3.20
C LEU A 71 -11.19 4.14 2.99
N LEU A 72 -11.87 5.32 3.19
N LEU A 72 -12.35 4.82 2.88
CA LEU A 72 -12.96 5.34 4.20
CA LEU A 72 -13.46 4.73 3.86
C LEU A 72 -13.71 4.00 4.21
C LEU A 72 -13.99 3.29 3.92
N LEU A 73 -14.20 3.55 3.05
N LEU A 73 -14.48 2.76 2.79
CA LEU A 73 -14.99 2.28 2.92
CA LEU A 73 -15.07 1.39 2.70
C LEU A 73 -14.12 1.08 3.32
C LEU A 73 -14.04 0.34 3.12
N TYR A 74 -12.80 1.17 3.10
N TYR A 74 -12.75 0.59 2.87
CA TYR A 74 -11.83 0.10 3.46
CA TYR A 74 -11.64 -0.34 3.23
C TYR A 74 -11.74 0.02 4.98
C TYR A 74 -11.49 -0.35 4.75
N ALA A 75 -11.62 1.18 5.64
N ALA A 75 -11.58 0.83 5.38
CA ALA A 75 -11.53 1.33 7.11
CA ALA A 75 -11.46 1.03 6.84
C ALA A 75 -12.81 0.78 7.74
C ALA A 75 -12.73 0.54 7.53
N GLN A 76 -13.97 1.01 7.08
N GLN A 76 -13.89 0.78 6.91
CA GLN A 76 -15.31 0.56 7.53
CA GLN A 76 -15.23 0.39 7.44
C GLN A 76 -15.34 -0.97 7.55
C GLN A 76 -15.33 -1.14 7.48
N ALA A 77 -14.89 -1.60 6.46
N ALA A 77 -14.81 -1.82 6.45
CA ALA A 77 -14.84 -3.07 6.28
CA ALA A 77 -14.81 -3.29 6.31
C ALA A 77 -14.00 -3.71 7.39
C ALA A 77 -13.97 -3.92 7.43
N GLN A 78 -12.90 -3.06 7.78
N GLN A 78 -12.82 -3.31 7.74
CA GLN A 78 -11.97 -3.55 8.83
CA GLN A 78 -11.88 -3.77 8.80
C GLN A 78 -12.62 -3.34 10.21
C GLN A 78 -12.54 -3.54 10.18
N ASN A 79 -13.43 -2.28 10.35
N ASN A 79 -13.34 -2.48 10.30
CA ASN A 79 -14.14 -1.93 11.60
CA ASN A 79 -14.06 -2.10 11.54
C ASN A 79 -15.18 -3.00 11.93
C ASN A 79 -15.12 -3.16 11.87
N TRP A 80 -15.86 -3.52 10.90
N TRP A 80 -15.77 -3.70 10.84
CA TRP A 80 -16.92 -4.57 11.02
CA TRP A 80 -16.84 -4.73 10.97
C TRP A 80 -16.30 -5.86 11.56
C TRP A 80 -16.25 -6.04 11.49
N THR A 81 -15.36 -6.45 10.82
N THR A 81 -15.18 -6.53 10.86
CA THR A 81 -14.68 -7.74 11.15
CA THR A 81 -14.50 -7.82 11.20
C THR A 81 -13.99 -7.66 12.51
C THR A 81 -13.85 -7.75 12.58
N SER A 82 -13.63 -6.45 12.96
N SER A 82 -13.52 -6.55 13.05
CA SER A 82 -12.89 -6.19 14.22
CA SER A 82 -12.82 -6.29 14.34
C SER A 82 -13.85 -6.12 15.42
C SER A 82 -13.82 -6.19 15.50
N SER A 83 -15.08 -5.65 15.20
N SER A 83 -15.03 -5.68 15.24
CA SER A 83 -16.09 -5.41 16.27
CA SER A 83 -16.07 -5.41 16.27
C SER A 83 -16.85 -6.69 16.64
C SER A 83 -16.85 -6.69 16.64
N PHE A 84 -16.78 -7.74 15.82
CA PHE A 84 -17.53 -9.00 16.06
C PHE A 84 -16.62 -10.23 15.95
N THR A 85 -16.62 -11.04 17.01
CA THR A 85 -15.84 -12.30 17.17
C THR A 85 -16.80 -13.48 17.28
N PHE A 86 -16.40 -14.64 16.78
CA PHE A 86 -17.21 -15.90 16.75
C PHE A 86 -17.16 -16.56 18.12
N ASN A 87 -18.32 -17.03 18.60
CA ASN A 87 -18.50 -17.75 19.88
C ASN A 87 -18.75 -19.23 19.55
N GLU A 88 -17.79 -20.10 19.87
CA GLU A 88 -17.78 -21.56 19.57
C GLU A 88 -19.00 -22.26 20.17
N GLU A 89 -19.32 -21.99 21.43
CA GLU A 89 -20.43 -22.61 22.19
C GLU A 89 -21.75 -22.49 21.41
N VAL A 90 -22.15 -21.27 21.05
CA VAL A 90 -23.44 -20.97 20.38
C VAL A 90 -23.28 -20.95 18.85
N GLY A 91 -22.07 -20.66 18.36
CA GLY A 91 -21.76 -20.63 16.91
C GLY A 91 -22.32 -19.39 16.24
N ARG A 92 -22.18 -18.22 16.87
CA ARG A 92 -22.64 -16.91 16.37
C ARG A 92 -21.58 -15.85 16.72
N TYR A 93 -21.49 -14.78 15.94
CA TYR A 93 -20.54 -13.65 16.15
C TYR A 93 -21.20 -12.62 17.08
N PHE A 94 -20.53 -12.31 18.19
CA PHE A 94 -20.99 -11.35 19.22
C PHE A 94 -20.04 -10.15 19.28
N LEU A 95 -20.55 -9.02 19.78
CA LEU A 95 -19.81 -7.74 19.94
C LEU A 95 -18.52 -8.00 20.74
N ASP A 96 -17.37 -7.71 20.13
CA ASP A 96 -16.04 -7.78 20.78
C ASP A 96 -15.61 -6.34 21.05
N PRO A 97 -15.83 -5.83 22.28
CA PRO A 97 -15.57 -4.44 22.61
C PRO A 97 -14.12 -4.00 22.40
N SER A 98 -13.17 -4.92 22.56
CA SER A 98 -11.72 -4.68 22.41
C SER A 98 -11.41 -4.15 21.01
N GLY A 99 -12.28 -4.46 20.04
CA GLY A 99 -12.14 -4.03 18.63
C GLY A 99 -12.91 -2.75 18.34
N ASP A 100 -13.44 -2.11 19.38
CA ASP A 100 -14.24 -0.86 19.28
C ASP A 100 -15.65 -1.19 18.77
N LEU A 101 -16.63 -0.36 19.14
CA LEU A 101 -18.03 -0.48 18.66
C LEU A 101 -18.07 -0.08 17.18
N PHE A 102 -18.92 -0.74 16.40
N PHE A 102 -18.91 -0.75 16.40
CA PHE A 102 -19.12 -0.48 14.96
CA PHE A 102 -19.11 -0.47 14.95
C PHE A 102 -19.93 0.82 14.81
C PHE A 102 -19.92 0.81 14.81
N ASN A 103 -19.50 1.71 13.92
N ASN A 103 -19.50 1.71 13.93
CA ASN A 103 -20.16 3.02 13.66
CA ASN A 103 -20.18 3.01 13.68
C ASN A 103 -20.13 3.30 12.16
C ASN A 103 -20.15 3.30 12.17
N ASN A 104 -21.27 3.74 11.60
N ASN A 104 -21.30 3.72 11.62
CA ASN A 104 -21.43 4.09 10.17
CA ASN A 104 -21.47 4.09 10.19
C ASN A 104 -20.95 5.54 9.95
C ASN A 104 -21.00 5.54 10.01
N GLY A 105 -20.03 6.00 10.80
N GLY A 105 -20.83 6.26 11.13
CA GLY A 105 -19.48 7.37 10.78
CA GLY A 105 -20.38 7.66 11.16
C GLY A 105 -18.47 7.56 9.66
C GLY A 105 -19.25 7.92 10.18
N TYR A 106 -17.62 6.55 9.41
N TYR A 106 -18.40 6.92 9.93
CA TYR A 106 -16.56 6.58 8.36
CA TYR A 106 -17.26 6.98 8.98
C TYR A 106 -17.20 6.83 6.99
C TYR A 106 -17.74 7.52 7.64
N ARG A 107 -18.42 6.32 6.79
N ARG A 107 -18.59 6.75 6.95
CA ARG A 107 -19.18 6.44 5.52
CA ARG A 107 -19.17 7.12 5.62
C ARG A 107 -19.80 7.84 5.42
C ARG A 107 -19.51 8.62 5.62
N TYR A 108 -20.24 8.40 6.56
N TYR A 108 -20.47 9.01 6.47
CA TYR A 108 -20.87 9.75 6.66
CA TYR A 108 -20.99 10.40 6.61
C TYR A 108 -19.86 10.84 6.35
C TYR A 108 -19.88 11.42 6.38
N LEU A 109 -18.59 10.64 6.71
N LEU A 109 -19.12 11.78 7.42
CA LEU A 109 -17.50 11.61 6.43
CA LEU A 109 -18.03 12.80 7.37
C LEU A 109 -17.01 11.43 4.98
C LEU A 109 -17.27 12.69 6.03
N ASN A 110 -17.20 10.24 4.43
N ASN A 110 -17.03 11.49 5.52
CA ASN A 110 -16.86 9.93 3.01
CA ASN A 110 -16.33 11.29 4.22
C ASN A 110 -17.81 10.73 2.11
C ASN A 110 -17.22 11.80 3.09
N TRP A 111 -19.07 10.88 2.56
N TRP A 111 -18.53 11.94 3.34
CA TRP A 111 -20.13 11.64 1.85
CA TRP A 111 -19.50 12.46 2.35
C TRP A 111 -19.80 13.13 1.93
C TRP A 111 -19.20 13.95 2.11
N LEU A 112 -19.42 13.60 3.12
N LEU A 112 -18.47 14.58 3.04
CA LEU A 112 -19.10 15.03 3.42
CA LEU A 112 -18.05 16.01 2.94
C LEU A 112 -18.25 15.63 2.30
C LEU A 112 -17.12 16.17 1.73
N ILE A 113 -17.17 14.94 1.90
N ILE A 113 -16.72 15.05 1.13
CA ILE A 113 -16.20 15.42 0.87
CA ILE A 113 -15.85 14.99 -0.07
C ILE A 113 -16.66 14.99 -0.53
C ILE A 113 -16.72 14.53 -1.26
N ASP A 114 -17.39 13.88 -0.63
N ASP A 114 -17.36 13.37 -1.11
CA ASP A 114 -17.90 13.34 -1.93
CA ASP A 114 -18.21 12.71 -2.13
C ASP A 114 -19.03 14.22 -2.46
C ASP A 114 -19.30 13.66 -2.65
N VAL A 115 -20.16 14.28 -1.74
N VAL A 115 -20.20 14.11 -1.77
CA VAL A 115 -21.37 15.07 -2.11
CA VAL A 115 -21.36 14.99 -2.09
C VAL A 115 -20.94 16.34 -2.85
C VAL A 115 -20.89 16.23 -2.84
N PRO A 116 -20.12 17.21 -2.23
N PRO A 116 -20.16 17.16 -2.18
CA PRO A 116 -19.69 18.46 -2.87
CA PRO A 116 -19.74 18.41 -2.83
C PRO A 116 -19.09 18.26 -4.27
C PRO A 116 -19.09 18.20 -4.21
N MET A 117 -18.16 17.31 -4.41
N MET A 117 -18.23 17.19 -4.34
CA MET A 117 -17.44 17.00 -5.68
CA MET A 117 -17.49 16.89 -5.60
C MET A 117 -18.43 16.43 -6.72
C MET A 117 -18.45 16.33 -6.67
N LEU A 118 -19.25 15.46 -6.31
N LEU A 118 -19.33 15.40 -6.28
CA LEU A 118 -20.24 14.77 -7.19
CA LEU A 118 -20.31 14.74 -7.19
C LEU A 118 -21.20 15.80 -7.82
C LEU A 118 -21.25 15.78 -7.81
N LEU A 119 -21.67 16.76 -7.03
N LEU A 119 -21.72 16.73 -7.01
CA LEU A 119 -22.61 17.83 -7.48
CA LEU A 119 -22.66 17.81 -7.44
C LEU A 119 -21.88 18.87 -8.33
C LEU A 119 -21.93 18.84 -8.30
N PHE A 120 -20.58 19.05 -8.07
N PHE A 120 -20.63 19.02 -8.08
CA PHE A 120 -19.71 20.09 -8.70
CA PHE A 120 -19.78 20.06 -8.72
C PHE A 120 -19.20 19.64 -10.07
C PHE A 120 -19.24 19.61 -10.08
N GLN A 121 -18.93 18.35 -10.26
N GLN A 121 -18.95 18.32 -10.27
CA GLN A 121 -18.32 17.80 -11.50
CA GLN A 121 -18.31 17.79 -11.51
C GLN A 121 -19.28 17.90 -12.69
C GLN A 121 -19.28 17.89 -12.70
N ILE A 122 -20.59 17.78 -12.47
CA ILE A 122 -21.61 17.83 -13.57
C ILE A 122 -21.57 19.21 -14.22
N LEU A 123 -21.10 20.24 -13.49
CA LEU A 123 -21.06 21.65 -13.96
C LEU A 123 -19.90 21.85 -14.96
N PHE A 124 -19.09 20.81 -15.20
CA PHE A 124 -17.94 20.84 -16.14
C PHE A 124 -18.28 20.10 -17.43
N VAL A 125 -19.46 19.47 -17.49
CA VAL A 125 -19.94 18.69 -18.67
C VAL A 125 -21.12 19.43 -19.32
N VAL A 126 -22.09 19.86 -18.51
CA VAL A 126 -23.30 20.59 -18.98
C VAL A 126 -23.06 22.09 -18.89
N SER A 127 -23.83 22.87 -19.63
CA SER A 127 -23.76 24.36 -19.69
C SER A 127 -25.06 24.96 -19.17
N LEU A 128 -24.99 25.74 -18.08
CA LEU A 128 -26.17 26.44 -17.49
C LEU A 128 -26.62 27.52 -18.49
N THR A 129 -27.87 27.96 -18.39
CA THR A 129 -28.46 28.98 -19.29
C THR A 129 -28.77 30.26 -18.49
N THR A 130 -29.77 30.22 -17.61
CA THR A 130 -30.25 31.39 -16.83
C THR A 130 -29.68 31.38 -15.40
N SER A 131 -29.15 30.24 -14.94
CA SER A 131 -28.55 30.07 -13.60
C SER A 131 -27.05 30.38 -13.65
N LYS A 132 -26.53 31.04 -12.61
CA LYS A 132 -25.08 31.37 -12.46
C LYS A 132 -24.34 30.15 -11.89
N PHE A 133 -23.20 29.80 -12.49
CA PHE A 133 -22.31 28.67 -12.08
C PHE A 133 -22.03 28.77 -10.58
N SER A 134 -21.44 29.88 -10.14
CA SER A 134 -21.07 30.18 -8.73
C SER A 134 -22.28 29.98 -7.81
N SER A 135 -23.44 30.52 -8.20
CA SER A 135 -24.71 30.46 -7.42
C SER A 135 -25.09 29.00 -7.16
N VAL A 136 -25.25 28.20 -8.22
CA VAL A 136 -25.63 26.76 -8.16
C VAL A 136 -24.63 26.03 -7.24
N ARG A 137 -23.33 26.20 -7.52
CA ARG A 137 -22.21 25.56 -6.77
C ARG A 137 -22.38 25.82 -5.27
N ASN A 138 -22.48 27.10 -4.88
CA ASN A 138 -22.61 27.54 -3.46
C ASN A 138 -23.81 26.85 -2.80
N GLN A 139 -24.95 26.75 -3.50
CA GLN A 139 -26.18 26.12 -2.97
C GLN A 139 -25.91 24.63 -2.70
N PHE A 140 -25.36 23.90 -3.68
CA PHE A 140 -25.02 22.45 -3.55
C PHE A 140 -24.13 22.22 -2.33
N TRP A 141 -23.00 22.94 -2.28
CA TRP A 141 -21.95 22.85 -1.24
C TRP A 141 -22.53 23.13 0.15
N PHE A 142 -23.36 24.16 0.31
CA PHE A 142 -23.98 24.54 1.61
C PHE A 142 -24.97 23.46 2.03
N SER A 143 -26.05 23.27 1.27
CA SER A 143 -27.11 22.28 1.53
C SER A 143 -26.50 20.88 1.70
N GLY A 144 -25.51 20.55 0.87
CA GLY A 144 -24.80 19.25 0.90
C GLY A 144 -24.14 19.03 2.25
N ALA A 145 -23.41 20.04 2.74
CA ALA A 145 -22.68 20.02 4.03
C ALA A 145 -23.69 19.85 5.18
N MET A 146 -24.69 20.74 5.24
CA MET A 146 -25.73 20.74 6.30
C MET A 146 -26.46 19.40 6.33
N MET A 147 -26.74 18.82 5.16
CA MET A 147 -27.46 17.52 5.01
C MET A 147 -26.67 16.41 5.70
N ILE A 148 -25.37 16.32 5.41
N ILE A 148 -25.37 16.32 5.41
CA ILE A 148 -24.44 15.28 5.96
CA ILE A 148 -24.43 15.29 5.95
C ILE A 148 -24.26 15.50 7.46
C ILE A 148 -24.26 15.51 7.46
N ILE A 149 -23.82 16.70 7.86
CA ILE A 149 -23.57 17.07 9.28
C ILE A 149 -24.78 16.69 10.16
N THR A 150 -25.98 17.20 9.84
CA THR A 150 -27.23 16.95 10.60
C THR A 150 -27.48 15.44 10.71
N GLY A 151 -27.36 14.71 9.59
CA GLY A 151 -27.57 13.25 9.53
C GLY A 151 -26.55 12.51 10.39
N TYR A 152 -25.30 12.96 10.35
CA TYR A 152 -24.16 12.38 11.11
C TYR A 152 -24.47 12.40 12.61
N ILE A 153 -25.09 13.49 13.07
CA ILE A 153 -25.47 13.71 14.50
C ILE A 153 -26.59 12.74 14.88
N GLY A 154 -27.63 12.63 14.04
CA GLY A 154 -28.82 11.80 14.29
C GLY A 154 -28.51 10.32 14.39
N GLN A 155 -27.62 9.80 13.53
CA GLN A 155 -27.27 8.35 13.43
C GLN A 155 -26.68 7.85 14.75
N PHE A 156 -26.16 8.74 15.59
CA PHE A 156 -25.56 8.41 16.92
C PHE A 156 -26.67 8.05 17.93
N TYR A 157 -27.90 8.52 17.68
CA TYR A 157 -29.06 8.34 18.59
C TYR A 157 -30.12 7.42 17.99
N GLU A 158 -29.75 6.64 16.96
CA GLU A 158 -30.70 5.75 16.24
C GLU A 158 -31.26 4.68 17.21
N VAL A 159 -30.72 4.60 18.43
CA VAL A 159 -31.15 3.62 19.47
C VAL A 159 -31.35 4.33 20.81
N SER A 160 -30.34 5.09 21.26
CA SER A 160 -30.31 5.79 22.57
C SER A 160 -31.46 6.80 22.70
N ASN A 161 -31.80 7.52 21.62
CA ASN A 161 -32.86 8.56 21.63
C ASN A 161 -33.52 8.65 20.26
N LEU A 162 -34.57 7.85 20.04
CA LEU A 162 -35.34 7.74 18.77
C LEU A 162 -35.84 9.12 18.32
N THR A 163 -36.20 9.99 19.27
CA THR A 163 -36.72 11.37 19.01
C THR A 163 -35.67 12.18 18.26
N ALA A 164 -34.50 12.39 18.87
CA ALA A 164 -33.36 13.14 18.30
C ALA A 164 -33.01 12.58 16.93
N PHE A 165 -33.02 11.25 16.80
CA PHE A 165 -32.71 10.49 15.56
C PHE A 165 -33.60 10.95 14.40
N LEU A 166 -34.91 11.07 14.65
CA LEU A 166 -35.92 11.47 13.63
C LEU A 166 -35.86 12.97 13.36
N VAL A 167 -35.77 13.80 14.42
CA VAL A 167 -35.72 15.29 14.31
C VAL A 167 -34.57 15.68 13.36
N TRP A 168 -33.35 15.22 13.64
CA TRP A 168 -32.14 15.49 12.83
C TRP A 168 -32.36 14.95 11.40
N GLY A 169 -32.86 13.72 11.29
CA GLY A 169 -33.16 13.07 10.00
C GLY A 169 -34.09 13.93 9.16
N ALA A 170 -35.08 14.56 9.82
CA ALA A 170 -36.07 15.46 9.19
C ALA A 170 -35.37 16.71 8.68
N ILE A 171 -34.63 17.40 9.56
CA ILE A 171 -33.85 18.62 9.23
C ILE A 171 -32.97 18.32 8.02
N SER A 172 -32.25 17.20 8.06
CA SER A 172 -31.34 16.72 6.97
C SER A 172 -32.13 16.62 5.67
N SER A 173 -33.31 16.00 5.71
CA SER A 173 -34.22 15.78 4.56
C SER A 173 -34.50 17.13 3.88
N ALA A 174 -34.72 18.19 4.66
CA ALA A 174 -35.00 19.55 4.19
C ALA A 174 -33.96 19.96 3.15
N PHE A 175 -32.68 19.89 3.51
CA PHE A 175 -31.52 20.25 2.66
C PHE A 175 -31.43 19.30 1.46
N PHE A 176 -31.87 18.04 1.64
CA PHE A 176 -31.85 16.99 0.59
C PHE A 176 -32.80 17.40 -0.54
N PHE A 177 -34.01 17.85 -0.20
CA PHE A 177 -35.05 18.29 -1.17
C PHE A 177 -34.52 19.50 -1.95
N HIS A 178 -33.83 20.43 -1.27
CA HIS A 178 -33.26 21.66 -1.88
C HIS A 178 -32.22 21.26 -2.94
N ILE A 179 -31.41 20.24 -2.64
CA ILE A 179 -30.36 19.70 -3.57
C ILE A 179 -31.05 19.11 -4.80
N LEU A 180 -32.09 18.29 -4.58
CA LEU A 180 -32.88 17.66 -5.67
C LEU A 180 -33.45 18.76 -6.58
N TRP A 181 -33.91 19.87 -5.98
CA TRP A 181 -34.50 21.04 -6.67
C TRP A 181 -33.47 21.67 -7.61
N VAL A 182 -32.30 22.04 -7.06
CA VAL A 182 -31.18 22.69 -7.80
C VAL A 182 -30.69 21.76 -8.90
N MET A 183 -30.49 20.47 -8.60
CA MET A 183 -30.01 19.45 -9.56
C MET A 183 -30.99 19.35 -10.73
N LYS A 184 -32.30 19.42 -10.44
CA LYS A 184 -33.37 19.37 -11.47
C LYS A 184 -33.18 20.53 -12.44
N LYS A 185 -32.96 21.74 -11.92
CA LYS A 185 -32.71 22.97 -12.72
C LYS A 185 -31.50 22.72 -13.63
N VAL A 186 -30.38 22.29 -13.04
CA VAL A 186 -29.09 22.02 -13.75
C VAL A 186 -29.34 21.07 -14.92
N ILE A 187 -30.11 20.00 -14.70
CA ILE A 187 -30.43 18.97 -15.73
C ILE A 187 -31.19 19.63 -16.88
N ASN A 188 -32.24 20.41 -16.57
CA ASN A 188 -33.09 21.11 -17.56
C ASN A 188 -32.22 22.04 -18.40
N GLU A 189 -31.52 22.98 -17.76
CA GLU A 189 -30.63 23.98 -18.42
C GLU A 189 -29.55 23.25 -19.21
N GLY A 190 -29.12 22.08 -18.71
CA GLY A 190 -28.07 21.24 -19.34
C GLY A 190 -28.54 20.66 -20.66
N LYS A 191 -29.82 20.26 -20.74
CA LYS A 191 -30.45 19.65 -21.94
C LYS A 191 -30.50 20.67 -23.08
N GLU A 192 -30.73 21.95 -22.77
CA GLU A 192 -30.84 23.06 -23.76
C GLU A 192 -29.46 23.31 -24.39
N GLY A 193 -29.36 23.12 -25.71
CA GLY A 193 -28.14 23.40 -26.49
C GLY A 193 -27.42 22.14 -26.96
N ILE A 194 -27.60 21.01 -26.27
CA ILE A 194 -26.92 19.72 -26.61
C ILE A 194 -27.82 18.89 -27.52
N SER A 195 -27.24 17.89 -28.19
CA SER A 195 -27.90 16.96 -29.14
C SER A 195 -28.93 16.11 -28.40
N PRO A 196 -29.86 15.44 -29.13
CA PRO A 196 -30.85 14.57 -28.50
C PRO A 196 -30.19 13.43 -27.73
N ALA A 197 -29.03 12.96 -28.22
CA ALA A 197 -28.23 11.87 -27.61
C ALA A 197 -27.79 12.30 -26.21
N GLY A 198 -27.24 13.51 -26.08
CA GLY A 198 -26.79 14.10 -24.80
C GLY A 198 -27.95 14.23 -23.83
N GLN A 199 -29.11 14.66 -24.32
CA GLN A 199 -30.36 14.84 -23.54
C GLN A 199 -30.79 13.48 -22.99
N LYS A 200 -30.77 12.45 -23.84
CA LYS A 200 -31.10 11.04 -23.49
C LYS A 200 -30.30 10.63 -22.26
N ILE A 201 -28.99 10.92 -22.25
CA ILE A 201 -28.04 10.57 -21.16
C ILE A 201 -28.39 11.36 -19.89
N LEU A 202 -28.53 12.68 -20.00
CA LEU A 202 -28.89 13.58 -18.86
C LEU A 202 -30.17 13.06 -18.18
N SER A 203 -31.13 12.57 -18.97
CA SER A 203 -32.42 12.02 -18.48
C SER A 203 -32.13 10.80 -17.60
N ASN A 204 -31.22 9.92 -18.05
CA ASN A 204 -30.80 8.70 -17.33
C ASN A 204 -30.03 9.09 -16.06
N ILE A 205 -29.17 10.11 -16.17
CA ILE A 205 -28.35 10.64 -15.04
C ILE A 205 -29.29 11.11 -13.93
N TRP A 206 -30.36 11.82 -14.29
CA TRP A 206 -31.36 12.38 -13.34
C TRP A 206 -32.07 11.23 -12.60
N ILE A 207 -32.46 10.19 -13.32
CA ILE A 207 -33.16 8.99 -12.74
C ILE A 207 -32.21 8.30 -11.76
N LEU A 208 -30.97 8.03 -12.20
CA LEU A 208 -29.90 7.40 -11.39
C LEU A 208 -29.71 8.19 -10.10
N PHE A 209 -29.48 9.50 -10.22
CA PHE A 209 -29.25 10.46 -9.11
C PHE A 209 -30.42 10.39 -8.11
N LEU A 210 -31.65 10.45 -8.63
CA LEU A 210 -32.90 10.48 -7.83
C LEU A 210 -33.00 9.21 -6.98
N ILE A 211 -32.88 8.03 -7.61
CA ILE A 211 -33.03 6.69 -6.96
C ILE A 211 -31.84 6.43 -6.00
N SER A 212 -30.61 6.48 -6.51
CA SER A 212 -29.36 6.17 -5.76
C SER A 212 -29.26 7.02 -4.49
N TRP A 213 -29.53 8.33 -4.58
CA TRP A 213 -29.42 9.30 -3.46
C TRP A 213 -30.53 9.09 -2.43
N THR A 214 -31.68 8.54 -2.85
CA THR A 214 -32.86 8.28 -1.97
C THR A 214 -32.59 7.04 -1.12
N LEU A 215 -31.71 6.14 -1.57
CA LEU A 215 -31.36 4.88 -0.87
C LEU A 215 -30.70 5.19 0.48
N TYR A 216 -29.91 6.25 0.55
CA TYR A 216 -29.15 6.67 1.76
C TYR A 216 -30.12 6.89 2.93
N PRO A 217 -31.10 7.81 2.81
CA PRO A 217 -32.06 8.03 3.89
C PRO A 217 -32.83 6.74 4.22
N GLY A 218 -32.95 5.84 3.25
CA GLY A 218 -33.61 4.53 3.41
C GLY A 218 -32.82 3.62 4.34
N ALA A 219 -31.48 3.63 4.19
CA ALA A 219 -30.52 2.86 5.00
C ALA A 219 -30.48 3.44 6.42
N TYR A 220 -30.72 4.75 6.53
CA TYR A 220 -30.74 5.53 7.80
C TYR A 220 -31.88 5.03 8.71
N LEU A 221 -33.03 4.71 8.11
CA LEU A 221 -34.26 4.26 8.82
C LEU A 221 -34.36 2.73 8.83
N MET A 222 -33.60 2.07 7.95
CA MET A 222 -33.62 0.59 7.74
C MET A 222 -34.07 -0.16 8.98
N PRO A 223 -33.44 0.05 10.16
CA PRO A 223 -33.79 -0.70 11.36
C PRO A 223 -35.23 -0.52 11.88
N TYR A 224 -35.93 0.54 11.45
CA TYR A 224 -37.29 0.88 11.93
C TYR A 224 -38.31 0.92 10.79
N LEU A 225 -37.94 0.47 9.58
CA LEU A 225 -38.84 0.49 8.39
C LEU A 225 -40.00 -0.48 8.59
N THR A 226 -39.85 -1.46 9.50
CA THR A 226 -40.90 -2.45 9.85
C THR A 226 -41.32 -2.22 11.31
N GLY A 227 -41.24 -0.97 11.77
CA GLY A 227 -41.61 -0.55 13.14
C GLY A 227 -40.68 -1.18 14.17
N VAL A 228 -40.77 -0.71 15.43
CA VAL A 228 -39.93 -1.19 16.56
C VAL A 228 -40.20 -2.69 16.77
N ASP A 229 -39.18 -3.46 17.15
CA ASP A 229 -39.28 -4.93 17.36
C ASP A 229 -39.88 -5.57 16.09
N GLY A 230 -39.57 -4.99 14.92
CA GLY A 230 -40.02 -5.47 13.61
C GLY A 230 -39.01 -6.44 13.00
N PHE A 231 -39.35 -7.01 11.84
CA PHE A 231 -38.52 -7.99 11.08
C PHE A 231 -37.14 -7.41 10.75
N LEU A 232 -37.06 -6.11 10.46
CA LEU A 232 -35.80 -5.42 10.07
C LEU A 232 -34.94 -5.09 11.28
N TYR A 233 -35.51 -5.04 12.49
CA TYR A 233 -34.75 -4.76 13.74
C TYR A 233 -34.11 -6.06 14.21
N SER A 234 -33.28 -6.65 13.34
CA SER A 234 -32.55 -7.93 13.54
C SER A 234 -31.27 -7.90 12.72
N GLU A 235 -30.60 -9.05 12.56
CA GLU A 235 -29.37 -9.19 11.73
C GLU A 235 -29.76 -8.98 10.26
N ASP A 236 -31.03 -9.26 9.93
CA ASP A 236 -31.60 -9.09 8.58
C ASP A 236 -31.53 -7.60 8.21
N GLY A 237 -31.90 -6.72 9.15
CA GLY A 237 -31.86 -5.26 8.99
C GLY A 237 -30.45 -4.76 8.80
N VAL A 238 -29.49 -5.39 9.49
CA VAL A 238 -28.03 -5.06 9.42
C VAL A 238 -27.55 -5.34 7.99
N MET A 239 -27.82 -6.55 7.49
CA MET A 239 -27.45 -6.98 6.12
C MET A 239 -28.04 -6.00 5.11
N ALA A 240 -29.35 -5.73 5.24
CA ALA A 240 -30.14 -4.83 4.36
C ALA A 240 -29.48 -3.46 4.28
N ARG A 241 -29.18 -2.86 5.43
CA ARG A 241 -28.58 -1.49 5.54
C ARG A 241 -27.26 -1.43 4.78
N GLN A 242 -26.33 -2.34 5.08
CA GLN A 242 -24.96 -2.36 4.48
C GLN A 242 -25.05 -2.67 2.98
N LEU A 243 -26.00 -3.52 2.57
CA LEU A 243 -26.22 -3.86 1.15
C LEU A 243 -26.69 -2.60 0.41
N VAL A 244 -27.75 -1.97 0.92
CA VAL A 244 -28.35 -0.74 0.34
C VAL A 244 -27.25 0.33 0.19
N TYR A 245 -26.45 0.56 1.23
CA TYR A 245 -25.32 1.54 1.22
C TYR A 245 -24.39 1.24 0.04
N THR A 246 -23.99 -0.03 -0.11
CA THR A 246 -23.06 -0.51 -1.16
C THR A 246 -23.66 -0.23 -2.55
N ILE A 247 -24.93 -0.59 -2.75
CA ILE A 247 -25.65 -0.37 -4.05
C ILE A 247 -25.66 1.14 -4.34
N ALA A 248 -26.05 1.95 -3.35
CA ALA A 248 -26.14 3.42 -3.43
C ALA A 248 -24.77 4.01 -3.78
N ASP A 249 -23.71 3.59 -3.08
CA ASP A 249 -22.32 4.08 -3.26
C ASP A 249 -21.83 3.82 -4.69
N VAL A 250 -21.99 2.59 -5.20
CA VAL A 250 -21.54 2.20 -6.56
C VAL A 250 -22.29 3.02 -7.61
N SER A 251 -23.60 3.16 -7.44
CA SER A 251 -24.53 3.87 -8.37
C SER A 251 -24.25 5.38 -8.38
N SER A 252 -24.15 5.99 -7.19
CA SER A 252 -24.01 7.47 -7.00
C SER A 252 -22.62 7.97 -7.37
N LYS A 253 -21.61 7.09 -7.38
CA LYS A 253 -20.26 7.54 -7.63
C LYS A 253 -19.68 6.94 -8.92
N VAL A 254 -19.57 5.62 -8.98
CA VAL A 254 -18.96 4.96 -10.13
C VAL A 254 -19.84 5.10 -11.37
N ILE A 255 -21.07 4.57 -11.34
CA ILE A 255 -22.01 4.59 -12.50
C ILE A 255 -22.31 6.04 -12.91
N TYR A 256 -22.55 6.92 -11.94
CA TYR A 256 -22.82 8.37 -12.16
C TYR A 256 -21.66 8.99 -12.95
N GLY A 257 -20.42 8.62 -12.56
CA GLY A 257 -19.17 9.11 -13.19
C GLY A 257 -19.01 8.57 -14.60
N VAL A 258 -19.38 7.31 -14.84
CA VAL A 258 -19.28 6.63 -16.15
C VAL A 258 -20.25 7.31 -17.13
N LEU A 259 -21.47 7.60 -16.70
CA LEU A 259 -22.52 8.28 -17.52
C LEU A 259 -22.04 9.69 -17.90
N LEU A 260 -21.47 10.44 -16.95
CA LEU A 260 -20.91 11.79 -17.20
C LEU A 260 -19.81 11.69 -18.27
N GLY A 261 -18.98 10.64 -18.17
CA GLY A 261 -17.88 10.37 -19.13
C GLY A 261 -18.44 10.11 -20.51
N ASN A 262 -19.52 9.34 -20.61
CA ASN A 262 -20.22 9.00 -21.87
C ASN A 262 -20.80 10.28 -22.48
N LEU A 263 -21.38 11.15 -21.66
CA LEU A 263 -21.96 12.44 -22.10
C LEU A 263 -20.84 13.34 -22.63
N ALA A 264 -19.71 13.40 -21.91
CA ALA A 264 -18.52 14.19 -22.27
C ALA A 264 -18.05 13.78 -23.67
N ILE A 265 -18.01 12.48 -23.94
CA ILE A 265 -17.59 11.89 -25.25
C ILE A 265 -18.59 12.34 -26.32
N THR A 266 -19.89 12.29 -26.02
CA THR A 266 -21.01 12.67 -26.91
C THR A 266 -20.86 14.14 -27.35
N LEU A 267 -20.40 15.00 -26.44
CA LEU A 267 -20.25 16.47 -26.69
C LEU A 267 -18.84 16.77 -27.23
N SER A 268 -17.93 15.79 -27.17
CA SER A 268 -16.53 15.92 -27.64
C SER A 268 -16.50 15.92 -29.17
N LYS A 269 -15.57 16.68 -29.77
CA LYS A 269 -15.40 16.81 -31.25
C LYS A 269 -13.99 16.34 -31.63
N GLN B 1 -19.02 -29.16 18.41
CA GLN B 1 -18.87 -27.70 18.16
C GLN B 1 -19.86 -27.28 17.07
N GLU B 2 -20.60 -26.18 17.30
CA GLU B 2 -21.64 -25.66 16.38
C GLU B 2 -21.02 -24.61 15.44
N LEU B 3 -21.08 -24.86 14.13
CA LEU B 3 -20.52 -23.98 13.07
C LEU B 3 -21.66 -23.38 12.23
N GLY B 4 -22.76 -24.12 12.09
CA GLY B 4 -23.96 -23.68 11.33
C GLY B 4 -23.74 -23.76 9.84
N ASN B 5 -24.16 -22.72 9.11
CA ASN B 5 -24.05 -22.63 7.63
C ASN B 5 -22.65 -22.13 7.25
N ALA B 6 -21.64 -22.98 7.42
CA ALA B 6 -20.21 -22.66 7.15
C ALA B 6 -19.67 -23.60 6.06
N ASN B 7 -18.60 -23.16 5.38
CA ASN B 7 -17.91 -23.94 4.31
C ASN B 7 -17.28 -25.17 4.94
N PHE B 8 -17.09 -26.24 4.15
CA PHE B 8 -16.60 -27.56 4.63
C PHE B 8 -15.16 -27.45 5.14
N GLU B 9 -14.41 -26.44 4.67
CA GLU B 9 -13.00 -26.20 5.11
C GLU B 9 -12.96 -26.11 6.64
N ASN B 10 -13.95 -25.44 7.23
CA ASN B 10 -14.07 -25.19 8.69
C ASN B 10 -14.30 -26.52 9.42
N PHE B 11 -15.12 -27.40 8.86
CA PHE B 11 -15.48 -28.72 9.45
C PHE B 11 -14.23 -29.61 9.50
N ILE B 12 -13.44 -29.65 8.42
CA ILE B 12 -12.19 -30.45 8.34
C ILE B 12 -11.18 -29.89 9.36
N GLY B 13 -11.05 -28.57 9.42
CA GLY B 13 -10.11 -27.87 10.32
C GLY B 13 -10.53 -27.97 11.79
N ALA B 14 -11.84 -28.13 12.05
CA ALA B 14 -12.42 -28.21 13.41
C ALA B 14 -12.37 -29.65 13.94
N THR B 15 -12.36 -30.64 13.05
CA THR B 15 -12.36 -32.09 13.42
C THR B 15 -10.97 -32.69 13.23
N GLU B 16 -10.60 -33.03 11.99
CA GLU B 16 -9.32 -33.69 11.63
C GLU B 16 -8.14 -32.73 11.78
N GLY B 17 -8.32 -31.47 11.36
CA GLY B 17 -7.24 -30.46 11.31
C GLY B 17 -6.49 -30.57 9.99
N PHE B 18 -5.53 -29.67 9.74
CA PHE B 18 -4.74 -29.64 8.49
C PHE B 18 -3.27 -29.94 8.78
N SER B 19 -2.64 -30.74 7.91
CA SER B 19 -1.20 -31.09 7.97
C SER B 19 -0.39 -29.90 7.47
N GLU B 20 0.91 -29.84 7.80
CA GLU B 20 1.83 -28.75 7.41
C GLU B 20 1.71 -28.50 5.90
N ILE B 21 1.71 -29.57 5.10
CA ILE B 21 1.62 -29.51 3.61
C ILE B 21 0.27 -28.91 3.21
N ALA B 22 -0.83 -29.52 3.65
CA ALA B 22 -2.22 -29.09 3.33
C ALA B 22 -2.38 -27.59 3.60
N TYR B 23 -2.01 -27.14 4.80
CA TYR B 23 -2.13 -25.72 5.25
C TYR B 23 -1.20 -24.82 4.43
N GLN B 24 0.11 -25.12 4.43
CA GLN B 24 1.15 -24.34 3.72
C GLN B 24 0.78 -24.20 2.24
N PHE B 25 0.49 -25.32 1.55
CA PHE B 25 0.14 -25.34 0.11
C PHE B 25 -1.00 -24.35 -0.17
N THR B 26 -2.10 -24.48 0.58
CA THR B 26 -3.31 -23.63 0.44
C THR B 26 -2.91 -22.15 0.55
N SER B 27 -2.00 -21.84 1.47
N SER B 27 -2.00 -21.84 1.47
CA SER B 27 -1.48 -20.47 1.73
CA SER B 27 -1.48 -20.47 1.73
C SER B 27 -0.67 -19.98 0.52
C SER B 27 -0.67 -19.98 0.52
N HIS B 28 0.20 -20.85 -0.01
CA HIS B 28 1.08 -20.53 -1.17
C HIS B 28 0.23 -20.31 -2.43
N ILE B 29 -0.73 -21.20 -2.70
CA ILE B 29 -1.57 -21.16 -3.94
C ILE B 29 -2.44 -19.89 -3.92
N LEU B 30 -2.92 -19.48 -2.74
CA LEU B 30 -3.76 -18.25 -2.59
C LEU B 30 -2.86 -17.01 -2.71
N THR B 31 -1.64 -17.08 -2.19
CA THR B 31 -0.63 -15.99 -2.24
C THR B 31 -0.23 -15.76 -3.70
N LEU B 32 0.13 -16.83 -4.41
CA LEU B 32 0.48 -16.82 -5.85
C LEU B 32 -0.69 -16.18 -6.62
N GLY B 33 -1.92 -16.47 -6.18
CA GLY B 33 -3.17 -15.97 -6.78
C GLY B 33 -3.15 -14.46 -6.94
N TYR B 34 -3.14 -13.72 -5.83
CA TYR B 34 -3.22 -12.23 -5.83
C TYR B 34 -1.93 -11.65 -6.44
N ALA B 35 -0.82 -12.37 -6.35
CA ALA B 35 0.50 -11.95 -6.88
C ALA B 35 0.42 -11.86 -8.41
N VAL B 36 -0.19 -12.87 -9.04
CA VAL B 36 -0.36 -12.96 -10.53
C VAL B 36 -1.26 -11.81 -11.01
N MET B 37 -2.31 -11.49 -10.25
CA MET B 37 -3.30 -10.45 -10.59
C MET B 37 -2.64 -9.06 -10.63
N LEU B 38 -1.73 -8.77 -9.69
CA LEU B 38 -1.03 -7.46 -9.62
C LEU B 38 0.02 -7.39 -10.73
N ALA B 39 0.61 -8.53 -11.09
CA ALA B 39 1.59 -8.66 -12.19
C ALA B 39 0.87 -8.40 -13.52
N GLY B 40 -0.34 -8.95 -13.66
CA GLY B 40 -1.20 -8.80 -14.85
C GLY B 40 -1.64 -7.36 -15.02
N LEU B 41 -2.05 -6.71 -13.93
CA LEU B 41 -2.49 -5.29 -13.90
C LEU B 41 -1.42 -4.42 -14.56
N LEU B 42 -0.16 -4.62 -14.16
CA LEU B 42 1.02 -3.85 -14.65
C LEU B 42 1.20 -4.11 -16.15
N TYR B 43 1.03 -5.36 -16.59
CA TYR B 43 1.20 -5.79 -18.01
C TYR B 43 0.19 -5.07 -18.91
N PHE B 44 -1.11 -5.15 -18.58
CA PHE B 44 -2.22 -4.59 -19.38
C PHE B 44 -2.09 -3.06 -19.49
N ILE B 45 -1.54 -2.40 -18.46
CA ILE B 45 -1.36 -0.92 -18.43
C ILE B 45 -0.19 -0.53 -19.34
N LEU B 46 0.93 -1.26 -19.26
CA LEU B 46 2.18 -0.98 -20.02
C LEU B 46 2.04 -1.36 -21.50
N THR B 47 0.97 -2.08 -21.89
CA THR B 47 0.77 -2.55 -23.29
C THR B 47 -0.46 -1.91 -23.93
N ILE B 48 -1.02 -0.85 -23.32
CA ILE B 48 -2.24 -0.16 -23.84
C ILE B 48 -1.93 0.49 -25.20
N LYS B 49 -0.75 1.10 -25.34
CA LYS B 49 -0.33 1.82 -26.58
C LYS B 49 0.21 0.85 -27.64
N ASN B 50 -0.06 -0.45 -27.49
CA ASN B 50 0.40 -1.50 -28.45
C ASN B 50 -0.74 -1.89 -29.39
N VAL B 51 -1.93 -1.30 -29.21
CA VAL B 51 -3.13 -1.58 -30.05
C VAL B 51 -3.80 -0.25 -30.42
N ASP B 52 -4.55 -0.24 -31.53
CA ASP B 52 -5.29 0.95 -32.02
C ASP B 52 -6.22 1.43 -30.90
N LYS B 53 -6.51 2.74 -30.88
CA LYS B 53 -7.33 3.41 -29.85
C LYS B 53 -8.66 2.68 -29.65
N LYS B 54 -9.23 2.11 -30.71
CA LYS B 54 -10.57 1.46 -30.70
C LYS B 54 -10.55 0.17 -29.85
N PHE B 55 -9.39 -0.46 -29.68
CA PHE B 55 -9.26 -1.76 -28.94
C PHE B 55 -8.73 -1.54 -27.52
N GLN B 56 -8.23 -0.35 -27.20
CA GLN B 56 -7.60 -0.03 -25.89
C GLN B 56 -8.58 -0.26 -24.74
N MET B 57 -9.89 -0.18 -24.97
CA MET B 57 -10.92 -0.38 -23.93
C MET B 57 -10.81 -1.79 -23.36
N SER B 58 -10.26 -2.74 -24.13
CA SER B 58 -10.07 -4.15 -23.73
C SER B 58 -9.01 -4.25 -22.64
N ASN B 59 -7.88 -3.55 -22.81
CA ASN B 59 -6.76 -3.52 -21.83
C ASN B 59 -7.24 -2.86 -20.53
N ILE B 60 -8.03 -1.79 -20.65
CA ILE B 60 -8.57 -1.00 -19.50
C ILE B 60 -9.45 -1.92 -18.64
N LEU B 61 -10.37 -2.66 -19.28
CA LEU B 61 -11.31 -3.58 -18.58
C LEU B 61 -10.51 -4.73 -17.93
N SER B 62 -9.47 -5.23 -18.60
CA SER B 62 -8.57 -6.30 -18.08
C SER B 62 -7.91 -5.80 -16.79
N ALA B 63 -7.44 -4.53 -16.80
CA ALA B 63 -6.80 -3.85 -15.66
C ALA B 63 -7.81 -3.73 -14.52
N VAL B 64 -9.05 -3.33 -14.84
CA VAL B 64 -10.16 -3.17 -13.86
C VAL B 64 -10.38 -4.51 -13.15
N VAL B 65 -10.41 -5.60 -13.90
N VAL B 65 -10.42 -5.60 -13.91
CA VAL B 65 -10.63 -6.99 -13.37
CA VAL B 65 -10.64 -6.99 -13.39
C VAL B 65 -9.46 -7.36 -12.46
C VAL B 65 -9.47 -7.37 -12.48
N MET B 66 -8.22 -7.06 -12.87
N MET B 66 -8.23 -7.09 -12.91
CA MET B 66 -6.98 -7.36 -12.11
CA MET B 66 -6.99 -7.41 -12.15
C MET B 66 -7.05 -6.71 -10.73
C MET B 66 -7.07 -6.79 -10.76
N VAL B 67 -7.25 -5.39 -10.68
N VAL B 67 -7.59 -5.56 -10.66
CA VAL B 67 -7.33 -4.57 -9.42
CA VAL B 67 -7.75 -4.80 -9.39
C VAL B 67 -8.22 -5.30 -8.41
C VAL B 67 -8.70 -5.57 -8.47
N SER B 68 -9.54 -5.29 -8.64
N SER B 68 -9.82 -6.06 -9.00
CA SER B 68 -10.55 -5.92 -7.76
CA SER B 68 -10.86 -6.83 -8.26
C SER B 68 -10.15 -7.35 -7.43
C SER B 68 -10.26 -8.15 -7.74
N ALA B 69 -9.65 -8.10 -8.43
N ALA B 69 -9.72 -8.96 -8.65
CA ALA B 69 -9.21 -9.51 -8.31
CA ALA B 69 -9.10 -10.28 -8.35
C ALA B 69 -8.08 -9.61 -7.28
C ALA B 69 -8.05 -10.13 -7.25
N PHE B 70 -7.18 -8.63 -7.26
N PHE B 70 -7.04 -9.28 -7.47
CA PHE B 70 -6.03 -8.56 -6.32
CA PHE B 70 -5.94 -8.99 -6.52
C PHE B 70 -6.53 -8.35 -4.89
C PHE B 70 -6.52 -8.80 -5.11
N LEU B 71 -7.42 -7.36 -4.69
N LEU B 71 -7.24 -7.70 -4.92
CA LEU B 71 -7.98 -6.99 -3.37
CA LEU B 71 -7.86 -7.30 -3.62
C LEU B 71 -8.78 -8.17 -2.78
C LEU B 71 -8.52 -8.51 -2.95
N LEU B 72 -9.82 -8.63 -3.46
N LEU B 72 -9.35 -9.26 -3.70
CA LEU B 72 -10.69 -9.73 -3.00
CA LEU B 72 -10.13 -10.41 -3.18
C LEU B 72 -9.87 -10.99 -2.72
C LEU B 72 -9.18 -11.55 -2.77
N LEU B 73 -9.02 -11.41 -3.67
N LEU B 73 -8.29 -11.96 -3.67
CA LEU B 73 -8.20 -12.64 -3.54
CA LEU B 73 -7.32 -13.08 -3.43
C LEU B 73 -7.20 -12.49 -2.40
C LEU B 73 -6.34 -12.70 -2.32
N TYR B 74 -6.68 -11.29 -2.17
N TYR B 74 -6.02 -11.40 -2.18
CA TYR B 74 -5.74 -10.99 -1.05
CA TYR B 74 -5.10 -10.88 -1.14
C TYR B 74 -6.45 -11.26 0.28
C TYR B 74 -5.79 -10.99 0.23
N ALA B 75 -7.63 -10.65 0.46
N ALA B 75 -7.07 -10.65 0.27
CA ALA B 75 -8.49 -10.79 1.64
CA ALA B 75 -7.93 -10.70 1.49
C ALA B 75 -8.79 -12.28 1.88
C ALA B 75 -8.30 -12.15 1.79
N GLN B 76 -9.01 -13.03 0.79
N GLN B 76 -8.63 -12.93 0.75
CA GLN B 76 -9.32 -14.49 0.82
CA GLN B 76 -9.04 -14.36 0.86
C GLN B 76 -8.11 -15.26 1.36
C GLN B 76 -7.88 -15.17 1.45
N ALA B 77 -6.91 -14.82 0.99
N ALA B 77 -6.64 -14.79 1.12
CA ALA B 77 -5.62 -15.42 1.43
CA ALA B 77 -5.40 -15.44 1.60
C ALA B 77 -5.44 -15.19 2.93
C ALA B 77 -5.23 -15.16 3.10
N GLN B 78 -5.89 -14.04 3.42
N GLN B 78 -5.23 -13.88 3.47
CA GLN B 78 -5.81 -13.63 4.85
CA GLN B 78 -5.08 -13.40 4.87
C GLN B 78 -6.87 -14.40 5.64
C GLN B 78 -6.13 -14.08 5.76
N ASN B 79 -8.06 -14.59 5.05
N ASN B 79 -7.32 -14.31 5.21
CA ASN B 79 -9.22 -15.30 5.67
CA ASN B 79 -8.46 -14.95 5.93
C ASN B 79 -8.79 -16.73 6.00
C ASN B 79 -8.09 -16.41 6.27
N TRP B 80 -7.80 -17.25 5.28
N TRP B 80 -7.47 -17.12 5.33
CA TRP B 80 -7.28 -18.64 5.45
CA TRP B 80 -7.08 -18.55 5.47
C TRP B 80 -6.32 -18.72 6.63
C TRP B 80 -6.08 -18.72 6.62
N THR B 81 -5.15 -18.07 6.52
N THR B 81 -5.03 -17.88 6.66
CA THR B 81 -4.05 -18.07 7.52
CA THR B 81 -3.94 -17.93 7.67
C THR B 81 -4.56 -17.62 8.89
C THR B 81 -4.48 -17.55 9.06
N SER B 82 -5.63 -16.83 8.94
N SER B 82 -5.56 -16.77 9.13
CA SER B 82 -6.21 -16.26 10.20
CA SER B 82 -6.17 -16.27 10.38
C SER B 82 -7.16 -17.26 10.86
C SER B 82 -7.14 -17.29 10.99
N SER B 83 -7.84 -18.10 10.07
N SER B 83 -7.82 -18.06 10.15
CA SER B 83 -8.89 -19.05 10.52
CA SER B 83 -8.88 -19.04 10.54
C SER B 83 -8.29 -20.35 11.07
C SER B 83 -8.29 -20.34 11.08
N PHE B 84 -7.02 -20.62 10.81
CA PHE B 84 -6.36 -21.89 11.25
C PHE B 84 -5.02 -21.62 11.95
N THR B 85 -4.90 -22.12 13.17
CA THR B 85 -3.71 -22.00 14.06
C THR B 85 -3.13 -23.39 14.31
N PHE B 86 -1.80 -23.47 14.47
CA PHE B 86 -1.05 -24.73 14.66
C PHE B 86 -1.17 -25.19 16.12
N ASN B 87 -1.40 -26.50 16.31
CA ASN B 87 -1.50 -27.17 17.64
C ASN B 87 -0.23 -28.00 17.84
N GLU B 88 0.62 -27.56 18.79
CA GLU B 88 1.96 -28.15 19.10
C GLU B 88 1.85 -29.64 19.47
N GLU B 89 0.90 -29.98 20.34
CA GLU B 89 0.69 -31.37 20.85
C GLU B 89 0.56 -32.37 19.70
N VAL B 90 -0.37 -32.13 18.77
CA VAL B 90 -0.70 -33.04 17.64
C VAL B 90 0.10 -32.65 16.38
N GLY B 91 0.48 -31.37 16.25
CA GLY B 91 1.26 -30.87 15.11
C GLY B 91 0.41 -30.72 13.85
N ARG B 92 -0.79 -30.17 13.99
CA ARG B 92 -1.75 -29.91 12.88
C ARG B 92 -2.44 -28.58 13.13
N TYR B 93 -2.90 -27.91 12.07
CA TYR B 93 -3.61 -26.61 12.12
C TYR B 93 -5.11 -26.88 12.31
N PHE B 94 -5.71 -26.31 13.36
CA PHE B 94 -7.14 -26.45 13.69
C PHE B 94 -7.85 -25.09 13.59
N LEU B 95 -9.17 -25.13 13.42
CA LEU B 95 -10.03 -23.93 13.31
C LEU B 95 -9.79 -23.02 14.52
N ASP B 96 -9.37 -21.78 14.27
CA ASP B 96 -9.20 -20.73 15.31
C ASP B 96 -10.35 -19.75 15.14
N PRO B 97 -11.45 -19.90 15.91
CA PRO B 97 -12.65 -19.10 15.74
C PRO B 97 -12.41 -17.59 15.88
N SER B 98 -11.44 -17.20 16.69
CA SER B 98 -11.09 -15.77 16.96
C SER B 98 -10.73 -15.06 15.65
N GLY B 99 -10.28 -15.82 14.65
CA GLY B 99 -9.89 -15.31 13.33
C GLY B 99 -11.03 -15.37 12.32
N ASP B 100 -12.24 -15.71 12.79
CA ASP B 100 -13.46 -15.85 11.95
C ASP B 100 -13.40 -17.17 11.17
N LEU B 101 -14.57 -17.71 10.83
CA LEU B 101 -14.69 -18.93 9.98
C LEU B 101 -14.29 -18.56 8.55
N PHE B 102 -13.64 -19.49 7.85
N PHE B 102 -13.64 -19.49 7.85
CA PHE B 102 -13.21 -19.34 6.44
CA PHE B 102 -13.21 -19.32 6.44
C PHE B 102 -14.44 -19.48 5.54
C PHE B 102 -14.44 -19.50 5.53
N ASN B 103 -14.60 -18.57 4.59
N ASN B 103 -14.62 -18.58 4.58
CA ASN B 103 -15.73 -18.56 3.62
CA ASN B 103 -15.76 -18.60 3.63
C ASN B 103 -15.17 -18.17 2.23
C ASN B 103 -15.28 -18.14 2.26
N ASN B 104 -15.59 -18.88 1.19
N ASN B 104 -15.57 -18.94 1.22
CA ASN B 104 -15.16 -18.65 -0.21
CA ASN B 104 -15.21 -18.66 -0.20
C ASN B 104 -16.03 -17.54 -0.82
C ASN B 104 -16.13 -17.57 -0.74
N GLY B 105 -16.66 -16.73 0.03
N GLY B 105 -17.28 -17.35 -0.07
CA GLY B 105 -17.55 -15.61 -0.37
CA GLY B 105 -18.29 -16.35 -0.44
C GLY B 105 -16.80 -14.51 -1.10
C GLY B 105 -17.67 -15.11 -1.03
N TYR B 106 -15.70 -14.02 -0.53
N TYR B 106 -16.53 -14.67 -0.48
CA TYR B 106 -14.85 -12.95 -1.09
CA TYR B 106 -15.77 -13.47 -0.93
C TYR B 106 -14.58 -13.22 -2.59
C TYR B 106 -15.70 -13.48 -2.47
N ARG B 107 -14.38 -14.49 -2.94
N ARG B 107 -14.99 -14.45 -3.04
CA ARG B 107 -14.09 -14.93 -4.33
CA ARG B 107 -14.81 -14.62 -4.51
C ARG B 107 -15.35 -14.87 -5.18
C ARG B 107 -16.14 -14.29 -5.22
N TYR B 108 -16.52 -15.12 -4.59
N TYR B 108 -17.17 -15.09 -4.99
CA TYR B 108 -17.85 -15.11 -5.26
CA TYR B 108 -18.52 -14.99 -5.59
C TYR B 108 -18.25 -13.69 -5.64
C TYR B 108 -18.89 -13.51 -5.83
N LEU B 109 -17.92 -12.71 -4.78
N LEU B 109 -19.36 -12.81 -4.78
CA LEU B 109 -18.24 -11.28 -5.04
CA LEU B 109 -19.81 -11.39 -4.87
C LEU B 109 -17.25 -10.71 -6.06
C LEU B 109 -18.83 -10.56 -5.71
N ASN B 110 -16.05 -11.28 -6.14
N ASN B 110 -17.52 -10.82 -5.60
CA ASN B 110 -15.00 -10.88 -7.12
CA ASN B 110 -16.50 -10.09 -6.40
C ASN B 110 -15.51 -11.26 -8.51
C ASN B 110 -16.62 -10.49 -7.87
N TRP B 111 -16.17 -12.41 -8.63
N TRP B 111 -17.28 -11.62 -8.16
CA TRP B 111 -16.77 -12.92 -9.89
CA TRP B 111 -17.51 -12.09 -9.56
C TRP B 111 -17.91 -11.98 -10.31
C TRP B 111 -18.51 -11.13 -10.24
N LEU B 112 -18.82 -11.69 -9.38
N LEU B 112 -19.22 -10.33 -9.45
CA LEU B 112 -20.02 -10.84 -9.57
CA LEU B 112 -20.19 -9.31 -9.94
C LEU B 112 -19.69 -9.65 -10.49
C LEU B 112 -19.42 -8.20 -10.68
N ILE B 113 -18.62 -8.91 -10.17
N ILE B 113 -18.09 -8.28 -10.65
CA ILE B 113 -18.19 -7.68 -10.91
CA ILE B 113 -17.16 -7.34 -11.35
C ILE B 113 -17.32 -8.08 -12.10
C ILE B 113 -16.46 -8.11 -12.48
N ASP B 114 -16.50 -9.13 -11.96
N ASP B 114 -15.82 -9.23 -12.13
CA ASP B 114 -15.57 -9.62 -13.03
CA ASP B 114 -15.04 -10.10 -13.05
C ASP B 114 -16.40 -10.15 -14.20
C ASP B 114 -15.91 -10.57 -14.21
N VAL B 115 -17.13 -11.25 -14.00
N VAL B 115 -16.97 -11.34 -13.93
CA VAL B 115 -17.97 -11.93 -15.03
CA VAL B 115 -17.88 -11.96 -14.94
C VAL B 115 -18.51 -10.91 -16.03
C VAL B 115 -18.38 -10.91 -15.93
N PRO B 116 -19.25 -9.87 -15.56
N PRO B 116 -19.23 -9.96 -15.50
CA PRO B 116 -19.81 -8.87 -16.47
CA PRO B 116 -19.79 -8.95 -16.43
C PRO B 116 -18.75 -8.20 -17.36
C PRO B 116 -18.73 -8.25 -17.29
N MET B 117 -17.62 -7.79 -16.79
N MET B 117 -17.58 -7.90 -16.71
CA MET B 117 -16.51 -7.09 -17.49
CA MET B 117 -16.47 -7.18 -17.39
C MET B 117 -15.83 -8.04 -18.49
C MET B 117 -15.77 -8.10 -18.41
N LEU B 118 -15.52 -9.27 -18.06
N LEU B 118 -15.51 -9.35 -18.02
CA LEU B 118 -14.82 -10.30 -18.88
CA LEU B 118 -14.82 -10.37 -18.86
C LEU B 118 -15.63 -10.62 -20.14
C LEU B 118 -15.63 -10.65 -20.14
N LEU B 119 -16.95 -10.74 -20.02
N LEU B 119 -16.96 -10.77 -20.01
CA LEU B 119 -17.89 -11.08 -21.13
CA LEU B 119 -17.89 -11.09 -21.13
C LEU B 119 -18.07 -9.85 -22.04
C LEU B 119 -18.06 -9.86 -22.03
N PHE B 120 -17.94 -8.64 -21.47
N PHE B 120 -17.93 -8.65 -21.47
CA PHE B 120 -18.22 -7.35 -22.15
CA PHE B 120 -18.20 -7.36 -22.14
C PHE B 120 -16.99 -6.84 -22.93
C PHE B 120 -16.99 -6.86 -22.93
N GLN B 121 -15.77 -7.13 -22.48
N GLN B 121 -15.76 -7.14 -22.48
CA GLN B 121 -14.51 -6.61 -23.11
CA GLN B 121 -14.51 -6.62 -23.10
C GLN B 121 -14.30 -7.23 -24.49
C GLN B 121 -14.30 -7.23 -24.49
N ILE B 122 -14.71 -8.49 -24.70
CA ILE B 122 -14.52 -9.18 -26.02
C ILE B 122 -15.33 -8.45 -27.10
N LEU B 123 -16.38 -7.71 -26.71
CA LEU B 123 -17.28 -6.99 -27.64
C LEU B 123 -16.61 -5.71 -28.16
N PHE B 124 -15.39 -5.40 -27.68
CA PHE B 124 -14.60 -4.21 -28.10
C PHE B 124 -13.48 -4.62 -29.07
N VAL B 125 -13.30 -5.93 -29.27
CA VAL B 125 -12.23 -6.50 -30.14
C VAL B 125 -12.88 -7.12 -31.38
N VAL B 126 -13.94 -7.92 -31.19
CA VAL B 126 -14.66 -8.63 -32.30
C VAL B 126 -15.85 -7.76 -32.74
N SER B 127 -16.35 -8.02 -33.95
CA SER B 127 -17.51 -7.33 -34.57
C SER B 127 -18.65 -8.33 -34.79
N LEU B 128 -19.79 -8.12 -34.14
CA LEU B 128 -21.00 -8.96 -34.28
C LEU B 128 -21.55 -8.78 -35.70
N THR B 129 -22.28 -9.78 -36.21
CA THR B 129 -22.88 -9.78 -37.57
C THR B 129 -24.41 -9.81 -37.47
N THR B 130 -24.96 -10.96 -37.07
CA THR B 130 -26.43 -11.22 -36.98
C THR B 130 -26.94 -11.04 -35.55
N SER B 131 -26.10 -10.53 -34.65
CA SER B 131 -26.45 -10.28 -33.23
C SER B 131 -26.26 -8.79 -32.88
N LYS B 132 -27.18 -8.22 -32.09
CA LYS B 132 -27.14 -6.80 -31.65
C LYS B 132 -26.25 -6.68 -30.41
N PHE B 133 -25.34 -5.70 -30.41
CA PHE B 133 -24.37 -5.43 -29.31
C PHE B 133 -25.11 -5.38 -27.96
N SER B 134 -26.06 -4.44 -27.83
CA SER B 134 -26.87 -4.21 -26.61
C SER B 134 -27.53 -5.52 -26.16
N SER B 135 -28.14 -6.25 -27.09
CA SER B 135 -28.85 -7.54 -26.85
C SER B 135 -27.90 -8.53 -26.15
N VAL B 136 -26.77 -8.85 -26.79
CA VAL B 136 -25.74 -9.80 -26.28
C VAL B 136 -25.28 -9.35 -24.89
N ARG B 137 -24.89 -8.08 -24.75
CA ARG B 137 -24.41 -7.48 -23.48
C ARG B 137 -25.42 -7.74 -22.36
N ASN B 138 -26.69 -7.35 -22.57
CA ASN B 138 -27.80 -7.50 -21.59
C ASN B 138 -27.92 -8.95 -21.15
N GLN B 139 -27.83 -9.90 -22.09
CA GLN B 139 -27.95 -11.36 -21.80
C GLN B 139 -26.79 -11.78 -20.88
N PHE B 140 -25.55 -11.46 -21.24
CA PHE B 140 -24.33 -11.78 -20.45
C PHE B 140 -24.49 -11.26 -19.01
N TRP B 141 -24.76 -9.95 -18.88
CA TRP B 141 -24.89 -9.21 -17.60
C TRP B 141 -25.99 -9.82 -16.71
N PHE B 142 -27.16 -10.14 -17.28
CA PHE B 142 -28.30 -10.72 -16.53
C PHE B 142 -27.94 -12.12 -16.06
N SER B 143 -27.74 -13.06 -16.99
CA SER B 143 -27.39 -14.48 -16.73
C SER B 143 -26.16 -14.54 -15.83
N GLY B 144 -25.17 -13.68 -16.07
CA GLY B 144 -23.92 -13.59 -15.28
C GLY B 144 -24.20 -13.31 -13.82
N ALA B 145 -25.03 -12.30 -13.55
CA ALA B 145 -25.44 -11.86 -12.20
C ALA B 145 -26.20 -13.00 -11.50
N MET B 146 -27.25 -13.52 -12.13
CA MET B 146 -28.10 -14.60 -11.59
C MET B 146 -27.25 -15.83 -11.27
N MET B 147 -26.29 -16.16 -12.13
CA MET B 147 -25.38 -17.33 -11.98
C MET B 147 -24.58 -17.21 -10.68
N ILE B 148 -23.96 -16.05 -10.46
N ILE B 148 -23.95 -16.04 -10.45
CA ILE B 148 -23.11 -15.75 -9.26
CA ILE B 148 -23.11 -15.75 -9.26
C ILE B 148 -23.98 -15.73 -8.00
C ILE B 148 -23.99 -15.73 -8.01
N ILE B 149 -25.03 -14.88 -7.99
CA ILE B 149 -25.95 -14.72 -6.84
C ILE B 149 -26.46 -16.09 -6.36
N THR B 150 -27.08 -16.88 -7.24
CA THR B 150 -27.65 -18.21 -6.92
C THR B 150 -26.56 -19.10 -6.30
N GLY B 151 -25.39 -19.15 -6.92
CA GLY B 151 -24.24 -19.95 -6.46
C GLY B 151 -23.76 -19.51 -5.09
N TYR B 152 -23.72 -18.19 -4.86
CA TYR B 152 -23.27 -17.55 -3.60
C TYR B 152 -24.14 -18.05 -2.44
N ILE B 153 -25.44 -18.19 -2.69
CA ILE B 153 -26.45 -18.64 -1.69
C ILE B 153 -26.19 -20.12 -1.36
N GLY B 154 -26.03 -20.96 -2.38
CA GLY B 154 -25.85 -22.42 -2.26
C GLY B 154 -24.60 -22.81 -1.48
N GLN B 155 -23.49 -22.12 -1.72
CA GLN B 155 -22.16 -22.43 -1.12
C GLN B 155 -22.21 -22.34 0.40
N PHE B 156 -23.18 -21.59 0.96
CA PHE B 156 -23.37 -21.42 2.43
C PHE B 156 -23.92 -22.71 3.05
N TYR B 157 -24.57 -23.55 2.25
CA TYR B 157 -25.26 -24.80 2.70
C TYR B 157 -24.54 -26.04 2.18
N GLU B 158 -23.28 -25.92 1.74
CA GLU B 158 -22.50 -27.05 1.15
C GLU B 158 -22.30 -28.14 2.21
N VAL B 159 -22.68 -27.90 3.46
CA VAL B 159 -22.54 -28.87 4.58
C VAL B 159 -23.84 -28.93 5.39
N SER B 160 -24.35 -27.77 5.82
CA SER B 160 -25.57 -27.63 6.66
C SER B 160 -26.81 -28.22 5.99
N ASN B 161 -26.96 -28.04 4.67
CA ASN B 161 -28.15 -28.51 3.90
C ASN B 161 -27.73 -28.87 2.46
N LEU B 162 -27.31 -30.11 2.25
CA LEU B 162 -26.82 -30.64 0.94
C LEU B 162 -27.87 -30.42 -0.16
N THR B 163 -29.16 -30.50 0.19
CA THR B 163 -30.29 -30.34 -0.76
C THR B 163 -30.26 -28.93 -1.36
N ALA B 164 -30.36 -27.89 -0.51
CA ALA B 164 -30.35 -26.47 -0.91
C ALA B 164 -29.09 -26.20 -1.76
N PHE B 165 -27.96 -26.77 -1.34
CA PHE B 165 -26.63 -26.63 -1.99
C PHE B 165 -26.71 -27.04 -3.47
N LEU B 166 -27.33 -28.19 -3.74
CA LEU B 166 -27.47 -28.77 -5.11
C LEU B 166 -28.53 -28.02 -5.91
N VAL B 167 -29.69 -27.74 -5.31
CA VAL B 167 -30.83 -27.03 -5.98
C VAL B 167 -30.31 -25.71 -6.55
N TRP B 168 -29.70 -24.85 -5.72
CA TRP B 168 -29.13 -23.55 -6.11
C TRP B 168 -28.06 -23.76 -7.19
N GLY B 169 -27.15 -24.72 -6.96
CA GLY B 169 -26.07 -25.07 -7.91
C GLY B 169 -26.65 -25.39 -9.28
N ALA B 170 -27.78 -26.11 -9.32
CA ALA B 170 -28.50 -26.52 -10.54
C ALA B 170 -29.05 -25.27 -11.24
N ILE B 171 -29.80 -24.45 -10.50
CA ILE B 171 -30.39 -23.17 -11.01
C ILE B 171 -29.26 -22.34 -11.63
N SER B 172 -28.16 -22.18 -10.90
CA SER B 172 -26.94 -21.43 -11.33
C SER B 172 -26.46 -21.99 -12.68
N SER B 173 -26.33 -23.31 -12.78
CA SER B 173 -25.86 -24.05 -13.99
C SER B 173 -26.69 -23.63 -15.20
N ALA B 174 -28.01 -23.48 -15.03
CA ALA B 174 -28.97 -23.06 -16.08
C ALA B 174 -28.44 -21.80 -16.78
N PHE B 175 -28.18 -20.75 -16.00
CA PHE B 175 -27.68 -19.42 -16.49
C PHE B 175 -26.28 -19.58 -17.09
N PHE B 176 -25.50 -20.53 -16.58
CA PHE B 176 -24.11 -20.83 -17.05
C PHE B 176 -24.16 -21.33 -18.49
N PHE B 177 -25.07 -22.26 -18.80
CA PHE B 177 -25.24 -22.85 -20.15
C PHE B 177 -25.67 -21.75 -21.12
N HIS B 178 -26.55 -20.85 -20.69
CA HIS B 178 -27.06 -19.71 -21.51
C HIS B 178 -25.89 -18.80 -21.89
N ILE B 179 -24.96 -18.56 -20.96
CA ILE B 179 -23.75 -17.70 -21.17
C ILE B 179 -22.85 -18.38 -22.21
N LEU B 180 -22.61 -19.69 -22.05
CA LEU B 180 -21.80 -20.51 -22.99
C LEU B 180 -22.39 -20.39 -24.39
N TRP B 181 -23.72 -20.43 -24.49
CA TRP B 181 -24.49 -20.35 -25.76
C TRP B 181 -24.21 -19.02 -26.45
N VAL B 182 -24.43 -17.91 -25.75
CA VAL B 182 -24.25 -16.51 -26.26
C VAL B 182 -22.78 -16.31 -26.65
N MET B 183 -21.85 -16.73 -25.80
CA MET B 183 -20.38 -16.58 -26.03
C MET B 183 -20.00 -17.34 -27.32
N LYS B 184 -20.59 -18.51 -27.55
CA LYS B 184 -20.34 -19.34 -28.75
C LYS B 184 -20.72 -18.52 -29.99
N LYS B 185 -21.90 -17.88 -29.98
CA LYS B 185 -22.40 -17.02 -31.07
C LYS B 185 -21.37 -15.91 -31.33
N VAL B 186 -21.01 -15.17 -30.28
CA VAL B 186 -20.05 -14.02 -30.32
C VAL B 186 -18.74 -14.47 -31.01
N ILE B 187 -18.23 -15.64 -30.64
CA ILE B 187 -16.95 -16.20 -31.19
C ILE B 187 -17.12 -16.42 -32.70
N ASN B 188 -18.20 -17.09 -33.10
CA ASN B 188 -18.52 -17.42 -34.53
C ASN B 188 -18.59 -16.12 -35.33
N GLU B 189 -19.48 -15.19 -34.93
CA GLU B 189 -19.69 -13.89 -35.61
C GLU B 189 -18.39 -13.10 -35.61
N GLY B 190 -17.56 -13.26 -34.58
CA GLY B 190 -16.26 -12.58 -34.44
C GLY B 190 -15.26 -13.05 -35.47
N LYS B 191 -15.28 -14.35 -35.80
CA LYS B 191 -14.38 -15.00 -36.79
C LYS B 191 -14.66 -14.44 -38.19
N GLU B 192 -15.93 -14.16 -38.49
CA GLU B 192 -16.39 -13.65 -39.82
C GLU B 192 -15.84 -12.24 -40.04
N GLY B 193 -15.03 -12.05 -41.09
CA GLY B 193 -14.50 -10.74 -41.51
C GLY B 193 -13.03 -10.54 -41.18
N ILE B 194 -12.51 -11.26 -40.19
CA ILE B 194 -11.09 -11.13 -39.73
C ILE B 194 -10.21 -12.15 -40.45
N SER B 195 -8.89 -11.94 -40.40
CA SER B 195 -7.85 -12.80 -41.03
C SER B 195 -7.86 -14.19 -40.39
N PRO B 196 -7.25 -15.20 -41.05
CA PRO B 196 -7.19 -16.56 -40.51
C PRO B 196 -6.43 -16.59 -39.17
N ALA B 197 -5.46 -15.69 -39.01
CA ALA B 197 -4.63 -15.54 -37.78
C ALA B 197 -5.55 -15.19 -36.61
N GLY B 198 -6.42 -14.19 -36.80
CA GLY B 198 -7.40 -13.73 -35.79
C GLY B 198 -8.36 -14.84 -35.43
N GLN B 199 -8.81 -15.61 -36.42
CA GLN B 199 -9.75 -16.76 -36.26
C GLN B 199 -9.06 -17.82 -35.38
N LYS B 200 -7.79 -18.10 -35.68
CA LYS B 200 -6.94 -19.06 -34.93
C LYS B 200 -6.98 -18.72 -33.43
N ILE B 201 -6.82 -17.44 -33.11
CA ILE B 201 -6.80 -16.90 -31.71
C ILE B 201 -8.19 -17.09 -31.08
N LEU B 202 -9.24 -16.64 -31.75
CA LEU B 202 -10.65 -16.75 -31.25
C LEU B 202 -10.96 -18.21 -30.92
N SER B 203 -10.45 -19.15 -31.73
CA SER B 203 -10.63 -20.62 -31.53
C SER B 203 -10.01 -21.01 -30.19
N ASN B 204 -8.80 -20.51 -29.91
CA ASN B 204 -8.05 -20.77 -28.65
C ASN B 204 -8.78 -20.12 -27.48
N ILE B 205 -9.28 -18.89 -27.68
CA ILE B 205 -10.05 -18.12 -26.65
C ILE B 205 -11.27 -18.93 -26.22
N TRP B 206 -11.98 -19.52 -27.19
CA TRP B 206 -13.22 -20.33 -26.93
C TRP B 206 -12.88 -21.55 -26.07
N ILE B 207 -11.79 -22.26 -26.40
CA ILE B 207 -11.32 -23.47 -25.67
C ILE B 207 -10.98 -23.07 -24.23
N LEU B 208 -10.16 -22.01 -24.08
CA LEU B 208 -9.73 -21.47 -22.76
C LEU B 208 -10.97 -21.15 -21.92
N PHE B 209 -11.90 -20.36 -22.48
CA PHE B 209 -13.16 -19.91 -21.84
C PHE B 209 -13.97 -21.12 -21.36
N LEU B 210 -14.13 -22.11 -22.24
CA LEU B 210 -14.93 -23.34 -21.99
C LEU B 210 -14.36 -24.10 -20.79
N ILE B 211 -13.06 -24.41 -20.81
CA ILE B 211 -12.36 -25.20 -19.77
C ILE B 211 -12.29 -24.42 -18.46
N SER B 212 -11.69 -23.22 -18.49
CA SER B 212 -11.45 -22.35 -17.30
C SER B 212 -12.75 -22.08 -16.53
N TRP B 213 -13.83 -21.74 -17.23
CA TRP B 213 -15.15 -21.40 -16.64
C TRP B 213 -15.83 -22.65 -16.04
N THR B 214 -15.55 -23.83 -16.59
CA THR B 214 -16.15 -25.11 -16.13
C THR B 214 -15.49 -25.55 -14.82
N LEU B 215 -14.26 -25.09 -14.55
CA LEU B 215 -13.49 -25.45 -13.32
C LEU B 215 -14.20 -24.93 -12.07
N TYR B 216 -14.85 -23.77 -12.16
CA TYR B 216 -15.56 -23.11 -11.03
C TYR B 216 -16.63 -24.05 -10.47
N PRO B 217 -17.61 -24.51 -11.27
CA PRO B 217 -18.64 -25.42 -10.77
C PRO B 217 -18.01 -26.70 -10.23
N GLY B 218 -16.83 -27.07 -10.75
CA GLY B 218 -16.07 -28.27 -10.31
C GLY B 218 -15.55 -28.08 -8.89
N ALA B 219 -15.06 -26.88 -8.58
CA ALA B 219 -14.53 -26.49 -7.25
C ALA B 219 -15.68 -26.41 -6.25
N TYR B 220 -16.88 -26.06 -6.76
CA TYR B 220 -18.14 -25.92 -5.99
C TYR B 220 -18.54 -27.28 -5.39
N LEU B 221 -18.37 -28.36 -6.17
CA LEU B 221 -18.76 -29.75 -5.80
C LEU B 221 -17.55 -30.52 -5.25
N MET B 222 -16.35 -30.00 -5.47
CA MET B 222 -15.05 -30.64 -5.08
C MET B 222 -15.21 -31.56 -3.88
N PRO B 223 -15.76 -31.08 -2.74
CA PRO B 223 -15.86 -31.89 -1.53
C PRO B 223 -16.72 -33.17 -1.64
N TYR B 224 -17.58 -33.25 -2.66
CA TYR B 224 -18.53 -34.39 -2.84
C TYR B 224 -18.32 -35.09 -4.18
N LEU B 225 -17.25 -34.79 -4.91
CA LEU B 225 -16.97 -35.40 -6.24
C LEU B 225 -16.65 -36.90 -6.07
N THR B 226 -16.28 -37.31 -4.85
CA THR B 226 -15.99 -38.73 -4.50
C THR B 226 -17.04 -39.21 -3.49
N GLY B 227 -18.25 -38.65 -3.57
CA GLY B 227 -19.38 -38.98 -2.68
C GLY B 227 -19.09 -38.59 -1.24
N VAL B 228 -20.12 -38.63 -0.38
CA VAL B 228 -20.03 -38.27 1.07
C VAL B 228 -19.03 -39.24 1.73
N ASP B 229 -18.27 -38.76 2.72
CA ASP B 229 -17.23 -39.55 3.43
C ASP B 229 -16.27 -40.14 2.40
N GLY B 230 -16.05 -39.41 1.29
CA GLY B 230 -15.14 -39.82 0.20
C GLY B 230 -13.74 -39.27 0.39
N PHE B 231 -12.82 -39.64 -0.50
CA PHE B 231 -11.39 -39.23 -0.48
C PHE B 231 -11.25 -37.71 -0.50
N LEU B 232 -12.11 -37.02 -1.26
CA LEU B 232 -12.05 -35.54 -1.43
C LEU B 232 -12.67 -34.81 -0.24
N TYR B 233 -13.49 -35.48 0.58
CA TYR B 233 -14.09 -34.87 1.78
C TYR B 233 -13.07 -34.93 2.93
N SER B 234 -11.90 -34.35 2.69
CA SER B 234 -10.73 -34.28 3.61
C SER B 234 -9.93 -33.02 3.31
N GLU B 235 -8.72 -32.91 3.87
CA GLU B 235 -7.81 -31.76 3.63
C GLU B 235 -7.37 -31.80 2.16
N ASP B 236 -7.38 -32.98 1.56
CA ASP B 236 -7.01 -33.22 0.14
C ASP B 236 -8.01 -32.46 -0.74
N GLY B 237 -9.31 -32.54 -0.40
CA GLY B 237 -10.40 -31.85 -1.11
C GLY B 237 -10.26 -30.35 -0.99
N VAL B 238 -9.81 -29.87 0.18
CA VAL B 238 -9.58 -28.43 0.48
C VAL B 238 -8.49 -27.91 -0.47
N MET B 239 -7.35 -28.60 -0.49
CA MET B 239 -6.18 -28.25 -1.37
C MET B 239 -6.66 -28.19 -2.82
N ALA B 240 -7.36 -29.25 -3.26
CA ALA B 240 -7.88 -29.42 -4.64
C ALA B 240 -8.75 -28.22 -5.03
N ARG B 241 -9.74 -27.87 -4.19
CA ARG B 241 -10.69 -26.76 -4.41
C ARG B 241 -9.94 -25.44 -4.62
N GLN B 242 -9.06 -25.06 -3.68
CA GLN B 242 -8.31 -23.77 -3.72
C GLN B 242 -7.35 -23.76 -4.92
N LEU B 243 -6.76 -24.91 -5.25
CA LEU B 243 -5.84 -25.04 -6.42
C LEU B 243 -6.65 -24.78 -7.70
N VAL B 244 -7.74 -25.50 -7.88
CA VAL B 244 -8.65 -25.40 -9.07
C VAL B 244 -9.10 -23.95 -9.22
N TYR B 245 -9.53 -23.29 -8.14
CA TYR B 245 -9.96 -21.87 -8.14
C TYR B 245 -8.84 -20.99 -8.71
N THR B 246 -7.62 -21.17 -8.20
CA THR B 246 -6.41 -20.40 -8.59
C THR B 246 -6.14 -20.60 -10.09
N ILE B 247 -6.15 -21.85 -10.57
CA ILE B 247 -5.91 -22.20 -12.00
C ILE B 247 -6.99 -21.50 -12.84
N ALA B 248 -8.25 -21.63 -12.44
CA ALA B 248 -9.43 -21.05 -13.13
C ALA B 248 -9.28 -19.53 -13.21
N ASP B 249 -8.97 -18.88 -12.08
CA ASP B 249 -8.82 -17.41 -11.96
C ASP B 249 -7.75 -16.89 -12.92
N VAL B 250 -6.55 -17.50 -12.91
CA VAL B 250 -5.39 -17.08 -13.76
C VAL B 250 -5.77 -17.23 -15.23
N SER B 251 -6.39 -18.36 -15.60
CA SER B 251 -6.79 -18.72 -16.99
C SER B 251 -7.90 -17.80 -17.51
N SER B 252 -8.96 -17.62 -16.71
CA SER B 252 -10.19 -16.88 -17.08
C SER B 252 -9.98 -15.37 -17.12
N LYS B 253 -8.94 -14.86 -16.45
CA LYS B 253 -8.76 -13.42 -16.37
C LYS B 253 -7.46 -12.99 -17.03
N VAL B 254 -6.32 -13.47 -16.52
CA VAL B 254 -5.03 -13.03 -17.01
C VAL B 254 -4.78 -13.55 -18.43
N ILE B 255 -4.75 -14.88 -18.60
CA ILE B 255 -4.46 -15.53 -19.92
C ILE B 255 -5.51 -15.11 -20.95
N TYR B 256 -6.79 -15.08 -20.57
CA TYR B 256 -7.94 -14.67 -21.42
C TYR B 256 -7.68 -13.24 -21.93
N GLY B 257 -7.21 -12.37 -21.05
CA GLY B 257 -6.90 -10.96 -21.34
C GLY B 257 -5.72 -10.83 -22.28
N VAL B 258 -4.70 -11.67 -22.12
CA VAL B 258 -3.47 -11.68 -22.96
C VAL B 258 -3.86 -12.06 -24.39
N LEU B 259 -4.70 -13.09 -24.56
CA LEU B 259 -5.17 -13.57 -25.88
C LEU B 259 -5.96 -12.45 -26.59
N LEU B 260 -6.86 -11.77 -25.86
CA LEU B 260 -7.66 -10.64 -26.41
C LEU B 260 -6.71 -9.55 -26.90
N GLY B 261 -5.66 -9.27 -26.13
CA GLY B 261 -4.63 -8.27 -26.47
C GLY B 261 -3.91 -8.65 -27.76
N ASN B 262 -3.56 -9.93 -27.89
CA ASN B 262 -2.87 -10.50 -29.07
C ASN B 262 -3.77 -10.37 -30.31
N LEU B 263 -5.08 -10.63 -30.14
CA LEU B 263 -6.08 -10.53 -31.23
C LEU B 263 -6.20 -9.06 -31.66
N ALA B 264 -6.26 -8.14 -30.68
CA ALA B 264 -6.36 -6.69 -30.89
C ALA B 264 -5.19 -6.23 -31.77
N ILE B 265 -3.97 -6.71 -31.47
CA ILE B 265 -2.72 -6.41 -32.21
C ILE B 265 -2.85 -6.92 -33.65
N THR B 266 -3.36 -8.14 -33.80
CA THR B 266 -3.56 -8.84 -35.10
C THR B 266 -4.50 -8.01 -36.01
N LEU B 267 -5.51 -7.37 -35.41
CA LEU B 267 -6.53 -6.57 -36.15
C LEU B 267 -6.09 -5.11 -36.26
N SER B 268 -5.04 -4.71 -35.52
CA SER B 268 -4.49 -3.33 -35.51
C SER B 268 -3.73 -3.06 -36.81
N LYS B 269 -3.86 -1.85 -37.35
CA LYS B 269 -3.22 -1.40 -38.62
C LYS B 269 -2.47 -0.09 -38.35
N GLN C 1 7.29 -32.59 20.89
CA GLN C 1 6.36 -31.92 19.94
C GLN C 1 6.66 -32.40 18.51
N GLU C 2 5.61 -32.79 17.78
CA GLU C 2 5.71 -33.30 16.37
C GLU C 2 5.43 -32.14 15.41
N LEU C 3 6.40 -31.84 14.53
CA LEU C 3 6.30 -30.75 13.52
C LEU C 3 5.85 -31.35 12.18
N GLY C 4 6.16 -32.62 11.93
CA GLY C 4 5.79 -33.35 10.71
C GLY C 4 6.67 -32.98 9.54
N ASN C 5 6.06 -32.78 8.37
CA ASN C 5 6.74 -32.43 7.09
C ASN C 5 6.98 -30.91 7.05
N ALA C 6 7.89 -30.41 7.89
CA ALA C 6 8.23 -28.98 8.02
C ALA C 6 9.70 -28.74 7.65
N ASN C 7 10.03 -27.50 7.25
CA ASN C 7 11.41 -27.09 6.88
C ASN C 7 12.30 -27.18 8.13
N PHE C 8 13.61 -27.36 7.93
CA PHE C 8 14.59 -27.59 9.02
C PHE C 8 14.71 -26.34 9.91
N GLU C 9 14.38 -25.16 9.37
CA GLU C 9 14.44 -23.88 10.14
C GLU C 9 13.62 -24.03 11.43
N ASN C 10 12.47 -24.69 11.32
CA ASN C 10 11.49 -24.90 12.44
C ASN C 10 12.11 -25.80 13.51
N PHE C 11 12.84 -26.85 13.10
CA PHE C 11 13.50 -27.83 14.00
C PHE C 11 14.60 -27.13 14.81
N ILE C 12 15.40 -26.30 14.17
CA ILE C 12 16.51 -25.52 14.83
C ILE C 12 15.87 -24.56 15.84
N GLY C 13 14.82 -23.85 15.43
CA GLY C 13 14.11 -22.85 16.25
C GLY C 13 13.34 -23.48 17.39
N ALA C 14 12.91 -24.74 17.22
CA ALA C 14 12.10 -25.50 18.21
C ALA C 14 13.00 -26.17 19.25
N THR C 15 14.25 -26.48 18.89
CA THR C 15 15.23 -27.18 19.76
C THR C 15 16.27 -26.19 20.33
N GLU C 16 17.27 -25.83 19.53
CA GLU C 16 18.40 -24.95 19.93
C GLU C 16 17.94 -23.50 20.08
N GLY C 17 17.09 -23.03 19.15
CA GLY C 17 16.64 -21.63 19.08
C GLY C 17 17.62 -20.81 18.26
N PHE C 18 17.33 -19.53 18.02
CA PHE C 18 18.19 -18.62 17.22
C PHE C 18 18.75 -17.50 18.09
N SER C 19 20.03 -17.16 17.87
CA SER C 19 20.75 -16.06 18.54
C SER C 19 20.29 -14.73 17.93
N GLU C 20 20.51 -13.62 18.63
CA GLU C 20 20.12 -12.25 18.18
C GLU C 20 20.62 -12.03 16.75
N ILE C 21 21.89 -12.38 16.49
CA ILE C 21 22.56 -12.22 15.15
C ILE C 21 21.82 -13.08 14.11
N ALA C 22 21.75 -14.38 14.34
CA ALA C 22 21.11 -15.37 13.43
C ALA C 22 19.72 -14.87 13.04
N TYR C 23 18.87 -14.53 14.00
CA TYR C 23 17.47 -14.07 13.80
C TYR C 23 17.45 -12.72 13.07
N GLN C 24 18.11 -11.72 13.64
CA GLN C 24 18.17 -10.35 13.09
C GLN C 24 18.68 -10.38 11.64
N PHE C 25 19.82 -11.01 11.39
CA PHE C 25 20.44 -11.11 10.03
C PHE C 25 19.42 -11.64 9.03
N THR C 26 18.79 -12.77 9.34
CA THR C 26 17.78 -13.45 8.47
C THR C 26 16.67 -12.46 8.13
N SER C 27 16.25 -11.65 9.11
N SER C 27 16.25 -11.65 9.11
CA SER C 27 15.19 -10.61 8.98
CA SER C 27 15.19 -10.62 8.97
C SER C 27 15.66 -9.50 8.03
C SER C 27 15.66 -9.50 8.03
N HIS C 28 16.90 -9.04 8.22
CA HIS C 28 17.51 -7.95 7.40
C HIS C 28 17.69 -8.40 5.95
N ILE C 29 18.22 -9.61 5.73
CA ILE C 29 18.53 -10.13 4.37
C ILE C 29 17.22 -10.34 3.60
N LEU C 30 16.15 -10.77 4.27
CA LEU C 30 14.81 -10.99 3.65
C LEU C 30 14.17 -9.63 3.37
N THR C 31 14.36 -8.66 4.26
CA THR C 31 13.84 -7.27 4.13
C THR C 31 14.51 -6.61 2.92
N LEU C 32 15.83 -6.66 2.86
CA LEU C 32 16.65 -6.12 1.74
C LEU C 32 16.14 -6.76 0.44
N GLY C 33 15.77 -8.05 0.51
CA GLY C 33 15.26 -8.85 -0.62
C GLY C 33 14.13 -8.13 -1.35
N TYR C 34 12.98 -7.96 -0.69
CA TYR C 34 11.76 -7.36 -1.30
C TYR C 34 12.01 -5.87 -1.60
N ALA C 35 12.91 -5.23 -0.86
CA ALA C 35 13.26 -3.79 -1.04
C ALA C 35 13.91 -3.60 -2.42
N VAL C 36 14.84 -4.50 -2.77
CA VAL C 36 15.60 -4.48 -4.06
C VAL C 36 14.61 -4.67 -5.22
N MET C 37 13.63 -5.57 -5.06
CA MET C 37 12.64 -5.92 -6.10
C MET C 37 11.77 -4.72 -6.45
N LEU C 38 11.37 -3.92 -5.44
CA LEU C 38 10.50 -2.73 -5.64
C LEU C 38 11.33 -1.60 -6.27
N ALA C 39 12.63 -1.54 -5.94
CA ALA C 39 13.59 -0.57 -6.48
C ALA C 39 13.82 -0.89 -7.97
N GLY C 40 13.92 -2.19 -8.29
CA GLY C 40 14.12 -2.70 -9.65
C GLY C 40 12.89 -2.42 -10.52
N LEU C 41 11.70 -2.65 -9.97
CA LEU C 41 10.40 -2.40 -10.65
C LEU C 41 10.37 -0.98 -11.19
N LEU C 42 10.75 -0.02 -10.34
CA LEU C 42 10.77 1.44 -10.66
C LEU C 42 11.78 1.71 -11.77
N TYR C 43 12.94 1.05 -11.73
CA TYR C 43 14.05 1.22 -12.70
C TYR C 43 13.60 0.78 -14.11
N PHE C 44 13.08 -0.44 -14.23
CA PHE C 44 12.65 -1.05 -15.51
C PHE C 44 11.53 -0.23 -16.16
N ILE C 45 10.67 0.39 -15.36
CA ILE C 45 9.53 1.23 -15.85
C ILE C 45 10.06 2.58 -16.37
N LEU C 46 10.97 3.22 -15.62
CA LEU C 46 11.53 4.56 -15.94
C LEU C 46 12.53 4.48 -17.11
N THR C 47 12.95 3.29 -17.52
CA THR C 47 13.97 3.10 -18.61
C THR C 47 13.36 2.40 -19.83
N ILE C 48 12.03 2.30 -19.91
CA ILE C 48 11.32 1.63 -21.03
C ILE C 48 11.59 2.38 -22.34
N LYS C 49 11.54 3.73 -22.29
CA LYS C 49 11.71 4.61 -23.49
C LYS C 49 13.20 4.82 -23.81
N ASN C 50 14.09 3.97 -23.27
CA ASN C 50 15.56 4.05 -23.50
C ASN C 50 15.99 3.01 -24.54
N VAL C 51 15.05 2.21 -25.04
CA VAL C 51 15.32 1.16 -26.07
C VAL C 51 14.22 1.20 -27.13
N ASP C 52 14.52 0.70 -28.34
CA ASP C 52 13.57 0.64 -29.48
C ASP C 52 12.31 -0.11 -29.02
N LYS C 53 11.16 0.21 -29.61
CA LYS C 53 9.83 -0.36 -29.27
C LYS C 53 9.88 -1.89 -29.27
N LYS C 54 10.70 -2.49 -30.15
CA LYS C 54 10.77 -3.96 -30.33
C LYS C 54 11.40 -4.64 -29.10
N PHE C 55 12.21 -3.93 -28.31
CA PHE C 55 12.92 -4.49 -27.13
C PHE C 55 12.20 -4.15 -25.82
N GLN C 56 11.24 -3.22 -25.85
CA GLN C 56 10.53 -2.72 -24.64
C GLN C 56 9.81 -3.86 -23.93
N MET C 57 9.44 -4.94 -24.63
CA MET C 57 8.72 -6.10 -24.03
C MET C 57 9.59 -6.73 -22.95
N SER C 58 10.92 -6.56 -23.04
CA SER C 58 11.91 -7.09 -22.08
C SER C 58 11.79 -6.36 -20.74
N ASN C 59 11.68 -5.03 -20.78
CA ASN C 59 11.53 -4.17 -19.57
C ASN C 59 10.19 -4.51 -18.88
N ILE C 60 9.14 -4.68 -19.67
CA ILE C 60 7.75 -5.01 -19.19
C ILE C 60 7.79 -6.33 -18.41
N LEU C 61 8.41 -7.37 -18.98
CA LEU C 61 8.50 -8.71 -18.34
C LEU C 61 9.35 -8.62 -17.07
N SER C 62 10.43 -7.82 -17.08
CA SER C 62 11.32 -7.58 -15.91
C SER C 62 10.48 -6.98 -14.78
N ALA C 63 9.62 -6.00 -15.12
CA ALA C 63 8.71 -5.30 -14.19
C ALA C 63 7.71 -6.31 -13.62
N VAL C 64 7.15 -7.16 -14.47
CA VAL C 64 6.17 -8.23 -14.09
C VAL C 64 6.82 -9.13 -13.03
N VAL C 65 8.07 -9.54 -13.26
N VAL C 65 8.07 -9.55 -13.26
CA VAL C 65 8.86 -10.42 -12.34
CA VAL C 65 8.85 -10.44 -12.36
C VAL C 65 9.07 -9.70 -11.01
C VAL C 65 9.08 -9.71 -11.03
N MET C 66 9.45 -8.41 -11.06
N MET C 66 9.51 -8.45 -11.07
CA MET C 66 9.72 -7.57 -9.85
CA MET C 66 9.80 -7.62 -9.87
C MET C 66 8.48 -7.54 -8.95
C MET C 66 8.58 -7.66 -8.94
N VAL C 67 7.33 -7.13 -9.49
N VAL C 67 7.38 -7.48 -9.48
CA VAL C 67 6.03 -7.01 -8.76
CA VAL C 67 6.08 -7.47 -8.74
C VAL C 67 5.81 -8.27 -7.93
C VAL C 67 5.93 -8.80 -7.98
N SER C 68 5.45 -9.38 -8.59
N SER C 68 6.22 -9.92 -8.64
CA SER C 68 5.19 -10.70 -7.95
CA SER C 68 6.13 -11.29 -8.07
C SER C 68 6.30 -11.02 -6.94
C SER C 68 7.13 -11.45 -6.92
N ALA C 69 7.56 -10.82 -7.33
N ALA C 69 8.40 -11.16 -7.19
CA ALA C 69 8.77 -11.08 -6.50
CA ALA C 69 9.52 -11.26 -6.22
C ALA C 69 8.66 -10.31 -5.18
C ALA C 69 9.21 -10.42 -4.98
N PHE C 70 8.28 -9.02 -5.26
N PHE C 70 8.92 -9.13 -5.16
CA PHE C 70 8.13 -8.11 -4.10
CA PHE C 70 8.59 -8.17 -4.08
C PHE C 70 7.06 -8.66 -3.13
C PHE C 70 7.53 -8.77 -3.15
N LEU C 71 5.89 -9.01 -3.66
N LEU C 71 6.32 -8.99 -3.67
CA LEU C 71 4.74 -9.53 -2.88
CA LEU C 71 5.16 -9.53 -2.91
C LEU C 71 5.12 -10.83 -2.16
C LEU C 71 5.60 -10.76 -2.09
N LEU C 72 5.50 -11.87 -2.92
N LEU C 72 6.27 -11.71 -2.72
CA LEU C 72 5.87 -13.20 -2.37
CA LEU C 72 6.69 -13.00 -2.10
C LEU C 72 7.01 -13.05 -1.35
C LEU C 72 7.73 -12.76 -1.01
N LEU C 73 8.09 -12.35 -1.70
N LEU C 73 8.78 -11.99 -1.30
CA LEU C 73 9.28 -12.16 -0.81
CA LEU C 73 9.89 -11.71 -0.35
C LEU C 73 8.88 -11.33 0.42
C LEU C 73 9.37 -10.91 0.85
N TYR C 74 7.96 -10.37 0.26
N TYR C 74 8.38 -10.04 0.64
CA TYR C 74 7.47 -9.52 1.38
CA TYR C 74 7.73 -9.23 1.71
C TYR C 74 6.77 -10.42 2.40
C TYR C 74 6.91 -10.16 2.59
N ALA C 75 5.95 -11.35 1.91
N ALA C 75 6.11 -11.03 1.97
CA ALA C 75 5.20 -12.34 2.73
CA ALA C 75 5.25 -12.03 2.64
C ALA C 75 6.20 -13.25 3.44
C ALA C 75 6.14 -13.03 3.39
N GLN C 76 7.20 -13.75 2.70
N GLN C 76 7.25 -13.45 2.75
CA GLN C 76 8.25 -14.68 3.20
CA GLN C 76 8.22 -14.43 3.30
C GLN C 76 8.98 -14.03 4.38
C GLN C 76 8.92 -13.83 4.53
N ALA C 77 9.22 -12.72 4.31
N ALA C 77 9.24 -12.55 4.48
CA ALA C 77 9.91 -11.92 5.35
CA ALA C 77 9.91 -11.79 5.57
C ALA C 77 9.03 -11.85 6.60
C ALA C 77 8.98 -11.75 6.80
N GLN C 78 7.71 -11.86 6.41
N GLN C 78 7.78 -11.20 6.62
CA GLN C 78 6.69 -11.79 7.50
CA GLN C 78 6.75 -11.08 7.68
C GLN C 78 6.56 -13.19 8.13
C GLN C 78 6.53 -12.44 8.34
N ASN C 79 6.64 -14.23 7.30
N ASN C 79 6.57 -13.51 7.54
CA ASN C 79 6.54 -15.66 7.72
CA ASN C 79 6.39 -14.91 8.00
C ASN C 79 7.65 -15.98 8.71
C ASN C 79 7.49 -15.28 8.98
N TRP C 80 8.80 -15.29 8.59
N TRP C 80 8.74 -14.92 8.67
CA TRP C 80 10.00 -15.48 9.44
CA TRP C 80 9.95 -15.22 9.49
C TRP C 80 9.79 -14.85 10.82
C TRP C 80 9.81 -14.63 10.88
N THR C 81 9.69 -13.51 10.88
N THR C 81 9.52 -13.32 10.97
CA THR C 81 9.55 -12.70 12.11
CA THR C 81 9.41 -12.55 12.25
C THR C 81 8.35 -13.15 12.94
C THR C 81 8.24 -13.06 13.08
N SER C 82 7.34 -13.76 12.30
N SER C 82 7.25 -13.70 12.45
CA SER C 82 6.08 -14.21 12.93
CA SER C 82 6.00 -14.20 13.10
C SER C 82 6.22 -15.60 13.56
C SER C 82 6.20 -15.60 13.67
N SER C 83 7.08 -16.45 12.98
N SER C 83 7.03 -16.43 13.04
CA SER C 83 7.27 -17.87 13.38
CA SER C 83 7.26 -17.85 13.39
C SER C 83 8.25 -18.01 14.55
C SER C 83 8.24 -18.00 14.55
N PHE C 84 9.00 -16.95 14.88
CA PHE C 84 10.02 -17.00 15.97
C PHE C 84 9.89 -15.80 16.91
N THR C 85 9.72 -16.11 18.21
CA THR C 85 9.58 -15.14 19.33
C THR C 85 10.77 -15.29 20.28
N PHE C 86 11.18 -14.19 20.91
CA PHE C 86 12.34 -14.11 21.84
C PHE C 86 11.95 -14.65 23.21
N ASN C 87 12.83 -15.46 23.80
CA ASN C 87 12.68 -16.05 25.17
C ASN C 87 13.65 -15.33 26.10
N GLU C 88 13.13 -14.52 27.03
CA GLU C 88 13.88 -13.65 27.97
C GLU C 88 14.86 -14.47 28.83
N GLU C 89 14.38 -15.59 29.39
CA GLU C 89 15.17 -16.46 30.31
C GLU C 89 16.50 -16.86 29.66
N VAL C 90 16.47 -17.44 28.47
CA VAL C 90 17.66 -17.97 27.74
C VAL C 90 18.22 -16.89 26.79
N GLY C 91 17.39 -15.97 26.31
CA GLY C 91 17.80 -14.88 25.41
C GLY C 91 18.04 -15.36 23.99
N ARG C 92 17.13 -16.20 23.48
CA ARG C 92 17.18 -16.76 22.11
C ARG C 92 15.75 -16.81 21.55
N TYR C 93 15.61 -16.76 20.23
CA TYR C 93 14.29 -16.82 19.53
C TYR C 93 13.95 -18.29 19.25
N PHE C 94 12.77 -18.72 19.72
CA PHE C 94 12.25 -20.11 19.57
C PHE C 94 10.98 -20.09 18.70
N LEU C 95 10.66 -21.26 18.12
CA LEU C 95 9.47 -21.47 17.26
C LEU C 95 8.21 -21.03 18.03
N ASP C 96 7.47 -20.07 17.48
CA ASP C 96 6.17 -19.59 18.00
C ASP C 96 5.09 -20.17 17.09
N PRO C 97 4.48 -21.32 17.46
CA PRO C 97 3.53 -22.01 16.60
C PRO C 97 2.31 -21.15 16.21
N SER C 98 1.90 -20.23 17.08
CA SER C 98 0.73 -19.34 16.88
C SER C 98 0.93 -18.51 15.61
N GLY C 99 2.18 -18.29 15.21
CA GLY C 99 2.55 -17.50 14.01
C GLY C 99 2.73 -18.39 12.79
N ASP C 100 2.40 -19.68 12.90
CA ASP C 100 2.52 -20.68 11.81
C ASP C 100 3.98 -21.09 11.66
N LEU C 101 4.23 -22.32 11.18
CA LEU C 101 5.59 -22.84 10.90
C LEU C 101 6.13 -22.11 9.67
N PHE C 102 7.44 -21.84 9.67
N PHE C 102 7.44 -21.82 9.67
CA PHE C 102 8.16 -21.18 8.55
CA PHE C 102 8.15 -21.15 8.55
C PHE C 102 8.34 -22.18 7.41
C PHE C 102 8.35 -22.17 7.42
N ASN C 103 8.01 -21.78 6.18
N ASN C 103 8.01 -21.78 6.19
CA ASN C 103 8.12 -22.64 4.97
CA ASN C 103 8.13 -22.65 4.99
C ASN C 103 8.66 -21.79 3.81
C ASN C 103 8.69 -21.82 3.82
N ASN C 104 9.62 -22.32 3.07
N ASN C 104 9.65 -22.37 3.09
CA ASN C 104 10.26 -21.65 1.90
CA ASN C 104 10.30 -21.73 1.91
C ASN C 104 9.37 -21.87 0.67
C ASN C 104 9.41 -21.95 0.69
N GLY C 105 8.06 -22.03 0.89
N GLY C 105 8.49 -22.91 0.77
CA GLY C 105 7.05 -22.28 -0.17
CA GLY C 105 7.53 -23.27 -0.29
C GLY C 105 6.74 -21.04 -0.98
C GLY C 105 7.04 -22.05 -1.04
N TYR C 106 6.54 -19.90 -0.30
N TYR C 106 6.82 -20.93 -0.33
CA TYR C 106 6.20 -18.59 -0.93
CA TYR C 106 6.35 -19.64 -0.90
C TYR C 106 7.23 -18.26 -2.01
C TYR C 106 7.15 -19.32 -2.16
N ARG C 107 8.50 -18.62 -1.78
N ARG C 107 8.47 -19.10 -2.01
CA ARG C 107 9.65 -18.36 -2.68
CA ARG C 107 9.40 -18.78 -3.12
C ARG C 107 9.59 -19.32 -3.88
C ARG C 107 9.08 -19.65 -4.34
N TYR C 108 9.17 -20.56 -3.65
N TYR C 108 9.11 -20.97 -4.16
CA TYR C 108 9.06 -21.63 -4.68
CA TYR C 108 8.89 -22.00 -5.22
C TYR C 108 7.96 -21.30 -5.69
C TYR C 108 7.69 -21.61 -6.11
N LEU C 109 6.86 -20.68 -5.24
N LEU C 109 6.47 -21.98 -5.71
CA LEU C 109 5.73 -20.30 -6.12
CA LEU C 109 5.23 -21.72 -6.49
C LEU C 109 6.09 -19.01 -6.86
C LEU C 109 5.31 -20.37 -7.21
N ASN C 110 6.98 -18.20 -6.28
N ASN C 110 5.82 -19.33 -6.56
CA ASN C 110 7.49 -16.94 -6.91
CA ASN C 110 5.97 -17.97 -7.18
C ASN C 110 8.31 -17.35 -8.14
C ASN C 110 6.97 -18.07 -8.34
N TRP C 111 9.06 -18.45 -8.04
N TRP C 111 7.84 -19.08 -8.32
CA TRP C 111 9.89 -19.01 -9.14
CA TRP C 111 8.84 -19.31 -9.41
C TRP C 111 8.97 -19.55 -10.24
C TRP C 111 8.09 -19.64 -10.71
N LEU C 112 7.93 -20.28 -9.85
N LEU C 112 6.82 -20.02 -10.60
CA LEU C 112 6.94 -20.94 -10.76
CA LEU C 112 5.93 -20.34 -11.75
C LEU C 112 6.52 -19.98 -11.88
C LEU C 112 5.67 -19.05 -12.54
N ILE C 113 6.24 -18.71 -11.54
N ILE C 113 6.23 -17.93 -12.06
CA ILE C 113 5.76 -17.68 -12.51
CA ILE C 113 6.15 -16.58 -12.71
C ILE C 113 6.96 -16.90 -13.08
C ILE C 113 7.56 -16.15 -13.10
N ASP C 114 8.01 -16.69 -12.28
N ASP C 114 8.48 -16.13 -12.12
CA ASP C 114 9.22 -15.93 -12.69
CA ASP C 114 9.89 -15.70 -12.25
C ASP C 114 9.99 -16.71 -13.76
C ASP C 114 10.59 -16.49 -13.36
N VAL C 115 10.49 -17.91 -13.43
N VAL C 115 10.58 -17.83 -13.26
CA VAL C 115 11.27 -18.79 -14.33
CA VAL C 115 11.28 -18.75 -14.21
C VAL C 115 10.77 -18.65 -15.76
C VAL C 115 10.75 -18.58 -15.62
N PRO C 116 9.46 -18.92 -16.01
N PRO C 116 9.49 -18.98 -15.91
CA PRO C 116 8.91 -18.83 -17.36
CA PRO C 116 8.95 -18.89 -17.27
C PRO C 116 9.19 -17.47 -18.04
C PRO C 116 9.18 -17.52 -17.93
N MET C 117 8.93 -16.37 -17.32
N MET C 117 9.00 -16.44 -17.16
CA MET C 117 9.08 -14.98 -17.82
CA MET C 117 9.15 -15.04 -17.65
C MET C 117 10.57 -14.68 -18.07
C MET C 117 10.62 -14.72 -17.94
N LEU C 118 11.44 -15.00 -17.11
N LEU C 118 11.52 -15.04 -17.01
CA LEU C 118 12.91 -14.75 -17.17
CA LEU C 118 12.98 -14.76 -17.12
C LEU C 118 13.52 -15.41 -18.40
C LEU C 118 13.56 -15.43 -18.36
N LEU C 119 13.11 -16.66 -18.70
N LEU C 119 13.15 -16.67 -18.66
CA LEU C 119 13.63 -17.45 -19.85
CA LEU C 119 13.65 -17.47 -19.81
C LEU C 119 13.03 -16.93 -21.16
C LEU C 119 13.05 -16.94 -21.11
N PHE C 120 11.83 -16.36 -21.10
N PHE C 120 11.84 -16.37 -21.06
CA PHE C 120 11.03 -15.92 -22.27
CA PHE C 120 11.05 -15.92 -22.24
C PHE C 120 11.43 -14.51 -22.73
C PHE C 120 11.44 -14.52 -22.70
N GLN C 121 11.84 -13.63 -21.80
N GLN C 121 11.85 -13.64 -21.78
CA GLN C 121 12.15 -12.21 -22.11
CA GLN C 121 12.15 -12.21 -22.11
C GLN C 121 13.42 -12.10 -22.98
C GLN C 121 13.42 -12.10 -22.98
N ILE C 122 14.38 -13.00 -22.81
CA ILE C 122 15.66 -12.96 -23.59
C ILE C 122 15.35 -13.16 -25.08
N LEU C 123 14.22 -13.79 -25.41
CA LEU C 123 13.81 -14.10 -26.80
C LEU C 123 13.29 -12.84 -27.51
N PHE C 124 13.19 -11.71 -26.79
CA PHE C 124 12.71 -10.42 -27.33
C PHE C 124 13.89 -9.48 -27.58
N VAL C 125 15.10 -9.88 -27.18
CA VAL C 125 16.35 -9.07 -27.33
C VAL C 125 17.25 -9.72 -28.37
N VAL C 126 17.45 -11.05 -28.28
CA VAL C 126 18.32 -11.82 -29.22
C VAL C 126 17.47 -12.38 -30.36
N SER C 127 18.12 -12.75 -31.47
CA SER C 127 17.49 -13.34 -32.68
C SER C 127 18.02 -14.75 -32.89
N LEU C 128 17.14 -15.76 -32.83
CA LEU C 128 17.49 -17.18 -33.08
C LEU C 128 17.85 -17.32 -34.56
N THR C 129 18.64 -18.34 -34.90
CA THR C 129 19.11 -18.61 -36.28
C THR C 129 18.48 -19.91 -36.81
N THR C 130 18.85 -21.05 -36.24
CA THR C 130 18.40 -22.40 -36.69
C THR C 130 17.29 -22.92 -35.76
N SER C 131 17.14 -22.35 -34.57
CA SER C 131 16.12 -22.75 -33.55
C SER C 131 14.83 -21.96 -33.76
N LYS C 132 13.68 -22.61 -33.58
CA LYS C 132 12.33 -22.02 -33.71
C LYS C 132 11.94 -21.36 -32.37
N PHE C 133 11.46 -20.12 -32.43
CA PHE C 133 11.03 -19.30 -31.26
C PHE C 133 10.08 -20.13 -30.38
N SER C 134 8.94 -20.55 -30.95
CA SER C 134 7.89 -21.33 -30.27
C SER C 134 8.49 -22.58 -29.60
N SER C 135 9.34 -23.32 -30.32
CA SER C 135 10.00 -24.56 -29.86
C SER C 135 10.78 -24.28 -28.56
N VAL C 136 11.73 -23.35 -28.61
CA VAL C 136 12.60 -22.96 -27.46
C VAL C 136 11.70 -22.56 -26.27
N ARG C 137 10.74 -21.67 -26.50
CA ARG C 137 9.78 -21.15 -25.48
C ARG C 137 9.12 -22.33 -24.77
N ASN C 138 8.47 -23.21 -25.52
CA ASN C 138 7.74 -24.40 -25.00
C ASN C 138 8.65 -25.24 -24.11
N GLN C 139 9.90 -25.46 -24.53
CA GLN C 139 10.90 -26.27 -23.77
C GLN C 139 11.17 -25.60 -22.42
N PHE C 140 11.50 -24.31 -22.42
CA PHE C 140 11.78 -23.50 -21.20
C PHE C 140 10.60 -23.62 -20.22
N TRP C 141 9.41 -23.28 -20.70
CA TRP C 141 8.13 -23.26 -19.93
C TRP C 141 7.83 -24.63 -19.31
N PHE C 142 7.97 -25.71 -20.08
CA PHE C 142 7.69 -27.10 -19.61
C PHE C 142 8.72 -27.49 -18.54
N SER C 143 10.00 -27.59 -18.94
CA SER C 143 11.13 -27.99 -18.05
C SER C 143 11.15 -27.08 -16.81
N GLY C 144 10.91 -25.79 -17.01
CA GLY C 144 10.87 -24.78 -15.93
C GLY C 144 9.82 -25.12 -14.89
N ALA C 145 8.60 -25.43 -15.34
CA ALA C 145 7.45 -25.79 -14.48
C ALA C 145 7.76 -27.08 -13.71
N MET C 146 8.15 -28.13 -14.41
CA MET C 146 8.47 -29.47 -13.83
C MET C 146 9.58 -29.33 -12.79
N MET C 147 10.59 -28.50 -13.07
CA MET C 147 11.76 -28.27 -12.18
C MET C 147 11.28 -27.71 -10.84
N ILE C 148 10.45 -26.66 -10.89
N ILE C 148 10.45 -26.66 -10.89
CA ILE C 148 9.90 -25.95 -9.68
CA ILE C 148 9.89 -25.94 -9.70
C ILE C 148 8.97 -26.90 -8.92
C ILE C 148 8.97 -26.89 -8.92
N ILE C 149 7.95 -27.44 -9.58
CA ILE C 149 6.93 -28.35 -8.97
C ILE C 149 7.63 -29.48 -8.21
N THR C 150 8.49 -30.25 -8.87
CA THR C 150 9.22 -31.42 -8.27
C THR C 150 9.99 -30.95 -7.04
N GLY C 151 10.72 -29.83 -7.14
CA GLY C 151 11.51 -29.25 -6.05
C GLY C 151 10.64 -28.83 -4.88
N TYR C 152 9.48 -28.23 -5.19
CA TYR C 152 8.48 -27.74 -4.20
C TYR C 152 8.01 -28.90 -3.31
N ILE C 153 7.84 -30.08 -3.91
CA ILE C 153 7.39 -31.32 -3.23
C ILE C 153 8.50 -31.81 -2.29
N GLY C 154 9.74 -31.88 -2.79
CA GLY C 154 10.92 -32.38 -2.05
C GLY C 154 11.25 -31.58 -0.80
N GLN C 155 11.16 -30.25 -0.88
CA GLN C 155 11.53 -29.31 0.21
C GLN C 155 10.67 -29.56 1.46
N PHE C 156 9.50 -30.19 1.30
CA PHE C 156 8.56 -30.52 2.42
C PHE C 156 9.12 -31.68 3.25
N TYR C 157 10.00 -32.49 2.67
CA TYR C 157 10.56 -33.71 3.31
C TYR C 157 12.06 -33.56 3.60
N GLU C 158 12.57 -32.32 3.62
CA GLU C 158 14.01 -32.03 3.82
C GLU C 158 14.44 -32.50 5.22
N VAL C 159 13.49 -32.91 6.06
CA VAL C 159 13.77 -33.39 7.46
C VAL C 159 13.00 -34.70 7.71
N SER C 160 11.69 -34.70 7.46
CA SER C 160 10.78 -35.85 7.71
C SER C 160 11.21 -37.10 6.93
N ASN C 161 11.67 -36.96 5.68
CA ASN C 161 12.06 -38.10 4.80
C ASN C 161 13.18 -37.67 3.85
N LEU C 162 14.44 -37.82 4.29
CA LEU C 162 15.66 -37.44 3.55
C LEU C 162 15.68 -38.09 2.15
N THR C 163 15.16 -39.32 2.04
CA THR C 163 15.12 -40.10 0.78
C THR C 163 14.29 -39.35 -0.26
N ALA C 164 13.00 -39.11 0.02
CA ALA C 164 12.06 -38.39 -0.86
C ALA C 164 12.65 -37.04 -1.25
N PHE C 165 13.28 -36.36 -0.30
CA PHE C 165 13.92 -35.03 -0.45
C PHE C 165 14.95 -35.05 -1.58
N LEU C 166 15.82 -36.07 -1.60
CA LEU C 166 16.91 -36.24 -2.60
C LEU C 166 16.35 -36.72 -3.94
N VAL C 167 15.44 -37.71 -3.93
CA VAL C 167 14.83 -38.29 -5.16
C VAL C 167 14.21 -37.15 -5.99
N TRP C 168 13.32 -36.37 -5.39
CA TRP C 168 12.64 -35.21 -6.04
C TRP C 168 13.69 -34.20 -6.51
N GLY C 169 14.65 -33.87 -5.64
CA GLY C 169 15.74 -32.93 -5.94
C GLY C 169 16.50 -33.36 -7.18
N ALA C 170 16.72 -34.68 -7.33
CA ALA C 170 17.41 -35.31 -8.46
C ALA C 170 16.57 -35.13 -9.74
N ILE C 171 15.30 -35.54 -9.69
CA ILE C 171 14.33 -35.41 -10.81
C ILE C 171 14.34 -33.96 -11.29
N SER C 172 14.21 -33.02 -10.34
CA SER C 172 14.22 -31.55 -10.59
C SER C 172 15.48 -31.17 -11.36
N SER C 173 16.65 -31.64 -10.89
CA SER C 173 17.98 -31.37 -11.48
C SER C 173 17.97 -31.74 -12.98
N ALA C 174 17.33 -32.86 -13.33
CA ALA C 174 17.22 -33.35 -14.72
C ALA C 174 16.71 -32.22 -15.62
N PHE C 175 15.56 -31.63 -15.28
CA PHE C 175 14.90 -30.53 -16.03
C PHE C 175 15.79 -29.28 -16.02
N PHE C 176 16.56 -29.08 -14.93
CA PHE C 176 17.49 -27.93 -14.75
C PHE C 176 18.58 -27.98 -15.82
N PHE C 177 19.19 -29.16 -16.04
CA PHE C 177 20.26 -29.39 -17.03
C PHE C 177 19.71 -29.12 -18.44
N HIS C 178 18.48 -29.55 -18.71
CA HIS C 178 17.79 -29.37 -20.03
C HIS C 178 17.63 -27.87 -20.31
N ILE C 179 17.28 -27.09 -19.29
CA ILE C 179 17.10 -25.61 -19.39
C ILE C 179 18.46 -24.97 -19.71
N LEU C 180 19.51 -25.36 -18.98
CA LEU C 180 20.90 -24.87 -19.19
C LEU C 180 21.31 -25.14 -20.65
N TRP C 181 20.93 -26.32 -21.17
CA TRP C 181 21.25 -26.76 -22.56
C TRP C 181 20.61 -25.82 -23.58
N VAL C 182 19.29 -25.62 -23.47
CA VAL C 182 18.47 -24.75 -24.38
C VAL C 182 18.99 -23.31 -24.30
N MET C 183 19.21 -22.80 -23.08
CA MET C 183 19.69 -21.42 -22.84
C MET C 183 21.05 -21.23 -23.53
N LYS C 184 21.92 -22.25 -23.49
CA LYS C 184 23.26 -22.21 -24.11
C LYS C 184 23.09 -22.00 -25.61
N LYS C 185 22.19 -22.76 -26.25
CA LYS C 185 21.87 -22.64 -27.70
C LYS C 185 21.45 -21.20 -28.00
N VAL C 186 20.46 -20.70 -27.26
CA VAL C 186 19.86 -19.33 -27.41
C VAL C 186 20.98 -18.29 -27.37
N ILE C 187 21.92 -18.41 -26.42
CA ILE C 187 23.06 -17.47 -26.23
C ILE C 187 23.93 -17.49 -27.50
N ASN C 188 24.31 -18.69 -27.96
CA ASN C 188 25.17 -18.89 -29.15
C ASN C 188 24.51 -18.26 -30.38
N GLU C 189 23.27 -18.67 -30.70
CA GLU C 189 22.50 -18.15 -31.87
C GLU C 189 22.31 -16.63 -31.72
N GLY C 190 22.21 -16.15 -30.48
CA GLY C 190 22.02 -14.72 -30.16
C GLY C 190 23.26 -13.90 -30.51
N LYS C 191 24.44 -14.46 -30.29
CA LYS C 191 25.76 -13.83 -30.56
C LYS C 191 25.94 -13.61 -32.07
N GLU C 192 25.43 -14.53 -32.89
CA GLU C 192 25.54 -14.50 -34.37
C GLU C 192 24.72 -13.33 -34.93
N GLY C 193 25.39 -12.38 -35.58
CA GLY C 193 24.75 -11.23 -36.26
C GLY C 193 24.93 -9.91 -35.54
N ILE C 194 25.18 -9.93 -34.22
CA ILE C 194 25.31 -8.70 -33.38
C ILE C 194 26.78 -8.29 -33.28
N SER C 195 27.03 -7.05 -32.84
CA SER C 195 28.37 -6.44 -32.68
C SER C 195 29.16 -7.16 -31.59
N PRO C 196 30.50 -6.94 -31.53
CA PRO C 196 31.33 -7.56 -30.50
C PRO C 196 30.89 -7.15 -29.09
N ALA C 197 30.39 -5.91 -28.95
CA ALA C 197 29.90 -5.34 -27.67
C ALA C 197 28.72 -6.17 -27.17
N GLY C 198 27.75 -6.45 -28.05
CA GLY C 198 26.55 -7.26 -27.74
C GLY C 198 26.94 -8.67 -27.32
N GLN C 199 27.91 -9.25 -28.03
CA GLN C 199 28.44 -10.62 -27.76
C GLN C 199 29.07 -10.63 -26.36
N LYS C 200 29.87 -9.60 -26.04
CA LYS C 200 30.54 -9.40 -24.74
C LYS C 200 29.49 -9.51 -23.62
N ILE C 201 28.35 -8.82 -23.78
CA ILE C 201 27.23 -8.77 -22.80
C ILE C 201 26.60 -10.17 -22.68
N LEU C 202 26.23 -10.80 -23.80
CA LEU C 202 25.60 -12.15 -23.82
C LEU C 202 26.51 -13.14 -23.07
N SER C 203 27.83 -13.00 -23.21
CA SER C 203 28.84 -13.84 -22.52
C SER C 203 28.70 -13.67 -21.02
N ASN C 204 28.56 -12.43 -20.56
CA ASN C 204 28.38 -12.05 -19.13
C ASN C 204 27.03 -12.59 -18.63
N ILE C 205 25.98 -12.46 -19.45
CA ILE C 205 24.60 -12.93 -19.14
C ILE C 205 24.64 -14.44 -18.89
N TRP C 206 25.36 -15.19 -19.73
CA TRP C 206 25.49 -16.67 -19.64
C TRP C 206 26.15 -17.05 -18.31
N ILE C 207 27.24 -16.38 -17.94
CA ILE C 207 28.01 -16.62 -16.68
C ILE C 207 27.09 -16.32 -15.49
N LEU C 208 26.43 -15.16 -15.50
CA LEU C 208 25.47 -14.72 -14.44
C LEU C 208 24.40 -15.79 -14.26
N PHE C 209 23.73 -16.17 -15.36
CA PHE C 209 22.64 -17.17 -15.41
C PHE C 209 23.12 -18.50 -14.81
N LEU C 210 24.30 -18.96 -15.24
CA LEU C 210 24.90 -20.25 -14.82
C LEU C 210 25.12 -20.27 -13.30
N ILE C 211 25.82 -19.26 -12.77
CA ILE C 211 26.17 -19.15 -11.33
C ILE C 211 24.91 -18.90 -10.47
N SER C 212 24.15 -17.85 -10.76
CA SER C 212 22.94 -17.42 -10.00
C SER C 212 21.92 -18.56 -9.88
N TRP C 213 21.64 -19.26 -10.98
CA TRP C 213 20.64 -20.36 -11.06
C TRP C 213 21.14 -21.61 -10.31
N THR C 214 22.45 -21.80 -10.21
CA THR C 214 23.07 -22.97 -9.52
C THR C 214 22.99 -22.79 -8.00
N LEU C 215 22.88 -21.54 -7.54
CA LEU C 215 22.81 -21.19 -6.09
C LEU C 215 21.54 -21.78 -5.46
N TYR C 216 20.42 -21.81 -6.21
CA TYR C 216 19.10 -22.30 -5.76
C TYR C 216 19.22 -23.74 -5.27
N PRO C 217 19.66 -24.70 -6.11
CA PRO C 217 19.82 -26.09 -5.68
C PRO C 217 20.80 -26.19 -4.49
N GLY C 218 21.73 -25.23 -4.39
CA GLY C 218 22.72 -25.15 -3.31
C GLY C 218 22.05 -24.82 -1.98
N ALA C 219 21.09 -23.91 -2.00
CA ALA C 219 20.28 -23.46 -0.84
C ALA C 219 19.35 -24.60 -0.41
N TYR C 220 18.93 -25.41 -1.38
CA TYR C 220 18.03 -26.58 -1.20
C TYR C 220 18.70 -27.63 -0.32
N LEU C 221 20.01 -27.85 -0.51
CA LEU C 221 20.82 -28.87 0.22
C LEU C 221 21.55 -28.24 1.41
N MET C 222 21.65 -26.90 1.44
CA MET C 222 22.39 -26.11 2.44
C MET C 222 22.49 -26.84 3.78
N PRO C 223 21.36 -27.28 4.38
CA PRO C 223 21.40 -27.91 5.71
C PRO C 223 22.18 -29.23 5.80
N TYR C 224 22.48 -29.88 4.65
CA TYR C 224 23.18 -31.20 4.62
C TYR C 224 24.47 -31.13 3.80
N LEU C 225 24.93 -29.93 3.43
CA LEU C 225 26.18 -29.75 2.63
C LEU C 225 27.40 -30.16 3.47
N THR C 226 27.25 -30.21 4.80
CA THR C 226 28.32 -30.63 5.75
C THR C 226 27.87 -31.93 6.43
N GLY C 227 27.06 -32.73 5.74
CA GLY C 227 26.53 -34.02 6.24
C GLY C 227 25.61 -33.82 7.43
N VAL C 228 24.91 -34.88 7.84
CA VAL C 228 23.95 -34.88 8.99
C VAL C 228 24.72 -34.50 10.26
N ASP C 229 24.08 -33.76 11.16
CA ASP C 229 24.68 -33.27 12.43
C ASP C 229 25.99 -32.53 12.11
N GLY C 230 26.02 -31.85 10.96
CA GLY C 230 27.18 -31.08 10.48
C GLY C 230 27.08 -29.62 10.91
N PHE C 231 28.13 -28.84 10.62
CA PHE C 231 28.25 -27.40 10.97
C PHE C 231 27.06 -26.59 10.41
N LEU C 232 26.60 -26.93 9.20
CA LEU C 232 25.52 -26.19 8.49
C LEU C 232 24.13 -26.58 9.03
N TYR C 233 24.01 -27.74 9.71
CA TYR C 233 22.72 -28.17 10.29
C TYR C 233 22.54 -27.48 11.65
N SER C 234 22.54 -26.15 11.61
CA SER C 234 22.41 -25.24 12.78
C SER C 234 21.79 -23.92 12.31
N GLU C 235 21.83 -22.88 13.15
CA GLU C 235 21.31 -21.53 12.81
C GLU C 235 22.21 -20.93 11.72
N ASP C 236 23.47 -21.38 11.67
CA ASP C 236 24.48 -20.95 10.67
C ASP C 236 23.97 -21.36 9.28
N GLY C 237 23.45 -22.59 9.17
CA GLY C 237 22.88 -23.13 7.92
C GLY C 237 21.65 -22.36 7.49
N VAL C 238 20.85 -21.92 8.45
CA VAL C 238 19.60 -21.12 8.22
C VAL C 238 20.00 -19.79 7.59
N MET C 239 20.93 -19.07 8.23
CA MET C 239 21.47 -17.77 7.73
C MET C 239 22.00 -17.96 6.30
N ALA C 240 22.84 -18.97 6.10
CA ALA C 240 23.50 -19.31 4.81
C ALA C 240 22.44 -19.49 3.72
N ARG C 241 21.41 -20.31 3.99
CA ARG C 241 20.33 -20.63 3.02
C ARG C 241 19.61 -19.35 2.58
N GLN C 242 19.12 -18.55 3.53
CA GLN C 242 18.34 -17.31 3.26
C GLN C 242 19.23 -16.27 2.57
N LEU C 243 20.52 -16.22 2.92
CA LEU C 243 21.52 -15.31 2.30
C LEU C 243 21.68 -15.70 0.83
N VAL C 244 22.00 -16.98 0.57
CA VAL C 244 22.20 -17.54 -0.80
C VAL C 244 20.96 -17.26 -1.65
N TYR C 245 19.76 -17.52 -1.13
CA TYR C 245 18.47 -17.25 -1.83
C TYR C 245 18.41 -15.78 -2.27
N THR C 246 18.69 -14.86 -1.35
CA THR C 246 18.67 -13.40 -1.57
C THR C 246 19.66 -13.03 -2.68
N ILE C 247 20.90 -13.52 -2.59
CA ILE C 247 21.97 -13.27 -3.60
C ILE C 247 21.49 -13.76 -4.96
N ALA C 248 20.99 -15.00 -5.02
CA ALA C 248 20.49 -15.67 -6.24
C ALA C 248 19.34 -14.85 -6.84
N ASP C 249 18.36 -14.46 -6.02
CA ASP C 249 17.15 -13.69 -6.45
C ASP C 249 17.57 -12.37 -7.11
N VAL C 250 18.44 -11.58 -6.45
CA VAL C 250 18.90 -10.25 -6.94
C VAL C 250 19.64 -10.44 -8.28
N SER C 251 20.52 -11.44 -8.36
CA SER C 251 21.36 -11.73 -9.55
C SER C 251 20.52 -12.23 -10.73
N SER C 252 19.64 -13.20 -10.48
CA SER C 252 18.83 -13.91 -11.52
C SER C 252 17.69 -13.04 -12.06
N LYS C 253 17.29 -12.00 -11.32
CA LYS C 253 16.15 -11.20 -11.75
C LYS C 253 16.54 -9.76 -12.05
N VAL C 254 17.06 -9.06 -11.03
CA VAL C 254 17.36 -7.64 -11.17
C VAL C 254 18.57 -7.45 -12.11
N ILE C 255 19.73 -7.98 -11.74
CA ILE C 255 21.00 -7.82 -12.52
C ILE C 255 20.82 -8.40 -13.92
N TYR C 256 20.19 -9.58 -14.04
CA TYR C 256 19.91 -10.27 -15.32
C TYR C 256 19.11 -9.33 -16.23
N GLY C 257 18.11 -8.65 -15.66
CA GLY C 257 17.23 -7.70 -16.36
C GLY C 257 17.97 -6.46 -16.81
N VAL C 258 18.89 -5.97 -15.97
CA VAL C 258 19.72 -4.75 -16.26
C VAL C 258 20.62 -5.04 -17.46
N LEU C 259 21.27 -6.21 -17.49
CA LEU C 259 22.18 -6.64 -18.58
C LEU C 259 21.38 -6.75 -19.89
N LEU C 260 20.19 -7.34 -19.87
CA LEU C 260 19.30 -7.47 -21.05
C LEU C 260 18.99 -6.06 -21.57
N GLY C 261 18.73 -5.11 -20.65
CA GLY C 261 18.45 -3.70 -20.97
C GLY C 261 19.63 -3.06 -21.67
N ASN C 262 20.84 -3.31 -21.17
CA ASN C 262 22.13 -2.78 -21.71
C ASN C 262 22.34 -3.35 -23.13
N LEU C 263 22.03 -4.64 -23.32
CA LEU C 263 22.15 -5.33 -24.63
C LEU C 263 21.16 -4.70 -25.61
N ALA C 264 19.92 -4.48 -25.16
CA ALA C 264 18.82 -3.87 -25.95
C ALA C 264 19.28 -2.51 -26.46
N ILE C 265 19.92 -1.70 -25.62
CA ILE C 265 20.45 -0.34 -25.95
C ILE C 265 21.53 -0.49 -27.02
N THR C 266 22.43 -1.47 -26.84
CA THR C 266 23.56 -1.77 -27.76
C THR C 266 23.03 -2.10 -29.16
N LEU C 267 21.89 -2.79 -29.25
CA LEU C 267 21.26 -3.22 -30.53
C LEU C 267 20.27 -2.15 -31.03
N SER C 268 19.95 -1.16 -30.21
CA SER C 268 19.01 -0.06 -30.54
C SER C 268 19.66 0.92 -31.51
N LYS C 269 18.88 1.44 -32.47
CA LYS C 269 19.33 2.40 -33.52
C LYS C 269 18.38 3.61 -33.51
N GLN D 1 18.08 -11.35 33.17
CA GLN D 1 17.62 -11.27 31.75
C GLN D 1 18.84 -11.21 30.83
N GLU D 2 18.94 -12.14 29.89
CA GLU D 2 20.07 -12.25 28.92
C GLU D 2 19.62 -11.68 27.57
N LEU D 3 20.34 -10.68 27.05
CA LEU D 3 20.07 -10.03 25.74
C LEU D 3 21.09 -10.49 24.71
N GLY D 4 22.32 -10.76 25.15
CA GLY D 4 23.42 -11.24 24.29
C GLY D 4 23.99 -10.12 23.43
N ASN D 5 24.21 -10.41 22.14
CA ASN D 5 24.77 -9.47 21.14
C ASN D 5 23.64 -8.58 20.60
N ALA D 6 23.14 -7.65 21.43
CA ALA D 6 22.01 -6.74 21.10
C ALA D 6 22.49 -5.29 21.17
N ASN D 7 21.79 -4.39 20.46
CA ASN D 7 22.08 -2.93 20.42
C ASN D 7 21.82 -2.36 21.81
N PHE D 8 22.49 -1.25 22.16
CA PHE D 8 22.47 -0.64 23.51
C PHE D 8 21.06 -0.11 23.82
N GLU D 9 20.26 0.21 22.80
CA GLU D 9 18.87 0.71 22.98
C GLU D 9 18.08 -0.27 23.85
N ASN D 10 18.30 -1.58 23.62
CA ASN D 10 17.60 -2.69 24.32
C ASN D 10 17.99 -2.70 25.79
N PHE D 11 19.26 -2.45 26.10
CA PHE D 11 19.82 -2.44 27.48
C PHE D 11 19.21 -1.29 28.29
N ILE D 12 19.10 -0.11 27.68
CA ILE D 12 18.50 1.10 28.33
C ILE D 12 17.02 0.81 28.60
N GLY D 13 16.32 0.26 27.59
CA GLY D 13 14.88 -0.05 27.65
C GLY D 13 14.57 -1.20 28.60
N ALA D 14 15.53 -2.10 28.82
CA ALA D 14 15.39 -3.30 29.69
C ALA D 14 15.70 -2.95 31.15
N THR D 15 16.54 -1.94 31.39
CA THR D 15 16.97 -1.52 32.74
C THR D 15 16.23 -0.25 33.18
N GLU D 16 16.67 0.91 32.71
CA GLU D 16 16.13 2.25 33.09
C GLU D 16 14.73 2.46 32.49
N GLY D 17 14.53 2.06 31.22
CA GLY D 17 13.29 2.28 30.47
C GLY D 17 13.35 3.63 29.78
N PHE D 18 12.35 3.97 28.97
CA PHE D 18 12.30 5.26 28.22
C PHE D 18 11.14 6.13 28.72
N SER D 19 11.39 7.43 28.83
CA SER D 19 10.40 8.46 29.21
C SER D 19 9.48 8.73 28.02
N GLU D 20 8.30 9.31 28.25
CA GLU D 20 7.32 9.65 27.19
C GLU D 20 8.02 10.40 26.05
N ILE D 21 8.83 11.40 26.39
CA ILE D 21 9.57 12.26 25.43
C ILE D 21 10.56 11.41 24.62
N ALA D 22 11.46 10.72 25.31
CA ALA D 22 12.51 9.85 24.71
C ALA D 22 11.87 8.89 23.69
N TYR D 23 10.84 8.15 24.10
CA TYR D 23 10.12 7.16 23.26
C TYR D 23 9.40 7.85 22.10
N GLN D 24 8.52 8.81 22.43
CA GLN D 24 7.70 9.57 21.44
C GLN D 24 8.62 10.21 20.39
N PHE D 25 9.63 10.97 20.82
CA PHE D 25 10.58 11.67 19.92
C PHE D 25 11.17 10.69 18.91
N THR D 26 11.74 9.58 19.41
CA THR D 26 12.39 8.52 18.58
C THR D 26 11.39 8.03 17.52
N SER D 27 10.12 7.88 17.90
N SER D 27 10.12 7.89 17.89
CA SER D 27 9.01 7.43 17.02
CA SER D 27 9.02 7.43 17.01
C SER D 27 8.73 8.49 15.95
C SER D 27 8.73 8.50 15.94
N HIS D 28 8.68 9.77 16.34
CA HIS D 28 8.42 10.92 15.44
C HIS D 28 9.55 11.07 14.43
N ILE D 29 10.80 11.03 14.88
CA ILE D 29 12.01 11.26 14.03
C ILE D 29 12.13 10.12 13.01
N LEU D 30 11.79 8.88 13.39
CA LEU D 30 11.84 7.70 12.49
C LEU D 30 10.68 7.78 11.49
N THR D 31 9.51 8.24 11.94
CA THR D 31 8.29 8.40 11.10
C THR D 31 8.57 9.46 10.03
N LEU D 32 9.06 10.63 10.46
CA LEU D 32 9.46 11.75 9.57
C LEU D 32 10.46 11.21 8.53
N GLY D 33 11.33 10.30 8.96
CA GLY D 33 12.37 9.68 8.12
C GLY D 33 11.80 9.09 6.84
N TYR D 34 10.96 8.06 6.94
CA TYR D 34 10.38 7.33 5.77
C TYR D 34 9.41 8.24 5.01
N ALA D 35 8.82 9.22 5.70
CA ALA D 35 7.87 10.20 5.12
C ALA D 35 8.61 11.08 4.10
N VAL D 36 9.81 11.55 4.47
CA VAL D 36 10.68 12.42 3.62
C VAL D 36 11.10 11.66 2.36
N MET D 37 11.42 10.37 2.50
CA MET D 37 11.91 9.49 1.41
C MET D 37 10.82 9.31 0.35
N LEU D 38 9.55 9.16 0.76
CA LEU D 38 8.42 8.96 -0.17
C LEU D 38 8.09 10.29 -0.85
N ALA D 39 8.30 11.41 -0.15
CA ALA D 39 8.10 12.79 -0.67
C ALA D 39 9.18 13.06 -1.73
N GLY D 40 10.41 12.62 -1.46
CA GLY D 40 11.57 12.76 -2.37
C GLY D 40 11.36 11.94 -3.63
N LEU D 41 10.90 10.70 -3.48
CA LEU D 41 10.62 9.76 -4.60
C LEU D 41 9.72 10.46 -5.63
N LEU D 42 8.66 11.09 -5.15
CA LEU D 42 7.64 11.80 -5.98
C LEU D 42 8.31 12.98 -6.71
N TYR D 43 9.19 13.72 -6.02
CA TYR D 43 9.90 14.90 -6.56
C TYR D 43 10.81 14.50 -7.73
N PHE D 44 11.68 13.51 -7.53
CA PHE D 44 12.68 13.05 -8.53
C PHE D 44 11.98 12.52 -9.79
N ILE D 45 10.81 11.91 -9.65
CA ILE D 45 10.01 11.34 -10.77
C ILE D 45 9.37 12.48 -11.57
N LEU D 46 8.79 13.47 -10.89
CA LEU D 46 8.04 14.61 -11.50
C LEU D 46 9.00 15.63 -12.13
N THR D 47 10.31 15.52 -11.88
CA THR D 47 11.33 16.49 -12.39
C THR D 47 12.31 15.83 -13.35
N ILE D 48 12.00 14.62 -13.84
CA ILE D 48 12.88 13.85 -14.78
C ILE D 48 13.01 14.61 -16.11
N LYS D 49 11.90 15.15 -16.62
CA LYS D 49 11.84 15.84 -17.94
C LYS D 49 12.32 17.30 -17.81
N ASN D 50 13.02 17.64 -16.71
CA ASN D 50 13.54 19.01 -16.46
C ASN D 50 15.04 19.07 -16.78
N VAL D 51 15.63 17.95 -17.21
CA VAL D 51 17.08 17.85 -17.57
C VAL D 51 17.21 17.06 -18.87
N ASP D 52 18.31 17.27 -19.60
CA ASP D 52 18.63 16.58 -20.88
C ASP D 52 18.62 15.07 -20.61
N LYS D 53 18.28 14.27 -21.62
CA LYS D 53 18.15 12.79 -21.53
C LYS D 53 19.40 12.17 -20.91
N LYS D 54 20.58 12.74 -21.15
CA LYS D 54 21.89 12.19 -20.70
C LYS D 54 22.03 12.27 -19.17
N PHE D 55 21.32 13.19 -18.51
CA PHE D 55 21.41 13.42 -17.05
C PHE D 55 20.25 12.75 -16.30
N GLN D 56 19.19 12.34 -17.01
CA GLN D 56 17.96 11.75 -16.41
C GLN D 56 18.29 10.50 -15.57
N MET D 57 19.40 9.81 -15.87
CA MET D 57 19.81 8.57 -15.14
C MET D 57 20.04 8.92 -13.66
N SER D 58 20.38 10.19 -13.36
CA SER D 58 20.63 10.70 -11.99
C SER D 58 19.32 10.70 -11.19
N ASN D 59 18.24 11.20 -11.78
CA ASN D 59 16.89 11.27 -11.16
C ASN D 59 16.38 9.85 -10.89
N ILE D 60 16.59 8.95 -11.85
CA ILE D 60 16.15 7.52 -11.78
C ILE D 60 16.82 6.85 -10.58
N LEU D 61 18.13 7.00 -10.43
CA LEU D 61 18.92 6.39 -9.32
C LEU D 61 18.49 7.01 -7.99
N SER D 62 18.20 8.31 -7.96
CA SER D 62 17.71 9.03 -6.75
C SER D 62 16.38 8.40 -6.32
N ALA D 63 15.49 8.14 -7.28
CA ALA D 63 14.17 7.51 -7.08
C ALA D 63 14.37 6.09 -6.54
N VAL D 64 15.31 5.34 -7.11
CA VAL D 64 15.65 3.95 -6.69
C VAL D 64 16.04 3.97 -5.21
N VAL D 65 16.89 4.91 -4.82
N VAL D 65 16.89 4.92 -4.83
CA VAL D 65 17.40 5.08 -3.42
CA VAL D 65 17.41 5.08 -3.42
C VAL D 65 16.22 5.39 -2.49
C VAL D 65 16.22 5.40 -2.50
N MET D 66 15.34 6.31 -2.91
N MET D 66 15.38 6.36 -2.89
CA MET D 66 14.14 6.75 -2.13
CA MET D 66 14.20 6.82 -2.10
C MET D 66 13.27 5.53 -1.80
C MET D 66 13.35 5.60 -1.72
N VAL D 67 12.85 4.77 -2.81
N VAL D 67 13.21 4.64 -2.64
CA VAL D 67 11.99 3.57 -2.67
CA VAL D 67 12.42 3.38 -2.46
C VAL D 67 12.53 2.68 -1.54
C VAL D 67 13.05 2.57 -1.32
N SER D 68 13.61 1.95 -1.81
N SER D 68 14.38 2.45 -1.32
CA SER D 68 14.29 1.04 -0.84
CA SER D 68 15.17 1.69 -0.32
C SER D 68 14.36 1.73 0.52
C SER D 68 15.07 2.36 1.05
N ALA D 69 14.86 2.97 0.56
N ALA D 69 15.34 3.67 1.10
CA ALA D 69 15.01 3.79 1.78
CA ALA D 69 15.32 4.51 2.33
C ALA D 69 13.69 3.81 2.56
C ALA D 69 13.93 4.47 2.98
N PHE D 70 12.58 4.14 1.87
N PHE D 70 12.87 4.61 2.16
CA PHE D 70 11.21 4.22 2.45
CA PHE D 70 11.46 4.61 2.61
C PHE D 70 10.84 2.89 3.12
C PHE D 70 11.12 3.28 3.31
N LEU D 71 11.01 1.78 2.41
N LEU D 71 11.18 2.18 2.56
CA LEU D 71 10.66 0.40 2.89
CA LEU D 71 10.84 0.81 3.04
C LEU D 71 11.49 0.04 4.12
C LEU D 71 11.56 0.51 4.36
N LEU D 72 12.83 0.09 4.02
N LEU D 72 12.86 0.83 4.45
CA LEU D 72 13.76 -0.26 5.12
CA LEU D 72 13.71 0.54 5.62
C LEU D 72 13.53 0.66 6.32
C LEU D 72 13.28 1.40 6.82
N LEU D 73 13.51 1.98 6.11
N LEU D 73 13.18 2.72 6.64
CA LEU D 73 13.34 2.99 7.19
CA LEU D 73 12.81 3.68 7.71
C LEU D 73 11.95 2.83 7.84
C LEU D 73 11.38 3.42 8.18
N TYR D 74 10.95 2.40 7.08
N TYR D 74 10.52 2.89 7.29
CA TYR D 74 9.58 2.14 7.60
CA TYR D 74 9.11 2.57 7.60
C TYR D 74 9.65 0.96 8.59
C TYR D 74 9.06 1.31 8.47
N ALA D 75 10.33 -0.11 8.17
N ALA D 75 9.86 0.31 8.11
CA ALA D 75 10.54 -1.34 8.97
CA ALA D 75 9.99 -1.00 8.81
C ALA D 75 11.26 -0.98 10.27
C ALA D 75 10.65 -0.77 10.17
N GLN D 76 12.32 -0.17 10.18
N GLN D 76 11.64 0.13 10.23
CA GLN D 76 13.14 0.29 11.33
CA GLN D 76 12.41 0.47 11.45
C GLN D 76 12.24 1.03 12.32
C GLN D 76 11.52 1.25 12.43
N ALA D 77 11.31 1.83 11.81
N ALA D 77 10.58 2.04 11.90
CA ALA D 77 10.33 2.62 12.62
CA ALA D 77 9.61 2.85 12.68
C ALA D 77 9.42 1.66 13.39
C ALA D 77 8.60 1.93 13.36
N GLN D 78 8.88 0.66 12.70
N GLN D 78 8.31 0.78 12.75
CA GLN D 78 7.97 -0.38 13.29
CA GLN D 78 7.36 -0.24 13.27
C GLN D 78 8.74 -1.15 14.35
C GLN D 78 8.09 -1.11 14.30
N ASN D 79 10.00 -1.52 14.06
N ASN D 79 9.39 -1.35 14.08
CA ASN D 79 10.88 -2.29 14.96
CA ASN D 79 10.26 -2.19 14.94
C ASN D 79 10.98 -1.59 16.32
C ASN D 79 10.46 -1.50 16.30
N TRP D 80 10.92 -0.25 16.33
N TRP D 80 10.59 -0.16 16.30
CA TRP D 80 11.02 0.60 17.54
CA TRP D 80 10.83 0.65 17.53
C TRP D 80 9.76 0.48 18.40
C TRP D 80 9.60 0.63 18.45
N THR D 81 8.63 0.95 17.87
N THR D 81 8.41 0.83 17.88
CA THR D 81 7.31 1.01 18.57
CA THR D 81 7.12 0.91 18.63
C THR D 81 6.88 -0.39 19.05
C THR D 81 6.72 -0.48 19.15
N SER D 82 7.37 -1.45 18.40
N SER D 82 7.20 -1.55 18.50
CA SER D 82 7.00 -2.86 18.71
CA SER D 82 6.88 -2.96 18.82
C SER D 82 7.86 -3.43 19.84
C SER D 82 7.80 -3.49 19.94
N SER D 83 9.11 -2.96 19.96
N SER D 83 9.04 -3.02 19.99
CA SER D 83 10.12 -3.48 20.93
CA SER D 83 10.10 -3.48 20.93
C SER D 83 9.95 -2.85 22.32
C SER D 83 9.95 -2.86 22.31
N PHE D 84 9.19 -1.76 22.45
CA PHE D 84 9.01 -1.05 23.74
C PHE D 84 7.53 -0.76 24.03
N THR D 85 7.07 -1.24 25.19
CA THR D 85 5.68 -1.12 25.71
C THR D 85 5.70 -0.27 26.99
N PHE D 86 4.63 0.50 27.22
CA PHE D 86 4.47 1.42 28.37
C PHE D 86 4.07 0.63 29.62
N ASN D 87 4.73 0.94 30.75
CA ASN D 87 4.48 0.32 32.08
C ASN D 87 3.74 1.36 32.93
N GLU D 88 2.47 1.10 33.23
CA GLU D 88 1.53 1.99 33.97
C GLU D 88 2.07 2.35 35.36
N GLU D 89 2.55 1.36 36.11
CA GLU D 89 3.07 1.50 37.50
C GLU D 89 4.12 2.62 37.56
N VAL D 90 5.18 2.52 36.75
CA VAL D 90 6.34 3.46 36.75
C VAL D 90 6.13 4.59 35.72
N GLY D 91 5.36 4.32 34.66
CA GLY D 91 5.06 5.31 33.61
C GLY D 91 6.23 5.53 32.67
N ARG D 92 6.89 4.44 32.26
CA ARG D 92 8.04 4.44 31.32
C ARG D 92 7.89 3.26 30.37
N TYR D 93 8.47 3.34 29.17
CA TYR D 93 8.45 2.27 28.14
C TYR D 93 9.65 1.34 28.37
N PHE D 94 9.38 0.05 28.54
CA PHE D 94 10.40 -1.00 28.78
C PHE D 94 10.42 -2.00 27.62
N LEU D 95 11.55 -2.68 27.45
CA LEU D 95 11.77 -3.70 26.39
C LEU D 95 10.64 -4.75 26.45
N ASP D 96 9.90 -4.89 25.35
CA ASP D 96 8.84 -5.93 25.18
C ASP D 96 9.40 -6.99 24.25
N PRO D 97 9.97 -8.09 24.80
CA PRO D 97 10.64 -9.10 23.99
C PRO D 97 9.76 -9.75 22.91
N SER D 98 8.45 -9.84 23.17
CA SER D 98 7.45 -10.45 22.24
C SER D 98 7.48 -9.72 20.89
N GLY D 99 7.91 -8.45 20.90
CA GLY D 99 7.99 -7.60 19.69
C GLY D 99 9.38 -7.63 19.06
N ASP D 100 10.25 -8.54 19.53
CA ASP D 100 11.64 -8.69 19.05
C ASP D 100 12.51 -7.57 19.60
N LEU D 101 13.82 -7.82 19.75
CA LEU D 101 14.81 -6.81 20.18
C LEU D 101 15.00 -5.82 19.03
N PHE D 102 15.20 -4.54 19.37
N PHE D 102 15.21 -4.54 19.36
CA PHE D 102 15.45 -3.44 18.40
CA PHE D 102 15.44 -3.46 18.37
C PHE D 102 16.88 -3.56 17.88
C PHE D 102 16.88 -3.56 17.86
N ASN D 103 17.06 -3.47 16.56
N ASN D 103 17.07 -3.49 16.54
CA ASN D 103 18.38 -3.56 15.88
CA ASN D 103 18.39 -3.60 15.87
C ASN D 103 18.45 -2.49 14.79
C ASN D 103 18.47 -2.54 14.76
N ASN D 104 19.60 -1.84 14.64
N ASN D 104 19.59 -1.82 14.68
CA ASN D 104 19.85 -0.78 13.63
CA ASN D 104 19.87 -0.78 13.65
C ASN D 104 20.35 -1.43 12.32
C ASN D 104 20.37 -1.48 12.39
N GLY D 105 20.07 -2.72 12.15
N GLY D 105 20.51 -2.80 12.44
CA GLY D 105 20.47 -3.52 10.98
CA GLY D 105 21.00 -3.66 11.34
C GLY D 105 19.74 -3.10 9.71
C GLY D 105 20.26 -3.40 10.04
N TYR D 106 18.41 -3.01 9.78
N TYR D 106 18.95 -3.11 10.12
CA TYR D 106 17.52 -2.62 8.65
CA TYR D 106 18.08 -2.85 8.95
C TYR D 106 18.07 -1.37 7.96
C TYR D 106 18.71 -1.76 8.07
N ARG D 107 18.71 -0.48 8.72
N ARG D 107 19.03 -0.60 8.65
CA ARG D 107 19.28 0.80 8.23
CA ARG D 107 19.66 0.55 7.96
C ARG D 107 20.64 0.54 7.57
C ARG D 107 20.88 0.07 7.15
N TYR D 108 21.37 -0.47 8.04
N TYR D 108 21.82 -0.58 7.82
CA TYR D 108 22.72 -0.87 7.54
CA TYR D 108 23.10 -1.09 7.25
C TYR D 108 22.60 -1.50 6.15
C TYR D 108 22.84 -1.85 5.95
N LEU D 109 21.76 -2.52 5.99
N LEU D 109 22.30 -3.06 6.03
CA LEU D 109 21.56 -3.22 4.69
CA LEU D 109 22.01 -3.93 4.85
C LEU D 109 20.92 -2.24 3.69
C LEU D 109 21.44 -3.11 3.69
N ASN D 110 20.31 -1.17 4.20
N ASN D 110 20.47 -2.22 3.94
CA ASN D 110 19.70 -0.10 3.37
CA ASN D 110 19.85 -1.38 2.89
C ASN D 110 20.84 0.70 2.73
C ASN D 110 20.87 -0.37 2.36
N TRP D 111 21.93 0.90 3.47
N TRP D 111 22.03 -0.22 3.01
CA TRP D 111 23.16 1.61 3.00
CA TRP D 111 23.12 0.68 2.55
C TRP D 111 23.88 0.74 1.98
C TRP D 111 23.80 0.06 1.33
N LEU D 112 23.78 -0.59 2.12
N LEU D 112 23.75 -1.28 1.22
CA LEU D 112 24.46 -1.59 1.26
CA LEU D 112 24.30 -2.05 0.07
C LEU D 112 24.09 -1.38 -0.21
C LEU D 112 23.48 -1.71 -1.18
N ILE D 113 22.81 -1.14 -0.52
N ILE D 113 22.51 -0.79 -1.05
CA ILE D 113 22.31 -0.95 -1.91
CA ILE D 113 21.57 -0.38 -2.13
C ILE D 113 22.34 0.54 -2.25
C ILE D 113 21.60 1.14 -2.26
N ASP D 114 22.16 1.41 -1.24
N ASP D 114 21.97 1.85 -1.19
CA ASP D 114 22.16 2.89 -1.40
CA ASP D 114 22.02 3.33 -1.13
C ASP D 114 23.57 3.37 -1.78
C ASP D 114 23.43 3.82 -1.47
N VAL D 115 24.51 3.32 -0.83
N VAL D 115 24.44 3.34 -0.74
CA VAL D 115 25.92 3.76 -0.98
CA VAL D 115 25.88 3.73 -0.91
C VAL D 115 26.37 3.59 -2.43
C VAL D 115 26.30 3.51 -2.36
N PRO D 116 26.34 2.36 -2.98
N PRO D 116 26.15 2.29 -2.91
CA PRO D 116 26.79 2.13 -4.36
CA PRO D 116 26.57 2.01 -4.28
C PRO D 116 26.11 3.05 -5.39
C PRO D 116 25.96 2.97 -5.32
N MET D 117 24.79 3.23 -5.26
N MET D 117 24.64 3.19 -5.26
CA MET D 117 23.94 4.05 -6.18
CA MET D 117 23.88 4.04 -6.20
C MET D 117 24.29 5.53 -6.02
C MET D 117 24.28 5.51 -6.03
N LEU D 118 24.39 6.01 -4.78
N LEU D 118 24.34 6.00 -4.79
CA LEU D 118 24.67 7.44 -4.44
CA LEU D 118 24.66 7.41 -4.43
C LEU D 118 26.03 7.86 -5.01
C LEU D 118 26.01 7.82 -5.04
N LEU D 119 27.03 6.98 -4.95
N LEU D 119 27.03 6.97 -4.92
CA LEU D 119 28.41 7.24 -5.43
CA LEU D 119 28.41 7.22 -5.43
C LEU D 119 28.45 7.13 -6.97
C LEU D 119 28.44 7.12 -6.95
N PHE D 120 27.56 6.32 -7.54
N PHE D 120 27.54 6.31 -7.54
CA PHE D 120 27.52 5.98 -8.99
CA PHE D 120 27.50 5.97 -8.98
C PHE D 120 26.74 7.03 -9.79
C PHE D 120 26.72 7.02 -9.79
N GLN D 121 25.72 7.66 -9.20
N GLN D 121 25.71 7.66 -9.19
CA GLN D 121 24.83 8.62 -9.91
CA GLN D 121 24.82 8.63 -9.91
C GLN D 121 25.59 9.91 -10.25
C GLN D 121 25.59 9.91 -10.25
N ILE D 122 26.54 10.34 -9.42
CA ILE D 122 27.32 11.60 -9.66
C ILE D 122 28.14 11.45 -10.94
N LEU D 123 28.45 10.22 -11.35
CA LEU D 123 29.27 9.91 -12.55
C LEU D 123 28.48 10.10 -13.84
N PHE D 124 27.17 10.40 -13.74
CA PHE D 124 26.27 10.61 -14.89
C PHE D 124 26.02 12.11 -15.10
N VAL D 125 26.51 12.95 -14.18
CA VAL D 125 26.32 14.42 -14.22
C VAL D 125 27.67 15.10 -14.52
N VAL D 126 28.74 14.67 -13.85
CA VAL D 126 30.11 15.24 -14.03
C VAL D 126 30.86 14.40 -15.07
N SER D 127 31.91 14.98 -15.66
CA SER D 127 32.78 14.34 -16.68
C SER D 127 34.21 14.21 -16.12
N LEU D 128 34.69 12.98 -15.99
CA LEU D 128 36.07 12.68 -15.51
C LEU D 128 37.05 13.15 -16.59
N THR D 129 38.29 13.44 -16.21
CA THR D 129 39.35 13.94 -17.13
C THR D 129 40.44 12.89 -17.30
N THR D 130 41.20 12.60 -16.23
CA THR D 130 42.34 11.65 -16.23
C THR D 130 41.94 10.31 -15.61
N SER D 131 40.83 10.28 -14.87
CA SER D 131 40.30 9.06 -14.18
C SER D 131 39.35 8.31 -15.12
N LYS D 132 39.41 6.97 -15.09
CA LYS D 132 38.55 6.07 -15.91
C LYS D 132 37.23 5.83 -15.16
N PHE D 133 36.10 5.97 -15.86
CA PHE D 133 34.73 5.78 -15.31
C PHE D 133 34.65 4.44 -14.58
N SER D 134 34.91 3.34 -15.28
CA SER D 134 34.88 1.95 -14.77
C SER D 134 35.75 1.83 -13.51
N SER D 135 36.97 2.37 -13.54
CA SER D 135 37.95 2.34 -12.44
C SER D 135 37.34 2.94 -11.17
N VAL D 136 36.92 4.21 -11.24
CA VAL D 136 36.31 4.97 -10.11
C VAL D 136 35.11 4.19 -9.56
N ARG D 137 34.20 3.77 -10.46
CA ARG D 137 32.98 3.00 -10.11
C ARG D 137 33.34 1.78 -9.26
N ASN D 138 34.23 0.93 -9.77
CA ASN D 138 34.68 -0.33 -9.11
C ASN D 138 35.20 -0.02 -7.70
N GLN D 139 36.00 1.04 -7.55
CA GLN D 139 36.59 1.45 -6.25
C GLN D 139 35.46 1.79 -5.26
N PHE D 140 34.53 2.67 -5.66
CA PHE D 140 33.37 3.09 -4.84
C PHE D 140 32.59 1.86 -4.35
N TRP D 141 32.17 1.03 -5.31
CA TRP D 141 31.34 -0.19 -5.11
C TRP D 141 32.03 -1.17 -4.14
N PHE D 142 33.33 -1.43 -4.32
CA PHE D 142 34.11 -2.36 -3.47
C PHE D 142 34.23 -1.78 -2.05
N SER D 143 34.92 -0.65 -1.89
CA SER D 143 35.15 0.05 -0.60
C SER D 143 33.80 0.29 0.08
N GLY D 144 32.78 0.70 -0.67
CA GLY D 144 31.43 0.96 -0.17
C GLY D 144 30.83 -0.26 0.50
N ALA D 145 30.90 -1.41 -0.18
CA ALA D 145 30.38 -2.72 0.30
C ALA D 145 31.12 -3.13 1.57
N MET D 146 32.46 -3.17 1.51
CA MET D 146 33.34 -3.56 2.65
C MET D 146 33.07 -2.67 3.86
N MET D 147 32.88 -1.37 3.63
CA MET D 147 32.64 -0.36 4.71
C MET D 147 31.36 -0.72 5.47
N ILE D 148 30.27 -0.99 4.74
N ILE D 148 30.28 -0.99 4.74
CA ILE D 148 28.93 -1.33 5.30
CA ILE D 148 28.92 -1.34 5.28
C ILE D 148 29.00 -2.70 6.01
C ILE D 148 29.00 -2.69 6.00
N ILE D 149 29.44 -3.73 5.30
CA ILE D 149 29.54 -5.12 5.83
C ILE D 149 30.29 -5.13 7.17
N THR D 150 31.52 -4.61 7.20
CA THR D 150 32.39 -4.57 8.41
C THR D 150 31.64 -3.86 9.55
N GLY D 151 31.05 -2.70 9.26
CA GLY D 151 30.29 -1.90 10.25
C GLY D 151 29.08 -2.66 10.78
N TYR D 152 28.38 -3.37 9.89
CA TYR D 152 27.17 -4.18 10.20
C TYR D 152 27.51 -5.24 11.26
N ILE D 153 28.69 -5.84 11.14
CA ILE D 153 29.21 -6.89 12.06
C ILE D 153 29.48 -6.28 13.44
N GLY D 154 30.19 -5.14 13.47
CA GLY D 154 30.62 -4.44 14.69
C GLY D 154 29.46 -3.97 15.55
N GLN D 155 28.40 -3.44 14.92
CA GLN D 155 27.22 -2.84 15.62
C GLN D 155 26.52 -3.89 16.49
N PHE D 156 26.71 -5.19 16.20
CA PHE D 156 26.11 -6.32 16.96
C PHE D 156 26.81 -6.48 18.32
N TYR D 157 28.04 -5.98 18.45
CA TYR D 157 28.88 -6.12 19.66
C TYR D 157 29.10 -4.78 20.35
N GLU D 158 28.28 -3.78 20.05
CA GLU D 158 28.43 -2.41 20.61
C GLU D 158 28.26 -2.44 22.14
N VAL D 159 27.84 -3.58 22.70
CA VAL D 159 27.64 -3.75 24.17
C VAL D 159 28.31 -5.03 24.64
N SER D 160 28.02 -6.17 23.99
CA SER D 160 28.52 -7.52 24.35
C SER D 160 30.05 -7.58 24.33
N ASN D 161 30.69 -6.94 23.34
CA ASN D 161 32.17 -6.97 23.17
C ASN D 161 32.66 -5.65 22.57
N LEU D 162 32.95 -4.67 23.43
CA LEU D 162 33.41 -3.30 23.05
C LEU D 162 34.64 -3.37 22.14
N THR D 163 35.51 -4.37 22.36
CA THR D 163 36.77 -4.57 21.58
C THR D 163 36.43 -4.80 20.10
N ALA D 164 35.68 -5.87 19.81
CA ALA D 164 35.25 -6.26 18.44
C ALA D 164 34.53 -5.07 17.78
N PHE D 165 33.71 -4.36 18.56
CA PHE D 165 32.92 -3.18 18.12
C PHE D 165 33.84 -2.11 17.52
N LEU D 166 34.95 -1.80 18.20
CA LEU D 166 35.93 -0.77 17.79
C LEU D 166 36.81 -1.28 16.64
N VAL D 167 37.30 -2.53 16.73
CA VAL D 167 38.17 -3.15 15.69
C VAL D 167 37.47 -3.05 14.32
N TRP D 168 36.24 -3.57 14.23
CA TRP D 168 35.43 -3.56 12.98
C TRP D 168 35.18 -2.11 12.55
N GLY D 169 34.81 -1.24 13.50
CA GLY D 169 34.57 0.19 13.26
C GLY D 169 35.79 0.84 12.62
N ALA D 170 36.99 0.46 13.08
CA ALA D 170 38.29 0.96 12.59
C ALA D 170 38.51 0.48 11.15
N ILE D 171 38.39 -0.83 10.92
CA ILE D 171 38.53 -1.47 9.57
C ILE D 171 37.59 -0.74 8.61
N SER D 172 36.33 -0.56 9.01
CA SER D 172 35.26 0.13 8.23
C SER D 172 35.76 1.53 7.85
N SER D 173 36.27 2.28 8.82
CA SER D 173 36.81 3.67 8.66
C SER D 173 37.83 3.70 7.52
N ALA D 174 38.70 2.69 7.44
CA ALA D 174 39.75 2.55 6.41
C ALA D 174 39.13 2.74 5.02
N PHE D 175 38.10 1.95 4.70
CA PHE D 175 37.39 1.97 3.40
C PHE D 175 36.65 3.30 3.22
N PHE D 176 36.23 3.92 4.33
CA PHE D 176 35.51 5.23 4.35
C PHE D 176 36.44 6.33 3.83
N PHE D 177 37.69 6.36 4.32
CA PHE D 177 38.72 7.35 3.93
C PHE D 177 39.03 7.18 2.43
N HIS D 178 39.11 5.94 1.95
CA HIS D 178 39.39 5.61 0.53
C HIS D 178 38.28 6.18 -0.36
N ILE D 179 37.02 6.08 0.08
CA ILE D 179 35.82 6.61 -0.64
C ILE D 179 35.92 8.14 -0.71
N LEU D 180 36.21 8.78 0.43
CA LEU D 180 36.39 10.25 0.54
C LEU D 180 37.46 10.70 -0.47
N TRP D 181 38.55 9.93 -0.58
CA TRP D 181 39.70 10.20 -1.48
C TRP D 181 39.23 10.21 -2.93
N VAL D 182 38.60 9.13 -3.38
CA VAL D 182 38.10 8.93 -4.77
C VAL D 182 37.06 10.02 -5.10
N MET D 183 36.12 10.26 -4.18
CA MET D 183 35.04 11.28 -4.35
C MET D 183 35.68 12.66 -4.55
N LYS D 184 36.75 12.95 -3.80
CA LYS D 184 37.49 14.24 -3.88
C LYS D 184 38.02 14.41 -5.31
N LYS D 185 38.65 13.37 -5.86
CA LYS D 185 39.18 13.35 -7.25
C LYS D 185 38.03 13.66 -8.23
N VAL D 186 36.94 12.90 -8.13
CA VAL D 186 35.73 13.02 -9.00
C VAL D 186 35.25 14.48 -9.01
N ILE D 187 35.18 15.11 -7.82
CA ILE D 187 34.71 16.52 -7.65
C ILE D 187 35.65 17.46 -8.42
N ASN D 188 36.96 17.31 -8.22
CA ASN D 188 38.01 18.14 -8.87
C ASN D 188 37.91 18.02 -10.38
N GLU D 189 37.99 16.80 -10.92
CA GLU D 189 37.90 16.51 -12.38
C GLU D 189 36.55 16.99 -12.92
N GLY D 190 35.51 16.95 -12.09
CA GLY D 190 34.15 17.37 -12.44
C GLY D 190 34.07 18.88 -12.65
N LYS D 191 34.80 19.65 -11.84
CA LYS D 191 34.85 21.13 -11.87
C LYS D 191 35.51 21.61 -13.18
N GLU D 192 36.50 20.87 -13.68
CA GLU D 192 37.25 21.20 -14.93
C GLU D 192 36.33 21.08 -16.15
N GLY D 193 36.10 22.19 -16.85
CA GLY D 193 35.32 22.23 -18.11
C GLY D 193 33.94 22.84 -17.96
N ILE D 194 33.37 22.83 -16.74
CA ILE D 194 32.00 23.35 -16.48
C ILE D 194 32.06 24.83 -16.06
N SER D 195 30.91 25.51 -16.14
CA SER D 195 30.72 26.94 -15.82
C SER D 195 31.00 27.20 -14.34
N PRO D 196 31.18 28.48 -13.94
CA PRO D 196 31.41 28.83 -12.54
C PRO D 196 30.24 28.40 -11.65
N ALA D 197 29.01 28.46 -12.19
CA ALA D 197 27.76 28.08 -11.51
C ALA D 197 27.82 26.60 -11.13
N GLY D 198 28.21 25.74 -12.08
CA GLY D 198 28.34 24.28 -11.88
C GLY D 198 29.38 23.98 -10.82
N GLN D 199 30.50 24.69 -10.85
CA GLN D 199 31.63 24.55 -9.88
C GLN D 199 31.11 24.91 -8.48
N LYS D 200 30.38 26.02 -8.38
CA LYS D 200 29.75 26.51 -7.12
C LYS D 200 28.96 25.36 -6.47
N ILE D 201 28.14 24.66 -7.27
CA ILE D 201 27.26 23.54 -6.82
C ILE D 201 28.11 22.36 -6.38
N LEU D 202 29.07 21.91 -7.20
CA LEU D 202 29.98 20.78 -6.89
C LEU D 202 30.68 21.05 -5.55
N SER D 203 31.04 22.31 -5.28
CA SER D 203 31.71 22.74 -4.01
C SER D 203 30.76 22.45 -2.85
N ASN D 204 29.48 22.81 -3.01
CA ASN D 204 28.42 22.59 -2.00
C ASN D 204 28.17 21.09 -1.82
N ILE D 205 28.15 20.34 -2.92
CA ILE D 205 27.94 18.86 -2.95
C ILE D 205 29.04 18.20 -2.12
N TRP D 206 30.29 18.63 -2.29
CA TRP D 206 31.47 18.07 -1.56
C TRP D 206 31.33 18.30 -0.06
N ILE D 207 30.94 19.51 0.35
CA ILE D 207 30.74 19.89 1.79
C ILE D 207 29.62 19.02 2.37
N LEU D 208 28.48 18.96 1.68
CA LEU D 208 27.30 18.16 2.09
C LEU D 208 27.73 16.70 2.30
N PHE D 209 28.37 16.12 1.28
CA PHE D 209 28.86 14.71 1.26
C PHE D 209 29.77 14.46 2.46
N LEU D 210 30.73 15.36 2.68
CA LEU D 210 31.76 15.26 3.75
C LEU D 210 31.08 15.20 5.13
N ILE D 211 30.22 16.18 5.42
CA ILE D 211 29.52 16.34 6.74
C ILE D 211 28.50 15.19 6.94
N SER D 212 27.56 15.04 6.01
CA SER D 212 26.44 14.05 6.09
C SER D 212 26.96 12.63 6.28
N TRP D 213 27.99 12.24 5.53
CA TRP D 213 28.59 10.87 5.55
C TRP D 213 29.37 10.63 6.85
N THR D 214 29.91 11.69 7.47
CA THR D 214 30.70 11.63 8.72
C THR D 214 29.77 11.41 9.91
N LEU D 215 28.51 11.80 9.79
CA LEU D 215 27.48 11.69 10.87
C LEU D 215 27.24 10.21 11.21
N TYR D 216 27.27 9.33 10.21
CA TYR D 216 27.00 7.87 10.35
C TYR D 216 27.96 7.26 11.38
N PRO D 217 29.30 7.36 11.18
CA PRO D 217 30.25 6.82 12.15
C PRO D 217 30.05 7.47 13.53
N GLY D 218 29.54 8.70 13.56
CA GLY D 218 29.25 9.45 14.80
C GLY D 218 28.12 8.81 15.58
N ALA D 219 27.08 8.36 14.86
CA ALA D 219 25.89 7.68 15.42
C ALA D 219 26.28 6.28 15.90
N TYR D 220 27.29 5.69 15.26
CA TYR D 220 27.86 4.35 15.55
C TYR D 220 28.47 4.35 16.96
N LEU D 221 29.16 5.44 17.33
CA LEU D 221 29.88 5.60 18.63
C LEU D 221 29.02 6.35 19.65
N MET D 222 27.96 7.02 19.18
CA MET D 222 27.04 7.88 19.99
C MET D 222 26.99 7.43 21.45
N PRO D 223 26.70 6.14 21.73
CA PRO D 223 26.55 5.69 23.12
C PRO D 223 27.82 5.79 23.98
N TYR D 224 29.00 5.92 23.37
CA TYR D 224 30.31 5.94 24.09
C TYR D 224 31.08 7.24 23.81
N LEU D 225 30.45 8.24 23.17
CA LEU D 225 31.11 9.54 22.85
C LEU D 225 31.42 10.29 24.15
N THR D 226 30.73 9.96 25.25
CA THR D 226 30.94 10.54 26.60
C THR D 226 31.47 9.45 27.53
N GLY D 227 32.16 8.45 26.97
CA GLY D 227 32.74 7.31 27.69
C GLY D 227 31.67 6.45 28.34
N VAL D 228 32.06 5.27 28.84
CA VAL D 228 31.15 4.30 29.54
C VAL D 228 30.55 5.00 30.77
N ASP D 229 29.29 4.68 31.10
CA ASP D 229 28.55 5.29 32.23
C ASP D 229 28.54 6.81 32.06
N GLY D 230 28.56 7.28 30.80
CA GLY D 230 28.55 8.70 30.44
C GLY D 230 27.15 9.21 30.21
N PHE D 231 27.00 10.52 29.99
CA PHE D 231 25.70 11.22 29.76
C PHE D 231 24.96 10.61 28.56
N LEU D 232 25.68 10.24 27.51
CA LEU D 232 25.10 9.71 26.25
C LEU D 232 24.71 8.23 26.39
N TYR D 233 25.25 7.51 27.38
CA TYR D 233 24.91 6.09 27.61
C TYR D 233 23.61 6.03 28.43
N SER D 234 22.56 6.63 27.88
CA SER D 234 21.20 6.74 28.48
C SER D 234 20.17 6.84 27.35
N GLU D 235 18.93 7.21 27.67
CA GLU D 235 17.84 7.39 26.67
C GLU D 235 18.19 8.61 25.81
N ASP D 236 18.98 9.54 26.37
CA ASP D 236 19.45 10.77 25.67
C ASP D 236 20.32 10.34 24.48
N GLY D 237 21.21 9.37 24.70
CA GLY D 237 22.09 8.82 23.65
C GLY D 237 21.29 8.13 22.56
N VAL D 238 20.20 7.46 22.93
CA VAL D 238 19.27 6.75 22.00
C VAL D 238 18.64 7.79 21.07
N MET D 239 18.05 8.84 21.65
CA MET D 239 17.42 9.95 20.90
C MET D 239 18.44 10.55 19.93
N ALA D 240 19.63 10.89 20.44
CA ALA D 240 20.76 11.51 19.69
C ALA D 240 21.12 10.65 18.48
N ARG D 241 21.33 9.35 18.68
CA ARG D 241 21.72 8.38 17.62
C ARG D 241 20.68 8.38 16.49
N GLN D 242 19.40 8.15 16.81
CA GLN D 242 18.30 8.07 15.82
C GLN D 242 18.10 9.43 15.13
N LEU D 243 18.28 10.54 15.86
CA LEU D 243 18.18 11.92 15.32
C LEU D 243 19.27 12.10 14.26
N VAL D 244 20.52 11.86 14.65
CA VAL D 244 21.73 11.99 13.77
C VAL D 244 21.52 11.17 12.51
N TYR D 245 21.10 9.91 12.64
CA TYR D 245 20.84 8.99 11.50
C TYR D 245 19.85 9.65 10.52
N THR D 246 18.73 10.16 11.06
CA THR D 246 17.64 10.80 10.27
C THR D 246 18.20 12.02 9.53
N ILE D 247 18.95 12.89 10.21
CA ILE D 247 19.56 14.12 9.61
C ILE D 247 20.50 13.67 8.48
N ALA D 248 21.37 12.70 8.75
CA ALA D 248 22.35 12.14 7.80
C ALA D 248 21.64 11.58 6.57
N ASP D 249 20.60 10.77 6.78
CA ASP D 249 19.81 10.10 5.70
C ASP D 249 19.19 11.16 4.77
N VAL D 250 18.53 12.17 5.31
CA VAL D 250 17.83 13.25 4.53
C VAL D 250 18.88 14.02 3.71
N SER D 251 20.01 14.36 4.33
CA SER D 251 21.11 15.15 3.73
C SER D 251 21.82 14.36 2.62
N SER D 252 22.21 13.12 2.91
CA SER D 252 23.02 12.23 2.03
C SER D 252 22.22 11.69 0.85
N LYS D 253 20.89 11.70 0.94
CA LYS D 253 20.08 11.09 -0.11
C LYS D 253 19.21 12.14 -0.81
N VAL D 254 18.30 12.77 -0.05
CA VAL D 254 17.34 13.69 -0.62
C VAL D 254 18.04 14.96 -1.10
N ILE D 255 18.66 15.72 -0.18
CA ILE D 255 19.34 17.01 -0.48
C ILE D 255 20.45 16.79 -1.53
N TYR D 256 21.25 15.74 -1.36
CA TYR D 256 22.35 15.35 -2.27
C TYR D 256 21.79 15.16 -3.69
N GLY D 257 20.63 14.50 -3.79
CA GLY D 257 19.94 14.22 -5.06
C GLY D 257 19.42 15.49 -5.70
N VAL D 258 18.90 16.42 -4.89
CA VAL D 258 18.35 17.73 -5.34
C VAL D 258 19.48 18.55 -5.96
N LEU D 259 20.65 18.61 -5.30
CA LEU D 259 21.84 19.36 -5.77
C LEU D 259 22.32 18.79 -7.11
N LEU D 260 22.40 17.46 -7.23
CA LEU D 260 22.81 16.78 -8.50
C LEU D 260 21.83 17.18 -9.61
N GLY D 261 20.54 17.22 -9.29
CA GLY D 261 19.47 17.64 -10.23
C GLY D 261 19.67 19.07 -10.69
N ASN D 262 20.01 19.96 -9.75
CA ASN D 262 20.26 21.41 -10.01
C ASN D 262 21.49 21.56 -10.89
N LEU D 263 22.53 20.74 -10.65
CA LEU D 263 23.79 20.74 -11.45
C LEU D 263 23.45 20.28 -12.88
N ALA D 264 22.65 19.23 -13.00
CA ALA D 264 22.19 18.66 -14.29
C ALA D 264 21.50 19.76 -15.12
N ILE D 265 20.64 20.55 -14.47
CA ILE D 265 19.88 21.67 -15.11
C ILE D 265 20.88 22.72 -15.58
N THR D 266 21.87 23.04 -14.74
CA THR D 266 22.94 24.04 -15.00
C THR D 266 23.72 23.66 -16.26
N LEU D 267 23.95 22.36 -16.49
CA LEU D 267 24.73 21.82 -17.64
C LEU D 267 23.79 21.52 -18.82
N SER D 268 22.48 21.53 -18.60
CA SER D 268 21.44 21.24 -19.63
C SER D 268 21.34 22.43 -20.60
N LYS D 269 21.06 22.13 -21.88
CA LYS D 269 20.91 23.13 -22.97
C LYS D 269 19.54 22.94 -23.64
N GLN E 1 -2.18 6.80 38.68
CA GLN E 1 -1.44 6.33 37.47
C GLN E 1 -0.49 7.44 37.02
N GLU E 2 0.79 7.09 36.78
CA GLU E 2 1.87 8.03 36.37
C GLU E 2 1.97 8.05 34.84
N LEU E 3 1.78 9.22 34.23
CA LEU E 3 1.83 9.44 32.76
C LEU E 3 3.06 10.29 32.39
N GLY E 4 3.44 11.22 33.28
CA GLY E 4 4.60 12.11 33.09
C GLY E 4 4.31 13.21 32.10
N ASN E 5 5.25 13.49 31.19
CA ASN E 5 5.15 14.55 30.15
C ASN E 5 4.35 14.02 28.96
N ALA E 6 3.03 13.85 29.12
CA ALA E 6 2.11 13.32 28.10
C ALA E 6 1.04 14.37 27.76
N ASN E 7 0.43 14.25 26.57
CA ASN E 7 -0.64 15.14 26.08
C ASN E 7 -1.88 14.96 26.97
N PHE E 8 -2.73 15.98 27.07
CA PHE E 8 -3.91 16.01 27.99
C PHE E 8 -4.93 14.95 27.56
N GLU E 9 -4.94 14.54 26.29
CA GLU E 9 -5.86 13.50 25.77
C GLU E 9 -5.75 12.25 26.64
N ASN E 10 -4.53 11.89 27.03
CA ASN E 10 -4.20 10.68 27.84
C ASN E 10 -4.80 10.80 29.25
N PHE E 11 -4.73 12.01 29.84
CA PHE E 11 -5.25 12.31 31.20
C PHE E 11 -6.78 12.15 31.23
N ILE E 12 -7.47 12.68 30.21
CA ILE E 12 -8.95 12.58 30.08
C ILE E 12 -9.33 11.11 29.93
N GLY E 13 -8.62 10.39 29.05
CA GLY E 13 -8.88 8.97 28.75
C GLY E 13 -8.53 8.04 29.91
N ALA E 14 -7.59 8.46 30.76
CA ALA E 14 -7.09 7.67 31.92
C ALA E 14 -8.01 7.89 33.14
N THR E 15 -8.68 9.04 33.22
CA THR E 15 -9.55 9.42 34.37
C THR E 15 -11.03 9.26 34.00
N GLU E 16 -11.59 10.24 33.28
CA GLU E 16 -13.02 10.30 32.89
C GLU E 16 -13.35 9.25 31.82
N GLY E 17 -12.45 9.08 30.84
CA GLY E 17 -12.67 8.19 29.69
C GLY E 17 -13.41 8.94 28.59
N PHE E 18 -13.61 8.32 27.42
CA PHE E 18 -14.28 8.94 26.26
C PHE E 18 -15.59 8.22 25.95
N SER E 19 -16.63 9.00 25.62
CA SER E 19 -17.98 8.51 25.22
C SER E 19 -17.89 8.00 23.78
N GLU E 20 -18.85 7.17 23.36
CA GLU E 20 -18.91 6.59 21.99
C GLU E 20 -18.74 7.70 20.96
N ILE E 21 -19.46 8.81 21.14
CA ILE E 21 -19.45 9.98 20.22
C ILE E 21 -18.04 10.61 20.20
N ALA E 22 -17.54 11.01 21.37
CA ALA E 22 -16.21 11.66 21.54
C ALA E 22 -15.14 10.83 20.83
N TYR E 23 -15.07 9.52 21.11
CA TYR E 23 -14.07 8.58 20.54
C TYR E 23 -14.29 8.42 19.04
N GLN E 24 -15.49 8.01 18.64
CA GLN E 24 -15.86 7.76 17.22
C GLN E 24 -15.58 9.02 16.38
N PHE E 25 -16.08 10.17 16.80
CA PHE E 25 -15.91 11.46 16.07
C PHE E 25 -14.42 11.71 15.80
N THR E 26 -13.59 11.65 16.84
CA THR E 26 -12.13 11.88 16.77
C THR E 26 -11.52 10.94 15.72
N SER E 27 -11.99 9.69 15.67
N SER E 27 -11.99 9.69 15.67
CA SER E 27 -11.54 8.65 14.71
CA SER E 27 -11.55 8.64 14.72
C SER E 27 -11.93 9.03 13.29
C SER E 27 -11.93 9.03 13.29
N HIS E 28 -13.18 9.48 13.10
CA HIS E 28 -13.73 9.88 11.78
C HIS E 28 -12.99 11.11 11.25
N ILE E 29 -12.79 12.13 12.09
CA ILE E 29 -12.18 13.43 11.67
C ILE E 29 -10.71 13.21 11.29
N LEU E 30 -10.01 12.30 11.99
CA LEU E 30 -8.59 11.96 11.70
C LEU E 30 -8.52 11.11 10.43
N THR E 31 -9.49 10.22 10.22
CA THR E 31 -9.59 9.33 9.04
C THR E 31 -9.84 10.20 7.80
N LEU E 32 -10.84 11.08 7.87
CA LEU E 32 -11.16 12.06 6.80
C LEU E 32 -9.90 12.86 6.47
N GLY E 33 -9.11 13.18 7.50
CA GLY E 33 -7.85 13.94 7.38
C GLY E 33 -6.94 13.37 6.31
N TYR E 34 -6.40 12.16 6.52
CA TYR E 34 -5.42 11.51 5.62
C TYR E 34 -6.09 11.16 4.28
N ALA E 35 -7.41 10.97 4.28
CA ALA E 35 -8.21 10.65 3.07
C ALA E 35 -8.18 11.84 2.11
N VAL E 36 -8.36 13.05 2.64
CA VAL E 36 -8.38 14.33 1.88
C VAL E 36 -7.00 14.56 1.24
N MET E 37 -5.93 14.25 1.98
CA MET E 37 -4.52 14.46 1.56
C MET E 37 -4.19 13.59 0.36
N LEU E 38 -4.67 12.34 0.33
CA LEU E 38 -4.40 11.38 -0.78
C LEU E 38 -5.24 11.80 -2.00
N ALA E 39 -6.42 12.36 -1.76
CA ALA E 39 -7.34 12.87 -2.80
C ALA E 39 -6.70 14.10 -3.45
N GLY E 40 -6.09 14.97 -2.63
CA GLY E 40 -5.40 16.18 -3.08
C GLY E 40 -4.17 15.84 -3.90
N LEU E 41 -3.40 14.85 -3.44
CA LEU E 41 -2.17 14.36 -4.13
C LEU E 41 -2.51 14.03 -5.58
N LEU E 42 -3.59 13.28 -5.79
CA LEU E 42 -4.07 12.81 -7.12
C LEU E 42 -4.46 14.03 -7.98
N TYR E 43 -5.11 15.02 -7.37
CA TYR E 43 -5.57 16.26 -8.05
C TYR E 43 -4.39 17.07 -8.59
N PHE E 44 -3.42 17.38 -7.74
CA PHE E 44 -2.23 18.22 -8.09
C PHE E 44 -1.40 17.56 -9.20
N ILE E 45 -1.36 16.22 -9.23
CA ILE E 45 -0.59 15.43 -10.24
C ILE E 45 -1.32 15.48 -11.59
N LEU E 46 -2.64 15.29 -11.58
CA LEU E 46 -3.49 15.22 -12.80
C LEU E 46 -3.70 16.61 -13.42
N THR E 47 -3.34 17.70 -12.72
CA THR E 47 -3.56 19.10 -13.19
C THR E 47 -2.23 19.82 -13.42
N ILE E 48 -1.11 19.10 -13.47
CA ILE E 48 0.25 19.68 -13.67
C ILE E 48 0.34 20.32 -15.06
N LYS E 49 -0.22 19.66 -16.07
CA LYS E 49 -0.16 20.10 -17.50
C LYS E 49 -1.26 21.14 -17.78
N ASN E 50 -1.85 21.74 -16.75
CA ASN E 50 -2.92 22.77 -16.89
C ASN E 50 -2.33 24.17 -16.69
N VAL E 51 -1.03 24.27 -16.42
CA VAL E 51 -0.33 25.57 -16.21
C VAL E 51 1.01 25.54 -16.96
N ASP E 52 1.54 26.72 -17.31
CA ASP E 52 2.82 26.89 -18.03
C ASP E 52 3.92 26.19 -17.21
N LYS E 53 4.96 25.69 -17.90
CA LYS E 53 6.07 24.92 -17.29
C LYS E 53 6.67 25.67 -16.09
N LYS E 54 6.69 27.00 -16.13
CA LYS E 54 7.31 27.86 -15.10
C LYS E 54 6.54 27.79 -13.76
N PHE E 55 5.26 27.45 -13.79
CA PHE E 55 4.38 27.39 -12.59
C PHE E 55 4.22 25.96 -12.06
N GLN E 56 4.58 24.96 -12.86
CA GLN E 56 4.39 23.52 -12.54
C GLN E 56 5.09 23.14 -11.23
N MET E 57 6.15 23.86 -10.84
CA MET E 57 6.91 23.58 -9.59
C MET E 57 5.98 23.71 -8.38
N SER E 58 4.91 24.51 -8.51
CA SER E 58 3.89 24.75 -7.45
C SER E 58 3.09 23.47 -7.20
N ASN E 59 2.63 22.81 -8.28
CA ASN E 59 1.84 21.55 -8.22
C ASN E 59 2.70 20.44 -7.59
N ILE E 60 3.98 20.38 -7.99
CA ILE E 60 4.96 19.36 -7.52
C ILE E 60 5.12 19.48 -6.00
N LEU E 61 5.34 20.70 -5.49
CA LEU E 61 5.53 20.96 -4.04
C LEU E 61 4.23 20.64 -3.28
N SER E 62 3.07 20.96 -3.86
CA SER E 62 1.74 20.64 -3.28
C SER E 62 1.62 19.12 -3.12
N ALA E 63 2.03 18.37 -4.14
CA ALA E 63 2.02 16.89 -4.18
C ALA E 63 2.96 16.35 -3.09
N VAL E 64 4.15 16.95 -2.97
CA VAL E 64 5.18 16.57 -1.95
C VAL E 64 4.57 16.70 -0.56
N VAL E 65 3.87 17.80 -0.29
N VAL E 65 3.87 17.80 -0.29
CA VAL E 65 3.20 18.10 1.01
CA VAL E 65 3.19 18.09 1.02
C VAL E 65 2.11 17.06 1.28
C VAL E 65 2.10 17.04 1.25
N MET E 66 1.30 16.75 0.27
N MET E 66 1.18 16.87 0.30
CA MET E 66 0.19 15.77 0.35
CA MET E 66 0.06 15.90 0.37
C MET E 66 0.72 14.41 0.81
C MET E 66 0.57 14.56 0.89
N VAL E 67 1.71 13.87 0.09
N VAL E 67 1.78 14.16 0.47
CA VAL E 67 2.34 12.53 0.37
CA VAL E 67 2.44 12.88 0.85
C VAL E 67 2.65 12.45 1.87
C VAL E 67 2.76 12.91 2.35
N SER E 68 3.71 13.14 2.31
N SER E 68 3.35 14.02 2.84
CA SER E 68 4.17 13.17 3.73
CA SER E 68 3.73 14.23 4.25
C SER E 68 2.99 13.41 4.67
C SER E 68 2.48 14.19 5.14
N ALA E 69 2.07 14.31 4.29
N ALA E 69 1.44 14.95 4.76
CA ALA E 69 0.87 14.68 5.08
CA ALA E 69 0.16 15.07 5.49
C ALA E 69 -0.01 13.45 5.30
C ALA E 69 -0.56 13.72 5.55
N PHE E 70 -0.19 12.63 4.26
N PHE E 70 -0.68 13.03 4.42
CA PHE E 70 -0.99 11.38 4.28
CA PHE E 70 -1.34 11.71 4.27
C PHE E 70 -0.39 10.38 5.27
C PHE E 70 -0.74 10.72 5.28
N LEU E 71 0.90 10.08 5.11
N LEU E 71 0.55 10.43 5.13
CA LEU E 71 1.65 9.10 5.95
CA LEU E 71 1.31 9.45 5.98
C LEU E 71 1.58 9.50 7.43
C LEU E 71 1.12 9.77 7.46
N LEU E 72 2.07 10.69 7.78
N LEU E 72 1.32 11.03 7.86
CA LEU E 72 2.09 11.19 9.18
CA LEU E 72 1.24 11.49 9.27
C LEU E 72 0.67 11.18 9.75
C LEU E 72 -0.18 11.29 9.82
N LEU E 73 -0.28 11.87 9.10
N LEU E 73 -1.19 11.81 9.11
CA LEU E 73 -1.68 11.99 9.57
CA LEU E 73 -2.62 11.72 9.52
C LEU E 73 -2.30 10.59 9.71
C LEU E 73 -3.09 10.27 9.53
N TYR E 74 -1.92 9.64 8.87
N TYR E 74 -2.55 9.43 8.65
CA TYR E 74 -2.40 8.23 8.95
CA TYR E 74 -2.89 7.98 8.55
C TYR E 74 -1.89 7.62 10.25
C TYR E 74 -2.32 7.25 9.77
N ALA E 75 -0.60 7.84 10.54
N ALA E 75 -1.09 7.59 10.15
CA ALA E 75 0.09 7.36 11.76
CA ALA E 75 -0.37 7.00 11.31
C ALA E 75 -0.57 7.97 12.99
C ALA E 75 -1.02 7.47 12.61
N GLN E 76 -0.99 9.24 12.89
N GLN E 76 -1.43 8.74 12.67
CA GLN E 76 -1.65 10.00 14.00
CA GLN E 76 -2.06 9.38 13.85
C GLN E 76 -3.01 9.38 14.28
C GLN E 76 -3.44 8.77 14.09
N ALA E 77 -3.74 8.99 13.22
N ALA E 77 -4.17 8.46 13.00
CA ALA E 77 -5.08 8.37 13.29
CA ALA E 77 -5.52 7.86 13.02
C ALA E 77 -4.98 7.03 14.03
C ALA E 77 -5.44 6.46 13.64
N GLN E 78 -3.98 6.21 13.68
N GLN E 78 -4.37 5.73 13.35
CA GLN E 78 -3.73 4.87 14.27
CA GLN E 78 -4.12 4.35 13.86
C GLN E 78 -3.36 5.05 15.75
C GLN E 78 -3.67 4.43 15.32
N ASN E 79 -2.54 6.07 16.05
N ASN E 79 -2.91 5.48 15.65
CA ASN E 79 -2.05 6.39 17.43
CA ASN E 79 -2.38 5.74 17.03
C ASN E 79 -3.27 6.57 18.34
C ASN E 79 -3.54 6.00 17.99
N TRP E 80 -4.37 7.08 17.80
N TRP E 80 -4.57 6.72 17.52
CA TRP E 80 -5.64 7.36 18.53
CA TRP E 80 -5.76 7.11 18.32
C TRP E 80 -6.35 6.05 18.89
C TRP E 80 -6.59 5.89 18.71
N THR E 81 -6.86 5.34 17.87
N THR E 81 -6.81 4.95 17.77
CA THR E 81 -7.66 4.09 17.99
CA THR E 81 -7.65 3.74 17.95
C THR E 81 -6.92 3.03 18.81
C THR E 81 -6.88 2.65 18.70
N SER E 82 -5.59 3.07 18.84
N SER E 82 -5.59 2.86 18.96
CA SER E 82 -4.72 2.07 19.53
CA SER E 82 -4.69 1.89 19.65
C SER E 82 -4.55 2.42 21.01
C SER E 82 -4.48 2.30 21.11
N SER E 83 -4.57 3.71 21.35
N SER E 83 -4.57 3.60 21.39
CA SER E 83 -4.32 4.25 22.71
CA SER E 83 -4.31 4.21 22.73
C SER E 83 -5.57 4.18 23.60
C SER E 83 -5.57 4.18 23.61
N PHE E 84 -6.76 3.95 23.02
CA PHE E 84 -8.03 3.93 23.78
C PHE E 84 -8.88 2.70 23.42
N THR E 85 -9.20 1.91 24.45
CA THR E 85 -10.00 0.65 24.37
C THR E 85 -11.32 0.85 25.14
N PHE E 86 -12.38 0.20 24.68
CA PHE E 86 -13.76 0.28 25.24
C PHE E 86 -13.87 -0.59 26.49
N ASN E 87 -14.48 -0.04 27.55
CA ASN E 87 -14.74 -0.73 28.84
C ASN E 87 -16.24 -1.06 28.91
N GLU E 88 -16.57 -2.35 28.83
CA GLU E 88 -17.96 -2.89 28.78
C GLU E 88 -18.77 -2.45 30.01
N GLU E 89 -18.19 -2.58 31.21
CA GLU E 89 -18.84 -2.26 32.51
C GLU E 89 -19.44 -0.85 32.48
N VAL E 90 -18.62 0.16 32.20
CA VAL E 90 -18.99 1.60 32.21
C VAL E 90 -19.45 2.07 30.82
N GLY E 91 -18.96 1.42 29.75
CA GLY E 91 -19.32 1.75 28.36
C GLY E 91 -18.65 3.03 27.87
N ARG E 92 -17.36 3.19 28.17
CA ARG E 92 -16.53 4.35 27.76
C ARG E 92 -15.14 3.83 27.38
N TYR E 93 -14.43 4.55 26.52
CA TYR E 93 -13.06 4.22 26.06
C TYR E 93 -12.05 4.84 27.02
N PHE E 94 -11.17 4.02 27.59
CA PHE E 94 -10.11 4.44 28.56
C PHE E 94 -8.73 4.18 27.95
N LEU E 95 -7.73 4.90 28.47
CA LEU E 95 -6.31 4.80 28.03
C LEU E 95 -5.87 3.33 28.10
N ASP E 96 -5.43 2.77 26.97
CA ASP E 96 -4.86 1.41 26.86
C ASP E 96 -3.35 1.59 26.67
N PRO E 97 -2.55 1.52 27.76
CA PRO E 97 -1.12 1.79 27.70
C PRO E 97 -0.35 0.89 26.72
N SER E 98 -0.82 -0.35 26.52
CA SER E 98 -0.19 -1.35 25.63
C SER E 98 -0.11 -0.82 24.20
N GLY E 99 -0.99 0.13 23.86
CA GLY E 99 -1.05 0.76 22.53
C GLY E 99 -0.26 2.06 22.48
N ASP E 100 0.50 2.35 23.54
CA ASP E 100 1.33 3.58 23.67
C ASP E 100 0.42 4.78 23.97
N LEU E 101 0.97 5.80 24.65
CA LEU E 101 0.26 7.06 24.96
C LEU E 101 0.09 7.83 23.64
N PHE E 102 -1.04 8.54 23.49
N PHE E 102 -1.05 8.51 23.48
CA PHE E 102 -1.36 9.38 22.32
CA PHE E 102 -1.35 9.36 22.30
C PHE E 102 -0.53 10.67 22.41
C PHE E 102 -0.58 10.68 22.43
N ASN E 103 0.10 11.07 21.31
N ASN E 103 0.05 11.13 21.34
CA ASN E 103 0.94 12.29 21.23
CA ASN E 103 0.86 12.37 21.31
C ASN E 103 0.71 12.97 19.88
C ASN E 103 0.65 13.06 19.96
N ASN E 104 0.50 14.29 19.89
N ASN E 104 0.41 14.38 19.98
CA ASN E 104 0.25 15.12 18.67
CA ASN E 104 0.21 15.23 18.78
C ASN E 104 1.59 15.43 17.99
C ASN E 104 1.59 15.53 18.17
N GLY E 105 2.61 14.61 18.25
N GLY E 105 2.65 15.26 18.92
CA GLY E 105 3.98 14.76 17.70
CA GLY E 105 4.06 15.48 18.51
C GLY E 105 4.03 14.51 16.21
C GLY E 105 4.30 15.11 17.06
N TYR E 106 3.43 13.39 15.75
N TYR E 106 3.67 14.03 16.58
CA TYR E 106 3.40 12.98 14.32
CA TYR E 106 3.79 13.52 15.20
C TYR E 106 2.92 14.12 13.44
C TYR E 106 3.64 14.68 14.19
N ARG E 107 2.07 15.00 13.99
N ARG E 107 2.49 15.35 14.21
CA ARG E 107 1.47 16.16 13.27
CA ARG E 107 2.16 16.49 13.31
C ARG E 107 2.46 17.33 13.27
C ARG E 107 3.36 17.45 13.22
N TYR E 108 3.24 17.49 14.35
N TYR E 108 3.76 18.02 14.36
CA TYR E 108 4.24 18.56 14.54
CA TYR E 108 4.84 19.02 14.51
C TYR E 108 5.43 18.36 13.58
C TYR E 108 6.04 18.68 13.60
N LEU E 109 5.78 17.11 13.28
N LEU E 109 6.86 17.70 14.00
CA LEU E 109 6.89 16.76 12.37
CA LEU E 109 8.08 17.28 13.25
C LEU E 109 6.41 16.88 10.92
C LEU E 109 7.80 17.14 11.75
N ASN E 110 5.09 16.73 10.69
N ASN E 110 6.58 16.73 11.37
CA ASN E 110 4.46 16.89 9.37
CA ASN E 110 6.20 16.60 9.93
C ASN E 110 4.56 18.35 8.97
C ASN E 110 5.99 17.99 9.32
N TRP E 111 4.41 19.26 9.94
N TRP E 111 5.78 19.02 10.17
CA TRP E 111 4.50 20.73 9.75
CA TRP E 111 5.61 20.42 9.71
C TRP E 111 5.96 21.11 9.44
C TRP E 111 6.94 20.93 9.15
N LEU E 112 6.90 20.53 10.19
N LEU E 112 8.05 20.25 9.46
CA LEU E 112 8.36 20.79 10.09
CA LEU E 112 9.41 20.58 8.95
C LEU E 112 8.81 20.76 8.63
C LEU E 112 9.42 20.34 7.44
N ILE E 113 8.29 19.81 7.82
N ILE E 113 8.34 19.75 6.92
CA ILE E 113 8.67 19.63 6.40
CA ILE E 113 8.12 19.49 5.46
C ILE E 113 7.67 20.37 5.50
C ILE E 113 7.03 20.44 4.97
N ASP E 114 6.41 20.45 5.89
N ASP E 114 5.83 20.33 5.56
CA ASP E 114 5.32 21.11 5.12
CA ASP E 114 4.62 21.12 5.21
C ASP E 114 5.55 22.63 5.10
C ASP E 114 4.95 22.63 5.18
N VAL E 115 5.54 23.26 6.27
N VAL E 115 5.30 23.20 6.33
CA VAL E 115 5.71 24.73 6.46
CA VAL E 115 5.58 24.66 6.52
C VAL E 115 6.71 25.28 5.43
C VAL E 115 6.60 25.14 5.50
N PRO E 116 7.96 24.77 5.40
N PRO E 116 7.88 24.71 5.57
CA PRO E 116 8.96 25.26 4.46
CA PRO E 116 8.91 25.18 4.64
C PRO E 116 8.50 25.23 2.99
C PRO E 116 8.52 25.11 3.15
N MET E 117 7.88 24.11 2.57
N MET E 117 7.74 24.10 2.76
CA MET E 117 7.42 23.88 1.17
CA MET E 117 7.31 23.87 1.35
C MET E 117 6.23 24.80 0.85
C MET E 117 6.15 24.80 1.00
N LEU E 118 5.28 24.93 1.77
N LEU E 118 5.16 24.92 1.88
CA LEU E 118 4.04 25.75 1.60
CA LEU E 118 3.93 25.75 1.68
C LEU E 118 4.40 27.22 1.41
C LEU E 118 4.32 27.22 1.49
N LEU E 119 5.39 27.72 2.16
N LEU E 119 5.31 27.70 2.23
CA LEU E 119 5.85 29.14 2.11
CA LEU E 119 5.81 29.10 2.19
C LEU E 119 6.70 29.36 0.86
C LEU E 119 6.64 29.34 0.93
N PHE E 120 7.38 28.31 0.38
N PHE E 120 7.31 28.29 0.44
CA PHE E 120 8.35 28.35 -0.74
CA PHE E 120 8.28 28.34 -0.68
C PHE E 120 7.65 28.26 -2.09
C PHE E 120 7.59 28.25 -2.06
N GLN E 121 6.54 27.52 -2.19
N GLN E 121 6.49 27.50 -2.17
CA GLN E 121 5.83 27.27 -3.47
CA GLN E 121 5.80 27.26 -3.46
C GLN E 121 5.20 28.56 -4.02
C GLN E 121 5.18 28.55 -4.01
N ILE E 122 4.74 29.46 -3.14
CA ILE E 122 4.08 30.74 -3.58
C ILE E 122 5.09 31.60 -4.36
N LEU E 123 6.40 31.39 -4.14
CA LEU E 123 7.49 32.18 -4.78
C LEU E 123 7.70 31.73 -6.24
N PHE E 124 6.98 30.69 -6.69
CA PHE E 124 7.07 30.14 -8.07
C PHE E 124 5.86 30.59 -8.90
N VAL E 125 4.89 31.26 -8.26
CA VAL E 125 3.65 31.73 -8.92
C VAL E 125 3.67 33.27 -9.01
N VAL E 126 4.04 33.94 -7.90
CA VAL E 126 4.09 35.43 -7.81
C VAL E 126 5.51 35.90 -8.14
N SER E 127 5.65 37.18 -8.50
CA SER E 127 6.94 37.85 -8.85
C SER E 127 7.21 38.96 -7.83
N LEU E 128 8.31 38.84 -7.08
CA LEU E 128 8.74 39.86 -6.09
C LEU E 128 9.18 41.11 -6.86
N THR E 129 9.14 42.29 -6.21
CA THR E 129 9.50 43.59 -6.82
C THR E 129 10.76 44.15 -6.18
N THR E 130 10.72 44.45 -4.88
CA THR E 130 11.85 45.05 -4.11
C THR E 130 12.51 44.01 -3.21
N SER E 131 11.86 42.87 -2.96
CA SER E 131 12.36 41.78 -2.08
C SER E 131 13.15 40.76 -2.90
N LYS E 132 14.23 40.23 -2.32
CA LYS E 132 15.13 39.22 -2.97
C LYS E 132 14.54 37.83 -2.71
N PHE E 133 14.44 36.99 -3.75
CA PHE E 133 13.89 35.60 -3.68
C PHE E 133 14.58 34.83 -2.56
N SER E 134 15.91 34.68 -2.64
CA SER E 134 16.76 33.94 -1.67
C SER E 134 16.52 34.46 -0.25
N SER E 135 16.50 35.78 -0.08
CA SER E 135 16.30 36.47 1.23
C SER E 135 14.98 36.00 1.86
N VAL E 136 13.86 36.19 1.16
CA VAL E 136 12.48 35.80 1.62
C VAL E 136 12.49 34.31 2.01
N ARG E 137 12.96 33.45 1.10
CA ARG E 137 13.04 31.98 1.28
C ARG E 137 13.72 31.66 2.61
N ASN E 138 14.96 32.15 2.80
CA ASN E 138 15.79 31.91 4.01
C ASN E 138 15.02 32.29 5.28
N GLN E 139 14.32 33.43 5.26
CA GLN E 139 13.55 33.94 6.42
C GLN E 139 12.42 32.95 6.75
N PHE E 140 11.62 32.56 5.75
CA PHE E 140 10.49 31.60 5.91
C PHE E 140 11.01 30.30 6.53
N TRP E 141 12.02 29.70 5.89
CA TRP E 141 12.64 28.41 6.28
C TRP E 141 13.18 28.45 7.72
N PHE E 142 13.88 29.52 8.11
CA PHE E 142 14.47 29.66 9.46
C PHE E 142 13.34 29.80 10.50
N SER E 143 12.57 30.90 10.42
CA SER E 143 11.43 31.21 11.33
C SER E 143 10.46 30.02 11.37
N GLY E 144 10.19 29.41 10.22
CA GLY E 144 9.30 28.23 10.09
C GLY E 144 9.78 27.07 10.95
N ALA E 145 11.07 26.74 10.85
CA ALA E 145 11.73 25.65 11.60
C ALA E 145 11.67 25.93 13.10
N MET E 146 12.15 27.11 13.52
CA MET E 146 12.18 27.56 14.94
C MET E 146 10.78 27.52 15.54
N MET E 147 9.77 27.96 14.77
CA MET E 147 8.35 28.00 15.20
C MET E 147 7.86 26.60 15.56
N ILE E 148 8.09 25.62 14.68
N ILE E 148 8.10 25.63 14.67
CA ILE E 148 7.67 24.20 14.83
CA ILE E 148 7.70 24.19 14.81
C ILE E 148 8.44 23.57 16.00
C ILE E 148 8.44 23.57 15.99
N ILE E 149 9.78 23.59 15.94
CA ILE E 149 10.67 22.99 16.98
C ILE E 149 10.25 23.46 18.38
N THR E 150 10.21 24.78 18.62
CA THR E 150 9.85 25.38 19.94
C THR E 150 8.47 24.87 20.38
N GLY E 151 7.48 24.88 19.49
CA GLY E 151 6.11 24.42 19.76
C GLY E 151 6.08 22.93 20.09
N TYR E 152 6.87 22.13 19.38
CA TYR E 152 6.99 20.66 19.56
C TYR E 152 7.44 20.35 20.99
N ILE E 153 8.35 21.16 21.53
CA ILE E 153 8.92 21.02 22.90
C ILE E 153 7.83 21.34 23.93
N GLY E 154 7.11 22.45 23.74
CA GLY E 154 6.07 22.95 24.67
C GLY E 154 4.90 21.99 24.83
N GLN E 155 4.45 21.37 23.74
CA GLN E 155 3.25 20.47 23.72
C GLN E 155 3.47 19.27 24.64
N PHE E 156 4.73 18.93 24.95
CA PHE E 156 5.10 17.79 25.84
C PHE E 156 4.78 18.13 27.30
N TYR E 157 4.68 19.43 27.63
CA TYR E 157 4.46 19.93 29.01
C TYR E 157 3.09 20.60 29.15
N GLU E 158 2.17 20.35 28.22
CA GLU E 158 0.82 20.99 28.20
C GLU E 158 0.04 20.59 29.46
N VAL E 159 0.56 19.65 30.25
CA VAL E 159 -0.10 19.17 31.51
C VAL E 159 0.92 19.11 32.64
N SER E 160 2.07 18.46 32.42
CA SER E 160 3.15 18.24 33.42
C SER E 160 3.70 19.58 33.95
N ASN E 161 3.85 20.59 33.09
CA ASN E 161 4.43 21.91 33.46
C ASN E 161 3.82 23.01 32.60
N LEU E 162 2.69 23.58 33.06
CA LEU E 162 1.91 24.64 32.34
C LEU E 162 2.81 25.84 32.01
N THR E 163 3.79 26.14 32.86
CA THR E 163 4.73 27.29 32.71
C THR E 163 5.54 27.10 31.42
N ALA E 164 6.32 26.01 31.34
CA ALA E 164 7.17 25.66 30.18
C ALA E 164 6.31 25.66 28.91
N PHE E 165 5.08 25.13 29.01
CA PHE E 165 4.10 25.01 27.90
C PHE E 165 3.83 26.38 27.28
N LEU E 166 3.59 27.40 28.10
CA LEU E 166 3.24 28.78 27.67
C LEU E 166 4.51 29.51 27.19
N VAL E 167 5.62 29.40 27.93
CA VAL E 167 6.92 30.05 27.59
C VAL E 167 7.29 29.68 26.14
N TRP E 168 7.39 28.38 25.86
CA TRP E 168 7.73 27.85 24.51
C TRP E 168 6.70 28.33 23.48
N GLY E 169 5.41 28.24 23.83
CA GLY E 169 4.29 28.69 22.98
C GLY E 169 4.46 30.14 22.58
N ALA E 170 4.91 30.97 23.53
CA ALA E 170 5.17 32.42 23.35
C ALA E 170 6.33 32.61 22.36
N ILE E 171 7.48 31.97 22.65
CA ILE E 171 8.70 32.03 21.80
C ILE E 171 8.30 31.65 20.37
N SER E 172 7.56 30.55 20.21
CA SER E 172 7.06 30.03 18.92
C SER E 172 6.26 31.14 18.21
N SER E 173 5.34 31.78 18.93
CA SER E 173 4.46 32.87 18.43
C SER E 173 5.31 33.97 17.77
N ALA E 174 6.44 34.31 18.39
CA ALA E 174 7.39 35.34 17.92
C ALA E 174 7.71 35.08 16.43
N PHE E 175 8.21 33.88 16.12
CA PHE E 175 8.59 33.45 14.75
C PHE E 175 7.37 33.40 13.84
N PHE E 176 6.19 33.12 14.40
CA PHE E 176 4.90 33.04 13.67
C PHE E 176 4.54 34.43 13.11
N PHE E 177 4.68 35.47 13.94
CA PHE E 177 4.39 36.88 13.56
C PHE E 177 5.34 37.32 12.45
N HIS E 178 6.62 36.93 12.54
CA HIS E 178 7.66 37.25 11.54
C HIS E 178 7.29 36.65 10.19
N ILE E 179 6.75 35.42 10.19
CA ILE E 179 6.32 34.69 8.96
C ILE E 179 5.13 35.44 8.35
N LEU E 180 4.14 35.82 9.17
CA LEU E 180 2.95 36.58 8.74
C LEU E 180 3.39 37.88 8.08
N TRP E 181 4.42 38.53 8.64
CA TRP E 181 4.99 39.82 8.16
C TRP E 181 5.56 39.64 6.75
N VAL E 182 6.47 38.67 6.57
CA VAL E 182 7.16 38.36 5.29
C VAL E 182 6.11 37.96 4.24
N MET E 183 5.17 37.08 4.61
CA MET E 183 4.10 36.59 3.70
C MET E 183 3.27 37.78 3.21
N LYS E 184 2.99 38.75 4.09
CA LYS E 184 2.22 39.96 3.76
C LYS E 184 2.95 40.73 2.65
N LYS E 185 4.27 40.91 2.79
CA LYS E 185 5.13 41.59 1.79
C LYS E 185 5.00 40.86 0.45
N VAL E 186 5.22 39.54 0.47
CA VAL E 186 5.18 38.65 -0.74
C VAL E 186 3.84 38.85 -1.47
N ILE E 187 2.72 38.89 -0.72
CA ILE E 187 1.35 39.06 -1.28
C ILE E 187 1.25 40.42 -1.98
N ASN E 188 1.67 41.49 -1.31
CA ASN E 188 1.64 42.88 -1.84
C ASN E 188 2.45 42.96 -3.13
N GLU E 189 3.74 42.60 -3.08
CA GLU E 189 4.66 42.61 -4.24
C GLU E 189 4.10 41.72 -5.35
N GLY E 190 3.41 40.65 -4.97
CA GLY E 190 2.80 39.68 -5.91
C GLY E 190 1.66 40.29 -6.70
N LYS E 191 0.86 41.13 -6.05
CA LYS E 191 -0.31 41.83 -6.66
C LYS E 191 0.15 42.81 -7.74
N GLU E 192 1.31 43.46 -7.54
CA GLU E 192 1.88 44.45 -8.47
C GLU E 192 2.32 43.76 -9.77
N GLY E 193 1.71 44.13 -10.91
CA GLY E 193 2.08 43.63 -12.24
C GLY E 193 1.08 42.65 -12.83
N ILE E 194 0.28 41.98 -11.99
CA ILE E 194 -0.72 40.96 -12.43
C ILE E 194 -2.09 41.63 -12.63
N SER E 195 -2.98 40.93 -13.35
CA SER E 195 -4.36 41.38 -13.68
C SER E 195 -5.19 41.51 -12.40
N PRO E 196 -6.36 42.19 -12.46
CA PRO E 196 -7.23 42.34 -11.30
C PRO E 196 -7.72 40.97 -10.79
N ALA E 197 -7.89 40.01 -11.71
CA ALA E 197 -8.32 38.63 -11.42
C ALA E 197 -7.31 37.96 -10.49
N GLY E 198 -6.02 38.04 -10.85
CA GLY E 198 -4.90 37.49 -10.07
C GLY E 198 -4.84 38.11 -8.69
N GLN E 199 -5.03 39.43 -8.61
CA GLN E 199 -5.03 40.22 -7.35
C GLN E 199 -6.16 39.70 -6.45
N LYS E 200 -7.34 39.50 -7.03
CA LYS E 200 -8.56 38.98 -6.34
C LYS E 200 -8.20 37.68 -5.62
N ILE E 201 -7.51 36.77 -6.32
CA ILE E 201 -7.10 35.43 -5.81
C ILE E 201 -6.09 35.61 -4.66
N LEU E 202 -5.02 36.39 -4.88
CA LEU E 202 -3.97 36.64 -3.86
C LEU E 202 -4.61 37.18 -2.58
N SER E 203 -5.66 38.02 -2.71
CA SER E 203 -6.40 38.60 -1.57
C SER E 203 -7.04 37.46 -0.76
N ASN E 204 -7.67 36.52 -1.47
CA ASN E 204 -8.34 35.32 -0.88
C ASN E 204 -7.28 34.43 -0.22
N ILE E 205 -6.14 34.24 -0.90
CA ILE E 205 -5.00 33.41 -0.41
C ILE E 205 -4.50 33.97 0.93
N TRP E 206 -4.38 35.29 1.04
CA TRP E 206 -3.90 35.98 2.27
C TRP E 206 -4.86 35.73 3.43
N ILE E 207 -6.18 35.85 3.19
CA ILE E 207 -7.25 35.63 4.20
C ILE E 207 -7.18 34.16 4.66
N LEU E 208 -7.15 33.22 3.71
CA LEU E 208 -7.07 31.77 3.96
C LEU E 208 -5.85 31.47 4.85
N PHE E 209 -4.68 31.94 4.42
CA PHE E 209 -3.37 31.76 5.11
C PHE E 209 -3.46 32.27 6.55
N LEU E 210 -3.99 33.49 6.72
CA LEU E 210 -4.10 34.20 8.02
C LEU E 210 -4.95 33.36 9.00
N ILE E 211 -6.16 32.98 8.58
CA ILE E 211 -7.15 32.23 9.41
C ILE E 211 -6.66 30.81 9.68
N SER E 212 -6.39 30.03 8.63
CA SER E 212 -5.98 28.60 8.69
C SER E 212 -4.76 28.41 9.59
N TRP E 213 -3.73 29.26 9.44
CA TRP E 213 -2.45 29.19 10.20
C TRP E 213 -2.65 29.58 11.67
N THR E 214 -3.65 30.42 11.96
CA THR E 214 -3.96 30.91 13.33
C THR E 214 -4.67 29.81 14.13
N LEU E 215 -5.33 28.87 13.44
CA LEU E 215 -6.08 27.76 14.05
C LEU E 215 -5.12 26.84 14.83
N TYR E 216 -3.90 26.64 14.33
CA TYR E 216 -2.86 25.76 14.93
C TYR E 216 -2.57 26.19 16.36
N PRO E 217 -2.13 27.44 16.61
CA PRO E 217 -1.86 27.90 17.97
C PRO E 217 -3.13 27.81 18.85
N GLY E 218 -4.31 27.89 18.21
CA GLY E 218 -5.62 27.77 18.87
C GLY E 218 -5.84 26.37 19.42
N ALA E 219 -5.47 25.35 18.62
CA ALA E 219 -5.56 23.92 18.96
C ALA E 219 -4.54 23.59 20.07
N TYR E 220 -3.43 24.33 20.08
CA TYR E 220 -2.31 24.20 21.06
C TYR E 220 -2.81 24.53 22.46
N LEU E 221 -3.66 25.56 22.58
CA LEU E 221 -4.21 26.09 23.87
C LEU E 221 -5.59 25.50 24.15
N MET E 222 -6.23 24.93 23.13
CA MET E 222 -7.62 24.38 23.17
C MET E 222 -8.00 23.92 24.58
N PRO E 223 -7.20 23.04 25.24
CA PRO E 223 -7.58 22.51 26.54
C PRO E 223 -7.68 23.55 27.68
N TYR E 224 -7.11 24.74 27.50
CA TYR E 224 -7.06 25.80 28.54
C TYR E 224 -7.74 27.11 28.07
N LEU E 225 -8.43 27.08 26.93
CA LEU E 225 -9.12 28.28 26.37
C LEU E 225 -10.28 28.70 27.29
N THR E 226 -10.77 27.78 28.13
CA THR E 226 -11.86 28.03 29.12
C THR E 226 -11.27 27.90 30.53
N GLY E 227 -9.97 28.22 30.68
CA GLY E 227 -9.24 28.14 31.95
C GLY E 227 -9.14 26.72 32.46
N VAL E 228 -8.29 26.49 33.47
CA VAL E 228 -8.06 25.14 34.09
C VAL E 228 -9.39 24.65 34.68
N ASP E 229 -9.63 23.35 34.64
CA ASP E 229 -10.89 22.70 35.13
C ASP E 229 -12.08 23.38 34.44
N GLY E 230 -11.89 23.82 33.20
CA GLY E 230 -12.92 24.49 32.38
C GLY E 230 -13.67 23.49 31.50
N PHE E 231 -14.66 23.97 30.76
CA PHE E 231 -15.54 23.17 29.85
C PHE E 231 -14.70 22.44 28.80
N LEU E 232 -13.65 23.07 28.28
CA LEU E 232 -12.80 22.50 27.20
C LEU E 232 -11.79 21.49 27.75
N TYR E 233 -11.51 21.50 29.06
CA TYR E 233 -10.58 20.53 29.69
C TYR E 233 -11.35 19.25 29.98
N SER E 234 -11.91 18.66 28.92
CA SER E 234 -12.74 17.42 28.92
C SER E 234 -12.60 16.73 27.57
N GLU E 235 -13.46 15.75 27.28
CA GLU E 235 -13.47 15.02 25.99
C GLU E 235 -13.93 16.00 24.89
N ASP E 236 -14.68 17.02 25.28
CA ASP E 236 -15.20 18.09 24.38
C ASP E 236 -13.98 18.84 23.81
N GLY E 237 -13.02 19.16 24.66
CA GLY E 237 -11.77 19.86 24.28
C GLY E 237 -10.94 19.01 23.33
N VAL E 238 -10.93 17.69 23.55
CA VAL E 238 -10.19 16.69 22.72
C VAL E 238 -10.78 16.73 21.30
N MET E 239 -12.11 16.59 21.19
CA MET E 239 -12.85 16.62 19.90
C MET E 239 -12.52 17.93 19.18
N ALA E 240 -12.66 19.05 19.89
CA ALA E 240 -12.44 20.43 19.40
C ALA E 240 -11.02 20.55 18.80
N ARG E 241 -10.00 20.13 19.55
CA ARG E 241 -8.57 20.22 19.15
C ARG E 241 -8.35 19.46 17.83
N GLN E 242 -8.74 18.18 17.76
CA GLN E 242 -8.53 17.31 16.58
C GLN E 242 -9.35 17.82 15.39
N LEU E 243 -10.54 18.37 15.64
CA LEU E 243 -11.40 18.96 14.58
C LEU E 243 -10.69 20.17 14.00
N VAL E 244 -10.29 21.11 14.86
CA VAL E 244 -9.58 22.37 14.48
C VAL E 244 -8.35 22.01 13.64
N TYR E 245 -7.54 21.05 14.09
CA TYR E 245 -6.32 20.59 13.38
C TYR E 245 -6.70 20.16 11.96
N THR E 246 -7.74 19.33 11.83
CA THR E 246 -8.22 18.78 10.53
C THR E 246 -8.66 19.92 9.61
N ILE E 247 -9.45 20.88 10.12
CA ILE E 247 -9.93 22.07 9.36
C ILE E 247 -8.71 22.85 8.88
N ALA E 248 -7.77 23.14 9.79
CA ALA E 248 -6.53 23.89 9.53
C ALA E 248 -5.71 23.19 8.45
N ASP E 249 -5.49 21.88 8.60
CA ASP E 249 -4.67 21.04 7.67
C ASP E 249 -5.25 21.10 6.25
N VAL E 250 -6.56 20.87 6.09
CA VAL E 250 -7.25 20.86 4.77
C VAL E 250 -7.13 22.23 4.12
N SER E 251 -7.36 23.30 4.89
CA SER E 251 -7.35 24.71 4.43
C SER E 251 -5.94 25.18 4.05
N SER E 252 -4.96 24.92 4.92
CA SER E 252 -3.56 25.40 4.80
C SER E 252 -2.78 24.65 3.72
N LYS E 253 -3.24 23.45 3.33
CA LYS E 253 -2.48 22.65 2.39
C LYS E 253 -3.25 22.41 1.09
N VAL E 254 -4.40 21.75 1.19
CA VAL E 254 -5.16 21.38 0.01
C VAL E 254 -5.76 22.63 -0.65
N ILE E 255 -6.62 23.36 0.08
CA ILE E 255 -7.33 24.58 -0.44
C ILE E 255 -6.29 25.63 -0.87
N TYR E 256 -5.25 25.87 -0.06
CA TYR E 256 -4.15 26.83 -0.33
C TYR E 256 -3.49 26.47 -1.66
N GLY E 257 -3.25 25.17 -1.89
CA GLY E 257 -2.61 24.64 -3.11
C GLY E 257 -3.51 24.81 -4.33
N VAL E 258 -4.82 24.61 -4.16
CA VAL E 258 -5.83 24.74 -5.24
C VAL E 258 -5.89 26.20 -5.71
N LEU E 259 -5.89 27.15 -4.77
CA LEU E 259 -5.92 28.61 -5.06
C LEU E 259 -4.66 28.99 -5.84
N LEU E 260 -3.48 28.52 -5.42
CA LEU E 260 -2.20 28.78 -6.11
C LEU E 260 -2.30 28.27 -7.55
N GLY E 261 -2.90 27.09 -7.73
CA GLY E 261 -3.12 26.47 -9.06
C GLY E 261 -3.99 27.36 -9.93
N ASN E 262 -5.07 27.89 -9.35
CA ASN E 262 -6.04 28.80 -10.03
C ASN E 262 -5.32 30.07 -10.47
N LEU E 263 -4.46 30.62 -9.61
CA LEU E 263 -3.67 31.85 -9.87
C LEU E 263 -2.69 31.56 -11.02
N ALA E 264 -2.02 30.41 -10.98
CA ALA E 264 -1.05 29.94 -12.01
C ALA E 264 -1.74 29.93 -13.38
N ILE E 265 -2.97 29.41 -13.43
CA ILE E 265 -3.79 29.31 -14.68
C ILE E 265 -4.11 30.74 -15.17
N THR E 266 -4.48 31.63 -14.24
CA THR E 266 -4.82 33.05 -14.51
C THR E 266 -3.63 33.76 -15.18
N LEU E 267 -2.40 33.43 -14.77
CA LEU E 267 -1.15 34.07 -15.29
C LEU E 267 -0.62 33.29 -16.48
N SER E 268 -1.15 32.09 -16.75
CA SER E 268 -0.72 31.19 -17.86
C SER E 268 -1.23 31.75 -19.19
N LYS E 269 -0.43 31.59 -20.26
CA LYS E 269 -0.73 32.04 -21.64
C LYS E 269 -0.61 30.86 -22.60
C10 OLC F . -20.06 25.29 2.27
C9 OLC F . -20.03 26.12 1.23
C11 OLC F . -20.04 25.83 3.67
C8 OLC F . -19.97 27.62 1.43
C12 OLC F . -20.29 24.73 4.69
C7 OLC F . -21.16 28.30 0.75
C15 OLC F . -21.86 24.72 8.22
C13 OLC F . -20.74 25.30 6.03
C14 OLC F . -21.04 24.19 7.04
C10 OLC G . -16.06 -1.23 -12.15
C9 OLC G . -15.48 -0.41 -13.02
C11 OLC G . -17.55 -1.19 -11.91
C8 OLC G . -16.30 0.59 -13.80
C12 OLC G . -18.09 -2.59 -11.65
C7 OLC G . -15.87 0.59 -15.27
C15 OLC G . -21.53 -3.91 -10.51
C13 OLC G . -19.61 -2.59 -11.48
C6 OLC G . -17.02 0.17 -16.17
C14 OLC G . -20.03 -3.65 -10.47
C5 OLC G . -16.80 0.63 -17.61
C4 OLC G . -17.86 0.06 -18.55
C3 OLC G . -17.71 0.63 -19.96
C2 OLC G . -18.68 1.79 -20.17
C1 OLC G . -18.92 1.99 -21.65
O19 OLC G . -20.04 1.95 -22.12
O20 OLC G . -17.79 2.25 -22.53
C10 OLC H . -31.59 26.18 2.73
C9 OLC H . -30.82 27.09 2.13
C11 OLC H . -32.96 25.86 2.18
C8 OLC H . -31.30 27.82 0.90
C12 OLC H . -33.50 24.59 2.84
C7 OLC H . -30.16 28.64 0.30
C13 OLC H . -34.14 24.87 4.19
C24 OLC I . -35.71 14.78 22.85
C6 OLC I . -31.72 22.44 16.02
C5 OLC I . -32.76 21.63 16.78
C4 OLC I . -32.17 20.32 17.30
C3 OLC I . -33.11 19.64 18.29
C2 OLC I . -32.37 18.64 19.18
C21 OLC I . -34.64 16.21 21.12
C1 OLC I . -33.24 17.44 19.45
C22 OLC I . -34.65 15.85 22.60
O19 OLC I . -33.76 16.85 18.52
O25 OLC I . -35.78 14.49 24.25
O23 OLC I . -33.36 15.35 22.99
O20 OLC I . -33.47 16.98 20.80
C8 OLC J . -23.43 21.59 17.66
C24 OLC J . -29.95 14.80 25.03
C7 OLC J . -24.29 20.33 17.66
C6 OLC J . -24.61 19.87 19.08
C5 OLC J . -25.62 18.73 19.09
C4 OLC J . -25.81 18.16 20.49
C3 OLC J . -26.75 16.96 20.48
C2 OLC J . -28.20 17.41 20.59
C21 OLC J . -29.71 14.43 22.57
C1 OLC J . -29.09 16.24 20.97
C22 OLC J . -29.34 13.91 23.96
O19 OLC J . -29.94 15.83 20.20
O25 OLC J . -30.36 16.05 24.45
O23 OLC J . -29.84 12.57 24.11
O20 OLC J . -28.93 15.59 22.25
C14 LFA K . -37.79 18.12 -5.86
C15 LFA K . -38.01 16.77 -6.50
C16 LFA K . -38.60 16.85 -7.89
C17 LFA K . -39.02 15.51 -8.45
C18 LFA K . -39.82 15.59 -9.74
C19 LFA K . -39.61 14.44 -10.69
C20 LFA K . -39.35 14.87 -12.11
C1 LFA L . -30.53 0.96 -8.40
C2 LFA L . -29.91 1.92 -9.38
C3 LFA L . -30.90 2.55 -10.33
C4 LFA L . -30.60 2.33 -11.79
C5 LFA L . -31.22 3.34 -12.73
C6 LFA L . -30.63 3.36 -14.11
C7 LFA L . -31.29 4.31 -15.07
C8 LFA L . -30.68 4.34 -16.45
C13 LFA M . -39.06 6.22 3.99
C14 LFA M . -38.26 6.13 2.71
C15 LFA M . -38.19 4.75 2.11
C16 LFA M . -37.67 4.71 0.69
C17 LFA M . -36.39 3.90 0.52
C18 LFA M . -36.61 2.41 0.52
C19 LFA M . -35.35 1.60 0.75
C20 LFA M . -35.33 0.29 -0.01
C17 LFA N . -39.51 18.59 12.07
C18 LFA N . -38.71 19.67 11.39
C19 LFA N . -38.77 19.65 9.88
C20 LFA N . -37.80 20.59 9.21
C1 LFA O . -35.99 10.98 8.14
C2 LFA O . -37.21 11.88 8.20
C3 LFA O . -38.17 11.53 9.31
C4 LFA O . -38.97 10.26 9.08
C5 LFA O . -40.44 10.40 9.37
C6 LFA O . -40.77 10.70 10.82
C1 LFA P . -36.94 24.72 -2.55
C2 LFA P . -37.30 23.51 -1.72
C3 LFA P . -36.89 23.62 -0.27
C4 LFA P . -37.51 22.59 0.64
C5 LFA P . -37.35 22.87 2.11
C6 LFA P . -38.58 22.56 2.94
C7 LFA P . -39.01 21.12 2.89
NA NA Q . -14.28 -10.96 13.65
C10 OLC R . -9.86 17.68 -1.91
C9 OLC R . -9.12 17.63 -3.02
C17 OLC R . -13.07 19.25 4.70
C11 OLC R . -11.34 18.05 -1.98
C8 OLC R . -9.73 17.92 -4.37
C16 OLC R . -14.09 18.87 3.64
C12 OLC R . -12.02 17.65 -0.67
C7 OLC R . -9.66 19.40 -4.69
C15 OLC R . -13.72 19.42 2.26
C13 OLC R . -12.53 18.86 0.10
C6 OLC R . -10.88 19.83 -5.51
C14 OLC R . -12.69 18.53 1.57
C5 OLC R . -10.57 21.03 -6.40
C4 OLC R . -11.84 21.56 -7.06
C3 OLC R . -11.54 22.15 -8.43
C2 OLC R . -11.40 23.66 -8.36
C1 OLC R . -11.32 24.24 -9.75
O19 OLC R . -11.05 23.53 -10.71
O20 OLC R . -11.58 25.65 -9.97
C18 OLC S . -17.14 21.94 7.43
C10 OLC S . -15.13 21.77 -0.87
C9 OLC S . -14.01 22.03 -1.54
C17 OLC S . -16.80 21.12 6.20
C11 OLC S . -15.99 22.90 -0.34
C8 OLC S . -13.55 23.45 -1.79
C16 OLC S . -17.48 21.69 4.96
C12 OLC S . -17.21 22.33 0.35
C7 OLC S . -12.36 23.45 -2.74
C15 OLC S . -17.40 20.72 3.79
C13 OLC S . -17.00 22.27 1.86
C6 OLC S . -11.84 24.86 -2.99
C14 OLC S . -17.99 21.32 2.53
C5 OLC S . -12.19 25.33 -4.41
C4 OLC S . -11.93 26.82 -4.57
C3 OLC S . -11.90 27.20 -6.06
C2 OLC S . -13.22 27.83 -6.48
C1 OLC S . -13.42 27.63 -7.96
O19 OLC S . -12.62 28.08 -8.77
O20 OLC S . -14.58 26.89 -8.46
C1 RET T . -28.85 11.29 5.58
C2 RET T . -29.54 11.41 6.95
C3 RET T . -31.00 11.15 6.91
C4 RET T . -31.68 12.10 5.94
C5 RET T . -30.97 12.26 4.65
C6 RET T . -29.70 11.82 4.44
C7 RET T . -29.13 11.89 3.12
C8 RET T . -27.85 11.59 2.77
C9 RET T . -27.34 11.48 1.46
C10 RET T . -26.01 11.11 1.20
C11 RET T . -25.39 10.86 -0.01
C12 RET T . -24.09 10.42 -0.19
C13 RET T . -23.42 10.05 -1.38
C14 RET T . -22.16 9.55 -1.30
C15 RET T . -21.38 8.96 -2.46
C16 RET T . -27.53 12.06 5.66
C17 RET T . -28.53 9.80 5.34
C18 RET T . -31.80 12.93 3.58
C19 RET T . -28.23 11.72 0.29
C20 RET T . -24.17 10.19 -2.64
C10 OLC U . -24.36 -6.67 -13.05
C9 OLC U . -24.05 -5.95 -14.12
C11 OLC U . -24.70 -5.98 -11.74
C8 OLC U . -24.04 -4.44 -14.07
C12 OLC U . -25.73 -6.80 -10.98
C7 OLC U . -22.77 -3.92 -14.72
C15 OLC U . -26.72 -6.94 -7.23
C13 OLC U . -25.64 -6.54 -9.48
C6 OLC U . -22.62 -2.41 -14.50
C14 OLC U . -26.77 -7.24 -8.73
C5 OLC U . -21.52 -1.84 -15.40
C4 OLC U . -21.43 -0.32 -15.24
C3 OLC U . -22.48 0.40 -16.09
C2 OLC U . -21.97 0.62 -17.50
C21 OLC U . -23.49 2.86 -20.31
C1 OLC U . -22.90 1.56 -18.24
O19 OLC U . -23.86 2.06 -17.67
O20 OLC U . -22.67 1.88 -19.65
C1 GOL V . -3.85 -3.84 0.11
O1 GOL V . -4.44 -3.97 1.41
C2 GOL V . -4.39 -2.65 -0.65
O2 GOL V . -4.45 -1.52 0.21
NA NA W . -14.86 10.38 -0.84
C10 OLC X . -36.87 -19.21 -7.20
C9 OLC X . -37.15 -20.37 -6.62
C11 OLC X . -35.43 -18.81 -7.48
C8 OLC X . -36.04 -21.33 -6.23
C12 OLC X . -35.32 -18.18 -8.87
C7 OLC X . -36.30 -21.88 -4.82
C13 OLC X . -34.12 -17.26 -8.97
C6 OLC X . -35.16 -22.79 -4.38
C5 OLC X . -35.25 -23.11 -2.89
C4 OLC X . -34.50 -24.39 -2.55
C3 OLC X . -34.57 -24.70 -1.06
C2 OLC X . -34.60 -26.21 -0.81
C21 OLC X . -35.15 -28.09 2.54
C1 OLC X . -34.67 -26.49 0.68
O19 OLC X . -34.43 -25.62 1.50
O20 OLC X . -35.02 -27.83 1.14
C10 OLC Y . -26.48 -31.51 -9.61
C11 OLC Y . -26.35 -30.14 -10.22
C12 OLC Y . -25.17 -29.38 -9.60
C13 OLC Y . -24.60 -28.35 -10.58
C14 OLC Y . -23.18 -27.96 -10.21
C9 OLC Z . -33.00 -13.68 -3.69
C8 OLC Z . -32.80 -13.80 -2.19
C7 OLC Z . -33.25 -15.18 -1.72
C6 OLC Z . -32.75 -15.48 -0.31
C5 OLC Z . -33.45 -16.71 0.26
C4 OLC Z . -32.49 -17.63 1.02
C3 OLC Z . -33.10 -18.99 1.29
C2 OLC Z . -32.06 -19.99 1.80
C21 OLC Z . -32.38 -23.51 3.01
C1 OLC Z . -32.59 -21.40 1.69
O19 OLC Z . -32.79 -21.91 0.60
O20 OLC Z . -32.87 -22.18 2.89
C1 LFA AA . -6.42 -24.53 -18.01
C2 LFA AA . -5.74 -24.45 -19.35
C3 LFA AA . -6.69 -24.13 -20.49
C4 LFA AA . -6.19 -24.55 -21.86
C5 LFA AA . -5.40 -23.48 -22.58
C6 LFA AA . -5.68 -23.39 -24.06
C7 LFA AA . -4.98 -22.24 -24.75
C8 LFA AA . -4.92 -22.37 -26.25
C1 LFA BA . -12.09 -30.72 -11.99
C2 LFA BA . -13.37 -31.31 -12.55
C3 LFA BA . -13.97 -30.52 -13.68
C4 LFA BA . -13.26 -30.67 -15.01
C5 LFA BA . -13.85 -29.84 -16.12
C6 LFA BA . -13.33 -30.19 -17.50
C7 LFA BA . -13.92 -29.34 -18.61
C8 LFA BA . -13.79 -29.93 -19.99
C9 LFA BA . -14.66 -29.27 -21.04
C10 LFA BA . -14.41 -29.73 -22.45
C14 LFA CA . -17.62 -31.64 -13.26
C15 LFA CA . -18.32 -30.31 -13.09
C16 LFA CA . -19.80 -30.35 -13.35
C17 LFA CA . -20.41 -29.02 -13.71
C18 LFA CA . -21.08 -28.99 -15.07
C19 LFA CA . -22.29 -28.10 -15.15
C20 LFA CA . -23.41 -28.51 -14.22
NA NA DA . -2.27 -19.39 11.05
C1 RET EA . -21.11 -21.43 -9.51
C2 RET EA . -22.10 -22.19 -8.62
C3 RET EA . -22.30 -23.60 -9.04
C4 RET EA . -22.81 -23.67 -10.47
C5 RET EA . -22.08 -22.75 -11.41
C6 RET EA . -21.25 -21.78 -10.98
C7 RET EA . -20.47 -21.03 -11.94
C8 RET EA . -19.65 -19.96 -11.69
C9 RET EA . -18.75 -19.38 -12.59
C10 RET EA . -17.91 -18.31 -12.21
C11 RET EA . -16.90 -17.70 -12.94
C12 RET EA . -16.05 -16.71 -12.47
C13 RET EA . -14.94 -16.09 -13.12
C14 RET EA . -14.17 -15.20 -12.43
C15 RET EA . -12.89 -14.59 -12.94
C16 RET EA . -21.37 -19.93 -9.30
C17 RET EA . -19.69 -21.75 -9.02
C18 RET EA . -22.37 -23.04 -12.85
C19 RET EA . -18.61 -19.91 -13.97
C20 RET EA . -14.65 -16.52 -14.50
C1 OLA FA . 4.84 4.59 -18.49
O1 OLA FA . 5.69 5.25 -17.86
O2 OLA FA . 4.97 4.24 -19.69
C2 OLA FA . 3.57 4.19 -17.77
C3 OLA FA . 3.72 4.00 -16.30
C4 OLA FA . 2.58 3.17 -15.69
C5 OLA FA . 2.78 2.81 -14.25
C6 OLA FA . 1.97 1.61 -13.80
C7 OLA FA . 1.64 1.58 -12.31
C8 OLA FA . 0.52 0.68 -11.95
C9 OLA FA . 0.59 0.18 -10.53
C10 OLA FA . 0.99 -1.00 -10.14
C11 OLA FA . 2.33 -1.32 -9.53
C12 OLA FA . 2.21 -2.04 -8.22
C13 OLA FA . 3.12 -1.49 -7.13
C14 OLA FA . 3.15 -2.32 -5.87
C15 OLA FA . 3.10 -1.52 -4.58
C1 OLA GA . 0.06 4.76 -20.17
O1 OLA GA . -0.77 4.64 -21.08
O2 OLA GA . 1.20 4.24 -20.18
C2 OLA GA . -0.32 5.61 -18.96
C3 OLA GA . -1.35 4.98 -18.08
C4 OLA GA . -1.72 5.85 -16.89
C5 OLA GA . -1.14 5.39 -15.58
C6 OLA GA . -2.09 4.61 -14.71
C7 OLA GA . -1.83 4.74 -13.22
C8 OLA GA . -2.62 3.79 -12.37
C9 OLA GA . -2.95 4.34 -11.02
C10 OLA GA . -2.93 3.67 -9.89
C11 OLA GA . -4.06 2.89 -9.31
C12 OLA GA . -3.66 2.02 -8.15
C13 OLA GA . -3.42 0.56 -8.51
C14 OLA GA . -3.72 -0.42 -7.40
C15 OLA GA . -2.49 -1.04 -6.78
C16 OLA GA . -2.71 -1.60 -5.40
C1 GOL HA . 1.62 -4.74 0.67
O1 GOL HA . 1.37 -6.03 1.22
C2 GOL HA . 1.14 -4.63 -0.76
O2 GOL HA . -0.04 -5.41 -0.94
NA NA IA . -12.46 -8.89 -9.42
C10 OLC JA . 2.32 -16.64 -15.64
C9 OLC JA . 2.46 -15.33 -15.83
C11 OLC JA . 1.30 -17.17 -14.67
C8 OLC JA . 1.59 -14.35 -15.09
C24 OLC JA . 3.78 -10.94 -26.36
C12 OLC JA . 1.41 -18.68 -14.57
C7 OLC JA . 2.12 -12.93 -15.27
C13 OLC JA . 0.87 -19.18 -13.23
C6 OLC JA . 1.09 -12.03 -15.94
C14 OLC JA . 0.58 -20.68 -13.26
C5 OLC JA . 1.68 -11.32 -17.16
C4 OLC JA . 1.47 -12.13 -18.43
C3 OLC JA . 2.50 -11.80 -19.49
C2 OLC JA . 2.42 -12.78 -20.65
C21 OLC JA . 3.79 -12.25 -24.24
C1 OLC JA . 3.25 -12.27 -21.81
C22 OLC JA . 2.94 -11.79 -25.41
O19 OLC JA . 4.19 -11.52 -21.61
O25 OLC JA . 2.97 -9.97 -27.02
O23 OLC JA . 2.42 -12.92 -26.11
O20 OLC JA . 2.95 -12.68 -23.17
C10 OLC KA . 3.17 -22.65 -15.14
C9 OLC KA . 3.75 -21.91 -16.08
C11 OLC KA . 2.31 -23.84 -15.53
C8 OLC KA . 3.58 -22.24 -17.54
C24 OLC KA . 2.55 -16.60 -26.18
C12 OLC KA . 1.73 -24.49 -14.27
C7 OLC KA . 3.90 -21.01 -18.39
C13 OLC KA . 1.13 -25.85 -14.58
C6 OLC KA . 2.64 -20.41 -19.00
C5 OLC KA . 2.73 -18.88 -19.06
C4 OLC KA . 1.94 -18.33 -20.23
C3 OLC KA . 1.28 -17.00 -19.89
C2 OLC KA . 1.33 -16.03 -21.08
C21 OLC KA . 0.54 -16.92 -24.71
C1 OLC KA . 0.54 -16.57 -22.24
C22 OLC KA . 1.07 -16.26 -25.99
O19 OLC KA . -0.33 -17.40 -22.08
O25 OLC KA . 3.15 -15.71 -27.12
O23 OLC KA . 0.33 -16.74 -27.11
O20 OLC KA . 0.80 -16.08 -23.60
C10 OLC LA . 18.57 -2.02 -7.34
C9 OLC LA . 18.21 -1.42 -8.47
C11 OLC LA . 19.74 -2.96 -7.30
C8 OLC LA . 18.99 -1.66 -9.75
C16 OLC LA . 22.80 -5.88 -3.18
C12 OLC LA . 20.65 -2.64 -6.13
C7 OLC LA . 19.07 -0.38 -10.56
C15 OLC LA . 22.63 -5.41 -4.63
C13 OLC LA . 21.88 -3.54 -6.11
C6 OLC LA . 19.98 -0.55 -11.77
C14 OLC LA . 22.26 -3.94 -4.69
C5 OLC LA . 21.45 -0.32 -11.42
C4 OLC LA . 22.05 0.84 -12.22
C3 OLC LA . 22.44 0.39 -13.63
C2 OLC LA . 22.48 1.59 -14.57
C21 OLC LA . 23.40 1.66 -18.33
C1 OLC LA . 23.15 1.23 -15.87
O19 OLC LA . 24.13 0.50 -15.91
O20 OLC LA . 22.63 1.75 -17.14
C10 OLC MA . 14.66 -34.53 -19.25
C9 OLC MA . 14.36 -33.83 -20.33
C11 OLC MA . 13.58 -34.98 -18.29
C8 OLC MA . 12.93 -33.47 -20.64
C12 OLC MA . 14.09 -36.15 -17.44
C7 OLC MA . 12.81 -32.97 -22.08
C6 OLC MA . 11.36 -32.67 -22.44
C5 OLC MA . 11.25 -31.33 -23.18
C9 OLC NA . 8.16 -40.37 -9.00
C8 OLC NA . 8.78 -41.20 -7.89
C7 OLC NA . 9.37 -40.29 -6.82
C6 OLC NA . 8.76 -40.57 -5.45
C5 OLC NA . 9.82 -41.01 -4.45
C4 OLC NA . 9.22 -41.17 -3.05
C3 OLC NA . 9.98 -42.18 -2.21
C2 OLC NA . 9.22 -42.54 -0.95
C21 OLC NA . 10.50 -44.21 2.33
C1 OLC NA . 10.13 -43.19 0.06
O19 OLC NA . 11.31 -43.42 -0.22
O20 OLC NA . 9.64 -43.55 1.39
C10 OLC OA . 22.12 -37.01 -4.75
C9 OLC OA . 21.58 -38.23 -4.83
C11 OLC OA . 21.95 -36.02 -5.89
C8 OLC OA . 20.80 -38.63 -6.06
C12 OLC OA . 20.64 -35.27 -5.74
C7 OLC OA . 20.68 -40.15 -6.13
C15 OLC OA . 20.64 -31.52 -6.34
C13 OLC OA . 20.88 -33.81 -5.33
C6 OLC OA . 19.23 -40.60 -6.01
C14 OLC OA . 19.95 -32.85 -6.07
C5 OLC OA . 18.77 -40.58 -4.56
C4 OLC OA . 18.70 -41.97 -3.98
C3 OLC OA . 19.41 -42.04 -2.63
C2 OLC OA . 18.47 -42.54 -1.55
C1 OLC OA . 19.23 -42.69 -0.24
O19 OLC OA . 18.64 -43.38 0.88
O20 OLC OA . 20.35 -42.22 -0.13
C9 OLC PA . 0.04 -34.86 -8.19
C8 OLC PA . 1.49 -34.66 -7.78
C24 OLC PA . 7.23 -40.20 2.53
C7 OLC PA . 2.03 -35.92 -7.10
C6 OLC PA . 1.99 -35.79 -5.58
C5 OLC PA . 2.58 -37.03 -4.92
C4 OLC PA . 2.93 -36.77 -3.45
C3 OLC PA . 3.81 -37.88 -2.90
C2 OLC PA . 4.53 -37.43 -1.63
C21 OLC PA . 6.68 -40.07 0.09
C1 OLC PA . 5.75 -38.28 -1.39
C22 OLC PA . 6.30 -40.70 1.43
O19 OLC PA . 6.53 -38.54 -2.29
O25 OLC PA . 6.50 -40.12 3.77
O23 OLC PA . 4.94 -40.39 1.74
O20 OLC PA . 6.01 -38.82 -0.05
C1 LFA QA . 26.31 -26.91 -18.76
C2 LFA QA . 26.03 -27.61 -20.07
C3 LFA QA . 26.16 -26.70 -21.27
C4 LFA QA . 25.78 -27.34 -22.59
C13 LFA RA . 28.88 -10.30 -15.06
C14 LFA RA . 28.89 -11.71 -14.52
C15 LFA RA . 29.17 -11.80 -13.04
C16 LFA RA . 28.39 -12.90 -12.33
C17 LFA RA . 28.67 -12.98 -10.84
C18 LFA RA . 27.42 -13.10 -9.99
C19 LFA RA . 27.53 -14.09 -8.86
C20 LFA RA . 27.03 -13.56 -7.54
C1 LFA SA . 5.05 -35.43 -11.42
C2 LFA SA . 4.31 -34.38 -10.61
C3 LFA SA . 3.05 -33.88 -11.26
C4 LFA SA . 3.25 -32.76 -12.24
C5 LFA SA . 2.13 -32.58 -13.23
C6 LFA SA . 2.56 -31.96 -14.55
C7 LFA SA . 2.62 -30.46 -14.54
C8 LFA SA . 2.33 -29.81 -15.86
C9 LFA SA . 2.98 -28.47 -16.06
C10 LFA SA . 3.06 -28.01 -17.50
C11 LFA SA . 2.86 -26.53 -17.70
C12 LFA SA . 3.76 -25.93 -18.75
C13 LFA SA . 3.03 -25.48 -20.00
C14 LFA SA . 3.94 -25.29 -21.20
C15 LFA SA . 3.93 -26.43 -22.19
C16 LFA SA . 3.25 -26.12 -23.50
C17 LFA SA . 2.77 -24.69 -23.63
C18 LFA SA . 1.91 -24.43 -24.84
C19 LFA SA . 1.44 -23.01 -24.99
C20 LFA SA . 1.72 -22.42 -26.36
NA NA TA . 9.60 -12.38 16.13
C1 OLA UA . 7.22 10.47 -16.04
O1 OLA UA . 7.91 10.08 -17.00
O2 OLA UA . 7.10 11.67 -15.72
C2 OLA UA . 6.49 9.42 -15.21
C3 OLA UA . 6.91 8.01 -15.48
C4 OLA UA . 6.00 7.00 -14.80
C5 OLA UA . 6.14 6.95 -13.29
C6 OLA UA . 6.44 5.57 -12.74
C7 OLA UA . 5.57 5.16 -11.56
C8 OLA UA . 6.24 4.22 -10.61
C9 OLA UA . 5.30 3.23 -9.99
C10 OLA UA . 5.63 2.32 -9.10
C11 OLA UA . 5.41 2.43 -7.62
C12 OLA UA . 6.67 2.36 -6.82
C13 OLA UA . 6.62 3.12 -5.51
C14 OLA UA . 5.50 2.70 -4.59
C15 OLA UA . 5.81 2.85 -3.12
C16 OLA UA . 4.74 2.31 -2.19
C2 GOL VA . 4.54 -1.03 3.80
O2 GOL VA . 5.60 -1.99 3.92
C3 GOL VA . 4.37 -0.62 2.35
O3 GOL VA . 4.45 -1.75 1.47
C1 RET WA . 15.13 -26.60 -7.01
C2 RET WA . 14.97 -27.93 -6.27
C3 RET WA . 16.24 -28.70 -6.14
C4 RET WA . 16.84 -28.98 -7.50
C5 RET WA . 16.83 -27.80 -8.42
C6 RET WA . 16.10 -26.69 -8.18
C7 RET WA . 16.23 -25.55 -9.06
C8 RET WA . 15.54 -24.38 -8.97
C9 RET WA . 15.82 -23.18 -9.65
C10 RET WA . 15.06 -22.02 -9.45
C11 RET WA . 15.25 -20.74 -9.96
C12 RET WA . 14.50 -19.63 -9.64
C13 RET WA . 14.68 -18.28 -10.04
C14 RET WA . 13.87 -17.31 -9.53
C15 RET WA . 14.07 -15.82 -9.74
C16 RET WA . 13.74 -26.19 -7.52
C17 RET WA . 15.63 -25.56 -6.00
C18 RET WA . 17.72 -27.99 -9.64
C19 RET WA . 16.98 -23.10 -10.58
C20 RET WA . 15.78 -18.01 -10.97
C10 OLC XA . 27.64 -5.50 -3.33
C9 OLC XA . 26.94 -4.53 -3.93
C11 OLC XA . 26.92 -6.57 -2.55
C8 OLC XA . 27.65 -3.45 -4.72
C7 OLC XA . 27.51 -3.72 -6.21
C6 OLC XA . 26.24 -3.07 -6.75
C5 OLC XA . 25.99 -3.49 -8.20
C4 OLC XA . 24.58 -3.10 -8.66
C3 OLC XA . 24.23 -3.74 -9.99
C2 OLC XA . 25.40 -3.64 -10.98
C21 OLC XA . 25.47 -3.00 -14.75
C1 OLC XA . 24.88 -3.65 -12.40
C22 OLC XA . 26.37 -3.52 -15.87
O19 OLC XA . 23.69 -3.68 -12.64
O23 OLC XA . 27.75 -3.42 -15.50
O20 OLC XA . 25.83 -3.63 -13.51
NA NA YA . 7.75 -13.55 -8.93
C9 OLC ZA . 42.29 1.05 2.59
C8 OLC ZA . 41.61 -0.01 1.76
C7 OLC ZA . 42.11 0.06 0.31
C6 OLC ZA . 40.95 -0.10 -0.68
C5 OLC ZA . 41.45 -0.45 -2.07
C10 OLC AB . 38.90 -7.44 5.59
C9 OLC AB . 38.68 -8.25 6.64
C11 OLC AB . 40.28 -6.89 5.33
C8 OLC AB . 39.81 -8.62 7.56
C24 OLC AB . 37.59 -11.55 20.34
C7 OLC AB . 39.27 -9.40 8.75
C6 OLC AB . 40.06 -9.08 10.02
C5 OLC AB . 39.49 -9.83 11.22
C4 OLC AB . 39.46 -8.94 12.47
C3 OLC AB . 38.90 -9.71 13.66
C2 OLC AB . 38.62 -8.77 14.84
C21 OLC AB . 37.98 -10.71 18.02
C1 OLC AB . 37.75 -9.47 15.87
C22 OLC AB . 37.40 -10.38 19.39
O19 OLC AB . 36.69 -9.99 15.54
O25 OLC AB . 37.33 -11.12 21.68
O23 OLC AB . 38.05 -9.22 19.93
O20 OLC AB . 38.17 -9.52 17.26
C16 OLC BB . 35.05 4.65 14.16
C12 OLC BB . 38.75 3.85 17.49
C15 OLC BB . 36.08 3.68 14.72
C13 OLC BB . 38.12 3.41 16.17
C14 OLC BB . 36.96 4.32 15.78
C24 OLC CB . 32.66 -13.23 18.88
C7 OLC CB . 32.28 -14.37 8.43
C6 OLC CB . 32.61 -13.30 9.47
C5 OLC CB . 32.01 -13.64 10.83
C4 OLC CB . 32.93 -13.21 11.97
C3 OLC CB . 32.17 -12.47 13.05
C2 OLC CB . 32.50 -13.02 14.44
C21 OLC CB . 33.61 -11.25 17.67
C1 OLC CB . 33.10 -11.94 15.32
C22 OLC CB . 33.30 -11.84 19.04
O19 OLC CB . 33.23 -10.80 14.93
O25 OLC CB . 32.04 -13.62 20.11
O23 OLC CB . 34.51 -11.97 19.79
O20 OLC CB . 33.53 -12.27 16.67
C1 LFA DB . 26.54 22.80 2.51
C2 LFA DB . 25.53 22.58 3.61
C3 LFA DB . 26.11 21.96 4.86
C4 LFA DB . 25.10 21.52 5.87
C5 LFA DB . 24.33 20.27 5.49
C6 LFA DB . 24.49 19.13 6.47
C7 LFA DB . 23.46 19.10 7.56
C8 LFA DB . 23.92 18.45 8.84
C9 LFA DB . 24.05 19.39 10.01
C10 LFA DB . 24.98 18.89 11.11
C11 LFA DB . 24.40 19.01 12.50
C12 LFA DB . 24.16 17.68 13.18
C13 LFA DB . 24.39 17.69 14.68
C14 LFA DB . 23.24 17.13 15.48
C15 LFA DB . 23.38 17.34 16.98
C16 LFA DB . 22.98 16.14 17.81
C17 LFA DB . 23.83 15.94 19.04
C18 LFA DB . 25.09 15.14 18.79
C19 LFA DB . 25.81 14.71 20.04
C20 LFA DB . 27.25 14.30 19.81
C1 LFA EB . 34.84 -9.19 5.61
C2 LFA EB . 33.56 -9.66 4.97
C3 LFA EB . 33.76 -10.36 3.66
C4 LFA EB . 33.02 -9.73 2.49
C5 LFA EB . 32.89 -10.62 1.28
C6 LFA EB . 33.16 -9.93 -0.04
C7 LFA EB . 32.45 -8.60 -0.19
C8 LFA EB . 31.65 -8.47 -1.47
C9 LFA EB . 31.80 -7.14 -2.16
C10 LFA EB . 31.55 -7.20 -3.65
C11 LFA EB . 31.88 -5.91 -4.38
C12 LFA EB . 31.35 -5.85 -5.80
C13 LFA EB . 31.81 -4.65 -6.58
C14 LFA EB . 33.28 -4.61 -6.87
C15 LFA EB . 33.63 -4.30 -8.30
C16 LFA EB . 33.18 -5.36 -9.28
C17 LFA EB . 31.95 -4.98 -10.07
C18 LFA EB . 31.93 -5.49 -11.50
C19 LFA EB . 31.02 -4.72 -12.42
C20 LFA EB . 31.56 -3.37 -12.83
C1 LFA FB . 28.34 14.19 16.73
C2 LFA FB . 28.79 13.43 15.51
C3 LFA FB . 29.83 14.14 14.69
C4 LFA FB . 31.26 13.83 15.09
C5 LFA FB . 31.80 12.54 14.51
C6 LFA FB . 33.09 12.08 15.13
C7 LFA FB . 33.34 10.59 15.02
C8 LFA FB . 34.10 10.18 13.79
C1 LFA GB . 13.88 17.77 6.79
C2 LFA GB . 13.26 18.69 5.77
C3 LFA GB . 13.13 18.08 4.39
C4 LFA GB . 12.16 18.79 3.47
C5 LFA GB . 12.20 18.31 2.05
C6 LFA GB . 11.50 17.00 1.80
C7 LFA GB . 11.75 16.40 0.44
C8 LFA GB . 11.18 17.18 -0.71
C9 LFA GB . 12.19 17.64 -1.73
C10 LFA GB . 11.76 18.85 -2.53
C11 LFA GB . 12.85 19.86 -2.78
C12 LFA GB . 12.36 21.22 -3.22
C13 LFA GB . 13.45 22.22 -3.51
C14 LFA GB . 13.64 22.51 -4.98
C15 LFA GB . 14.45 23.75 -5.27
C16 LFA GB . 15.04 23.82 -6.65
C17 LFA GB . 14.13 24.44 -7.68
C14 LFA HB . 36.12 15.30 10.26
C15 LFA HB . 35.26 15.89 9.16
C16 LFA HB . 34.78 17.29 9.44
C17 LFA HB . 33.28 17.44 9.42
C18 LFA HB . 32.55 16.56 10.40
C19 LFA HB . 31.37 17.22 11.08
C20 LFA HB . 30.77 16.39 12.18
NA NA IB . 5.22 0.61 21.93
C1 RET JB . 29.85 2.66 9.63
C2 RET JB . 30.51 1.80 10.72
C3 RET JB . 31.46 2.56 11.57
C4 RET JB . 32.56 3.19 10.73
C5 RET JB . 32.06 3.85 9.48
C6 RET JB . 30.81 3.67 9.00
C7 RET JB . 30.35 4.42 7.85
C8 RET JB . 29.15 4.29 7.22
C9 RET JB . 28.62 5.16 6.26
C10 RET JB . 27.33 4.97 5.71
C11 RET JB . 26.62 5.78 4.84
C12 RET JB . 25.33 5.57 4.39
C13 RET JB . 24.50 6.39 3.58
C14 RET JB . 23.20 6.02 3.36
C15 RET JB . 22.17 6.87 2.64
C16 RET JB . 29.31 1.70 8.55
C17 RET JB . 28.65 3.38 10.26
C18 RET JB . 33.07 4.75 8.84
C19 RET JB . 29.38 6.35 5.82
C20 RET JB . 25.09 7.63 3.05
C18 OLC KB . 15.95 20.64 11.89
C10 OLC KB . 13.98 22.73 3.92
C9 OLC KB . 14.05 22.21 2.69
C17 OLC KB . 16.01 21.73 10.84
C11 OLC KB . 15.24 22.94 4.72
C8 OLC KB . 15.38 21.85 2.09
C16 OLC KB . 15.05 21.43 9.69
C12 OLC KB . 14.99 23.92 5.87
C7 OLC KB . 15.16 21.22 0.72
C15 OLC KB . 14.98 22.60 8.71
C13 OLC KB . 13.78 23.51 6.69
C6 OLC KB . 16.47 21.16 -0.08
C14 OLC KB . 14.09 22.26 7.52
C5 OLC KB . 16.72 22.49 -0.79
C4 OLC KB . 18.20 22.88 -0.69
C3 OLC KB . 18.69 23.48 -2.00
C2 OLC KB . 18.34 24.96 -2.11
C1 OLC KB . 17.71 25.23 -3.46
O19 OLC KB . 17.80 24.42 -4.36
O20 OLC KB . 16.97 26.47 -3.69
C1 OLA LB . 1.04 3.06 4.50
O1 OLA LB . -0.17 3.28 4.31
O2 OLA LB . 1.56 3.01 5.64
C2 OLA LB . 1.93 2.83 3.30
C3 OLA LB . 1.57 3.64 2.09
C4 OLA LB . 2.04 2.99 0.79
C5 OLA LB . 3.13 3.76 0.09
NA NA MB . 17.83 2.12 0.44
C1 OLA NB . 2.19 13.90 -15.65
O1 OLA NB . 1.02 14.30 -15.82
O2 OLA NB . 3.18 14.44 -16.17
C2 OLA NB . 2.41 12.69 -14.76
C3 OLA NB . 3.83 12.48 -14.32
C4 OLA NB . 4.03 11.14 -13.61
C5 OLA NB . 3.26 11.01 -12.32
C6 OLA NB . 3.43 9.67 -11.64
C7 OLA NB . 3.71 9.77 -10.14
C8 OLA NB . 3.61 8.47 -9.41
C9 OLA NB . 4.20 8.50 -8.04
C10 OLA NB . 4.26 7.50 -7.20
C11 OLA NB . 4.84 7.55 -5.82
C12 OLA NB . 3.92 7.02 -4.77
C13 OLA NB . 2.91 8.04 -4.25
C14 OLA NB . 1.68 7.41 -3.62
C15 OLA NB . 1.67 7.44 -2.12
C16 OLA NB . 0.44 6.84 -1.50
C17 OLA NB . 0.61 5.41 -1.02
C18 OLA NB . -0.69 4.64 -0.91
C1 OLA OB . -1.62 10.51 -16.45
O1 OLA OB . -1.63 11.65 -16.95
O2 OLA OB . -2.28 9.56 -16.91
C2 OLA OB . -0.75 10.26 -15.23
C3 OLA OB . -1.47 10.34 -13.92
C4 OLA OB . -0.96 9.34 -12.90
C5 OLA OB . -1.68 9.41 -11.57
C6 OLA OB . -1.03 8.57 -10.48
C7 OLA OB . -1.55 8.88 -9.08
C8 OLA OB . -0.87 8.11 -7.99
C9 OLA OB . -1.52 8.29 -6.65
C10 OLA OB . -1.91 7.33 -5.86
C11 OLA OB . -3.34 7.02 -5.49
C12 OLA OB . -3.61 5.55 -5.37
C13 OLA OB . -4.39 5.17 -4.12
C14 OLA OB . -4.34 3.70 -3.78
C15 OLA OB . -3.53 3.37 -2.55
C1 OLA PB . 2.67 8.87 -17.44
O1 OLA PB . 2.03 8.64 -18.49
O2 OLA PB . 3.30 9.93 -17.23
C2 OLA PB . 2.69 7.80 -16.37
C3 OLA PB . 2.36 8.30 -14.99
C4 OLA PB . 1.53 7.31 -14.19
C5 OLA PB . 2.23 6.72 -12.99
C6 OLA PB . 1.35 6.53 -11.79
C7 OLA PB . 1.69 5.31 -10.95
C8 OLA PB . 0.99 5.25 -9.63
C9 OLA PB . 1.24 3.99 -8.87
C10 OLA PB . 0.56 3.55 -7.85
C11 OLA PB . 1.13 2.87 -6.64
C12 OLA PB . 0.72 3.50 -5.36
C13 OLA PB . 1.21 2.77 -4.11
C9 OLC QB . 17.13 26.40 8.73
C8 OLC QB . 17.17 27.17 7.42
C7 OLC QB . 18.56 27.77 7.21
C6 OLC QB . 18.62 28.54 5.89
C5 OLC QB . 18.65 27.58 4.69
C4 OLC QB . 19.72 27.98 3.69
C3 OLC QB . 19.79 26.97 2.55
C2 OLC QB . 20.16 27.67 1.23
C10 OLC RB . 12.37 36.35 14.26
C9 OLC RB . 13.37 35.92 13.50
C17 OLC RB . 13.12 34.92 21.53
C11 OLC RB . 12.30 37.81 14.69
C8 OLC RB . 14.46 36.87 13.02
C16 OLC RB . 12.28 35.79 20.61
C12 OLC RB . 11.76 37.88 16.12
C7 OLC RB . 15.51 36.09 12.26
C15 OLC RB . 12.97 35.99 19.27
C13 OLC RB . 12.27 36.72 16.96
C6 OLC RB . 15.63 36.58 10.82
C14 OLC RB . 12.27 37.07 18.44
C5 OLC RB . 15.98 35.43 9.87
C4 OLC RB . 17.48 35.40 9.57
C3 OLC RB . 17.75 35.08 8.11
C2 OLC RB . 18.73 33.93 7.97
C10 OLC SB . 16.29 29.11 22.88
C9 OLC SB . 16.35 28.82 24.18
C11 OLC SB . 15.51 30.31 22.38
C8 OLC SB . 15.63 29.67 25.20
C24 OLC SB . 8.85 26.28 35.70
C12 OLC SB . 15.90 30.62 20.95
C7 OLC SB . 15.47 28.90 26.50
C13 OLC SB . 15.35 31.97 20.51
C6 OLC SB . 14.59 29.64 27.49
C5 OLC SB . 13.23 28.96 27.65
C4 OLC SB . 13.31 27.80 28.65
C3 OLC SB . 11.92 27.41 29.16
C2 OLC SB . 12.02 26.47 30.34
C21 OLC SB . 9.99 26.11 33.49
C1 OLC SB . 11.20 27.01 31.49
C22 OLC SB . 10.20 26.28 34.99
O19 OLC SB . 10.51 28.00 31.36
O25 OLC SB . 9.03 26.11 37.11
O23 OLC SB . 11.02 25.22 35.49
O20 OLC SB . 11.21 26.33 32.79
C8 OLC TB . 16.78 22.87 22.35
C24 OLC TB . 10.97 20.03 32.66
C7 OLC TB . 16.26 21.64 23.09
C6 OLC TB . 16.52 21.72 24.59
C5 OLC TB . 15.45 20.98 25.39
C4 OLC TB . 15.56 21.29 26.89
C3 OLC TB . 14.19 21.29 27.56
C2 OLC TB . 14.25 21.97 28.92
C21 OLC TB . 11.21 22.13 31.33
C1 OLC TB . 12.85 22.23 29.45
C22 OLC TB . 11.14 21.55 32.73
O19 OLC TB . 11.94 22.56 28.70
O25 OLC TB . 10.73 19.50 33.95
O23 OLC TB . 12.34 21.87 33.46
O20 OLC TB . 12.57 22.09 30.87
C13 LFA UB . -12.14 33.87 0.99
C14 LFA UB . -11.60 32.57 1.53
C15 LFA UB . -11.92 32.32 2.98
C16 LFA UB . -11.33 31.05 3.54
C17 LFA UB . -11.70 30.76 4.98
C18 LFA UB . -11.22 29.43 5.49
C19 LFA UB . -11.74 29.06 6.84
C20 LFA UB . -11.23 27.73 7.35
C7 LFA VB . -7.23 36.73 11.11
C8 LFA VB . -8.38 37.21 11.95
C9 LFA VB . -9.30 36.11 12.42
C10 LFA VB . -8.62 35.02 13.21
C11 LFA VB . -9.54 33.94 13.72
C12 LFA VB . -8.90 32.97 14.70
C13 LFA VB . -9.87 32.01 15.33
C14 LFA VB . -9.25 31.13 16.39
C15 LFA VB . -10.21 30.14 17.01
C16 LFA VB . -9.58 29.21 18.01
C17 LFA VB . -10.52 28.16 18.57
C18 LFA VB . -11.59 28.70 19.48
C19 LFA VB . -12.46 27.65 20.12
C20 LFA VB . -13.33 28.18 21.24
C17 LFA WB . -6.05 33.03 21.46
C18 LFA WB . -5.40 32.61 20.16
C19 LFA WB . -6.33 32.61 18.98
C20 LFA WB . -7.41 31.55 19.04
C16 LFA XB . 9.60 34.72 27.89
C17 LFA XB . 8.72 35.27 26.79
C18 LFA XB . 9.46 35.56 25.50
C19 LFA XB . 8.62 36.24 24.45
C20 LFA XB . 9.39 36.58 23.19
NA NA YB . -9.70 1.37 20.26
C1 OLA ZB . -4.33 1.63 3.58
O1 OLA ZB . -5.42 1.15 3.96
O2 OLA ZB . -3.38 1.87 4.35
C2 OLA ZB . -4.14 1.93 2.10
C3 OLA ZB . -3.09 2.95 1.80
C4 OLA ZB . -3.06 3.35 0.34
C1 RET AC . 2.61 26.11 17.38
C2 RET AC . 2.96 26.19 18.87
C3 RET AC . 2.23 27.24 19.60
C4 RET AC . 2.50 28.61 18.98
C5 RET AC . 2.46 28.61 17.48
C6 RET AC . 2.41 27.48 16.75
C7 RET AC . 2.22 27.57 15.32
C8 RET AC . 2.24 26.54 14.43
C9 RET AC . 1.86 26.60 13.08
C10 RET AC . 1.88 25.47 12.24
C11 RET AC . 1.43 25.34 10.94
C12 RET AC . 1.41 24.16 10.20
C13 RET AC . 0.89 23.92 8.91
C14 RET AC . 0.91 22.65 8.41
C15 RET AC . 0.25 22.22 7.12
C16 RET AC . 3.75 25.35 16.67
C17 RET AC . 1.32 25.28 17.24
C18 RET AC . 2.43 30.00 16.89
C19 RET AC . 1.39 27.88 12.50
C20 RET AC . 0.32 25.07 8.18
NA NA BC . 3.66 16.58 5.15
#